data_5CGO
# 
_entry.id   5CGO 
# 
_audit_conform.dict_name       mmcif_pdbx.dic 
_audit_conform.dict_version    5.381 
_audit_conform.dict_location   http://mmcif.pdb.org/dictionaries/ascii/mmcif_pdbx.dic 
# 
loop_
_database_2.database_id 
_database_2.database_code 
_database_2.pdbx_database_accession 
_database_2.pdbx_DOI 
PDB   5CGO         pdb_00005cgo 10.2210/pdb5cgo/pdb 
WWPDB D_1000209791 ?            ?                   
# 
loop_
_pdbx_database_related.db_name 
_pdbx_database_related.details 
_pdbx_database_related.db_id 
_pdbx_database_related.content_type 
PDB . 4MGP unspecified 
PDB . 5CGN unspecified 
# 
_pdbx_database_status.status_code                     REL 
_pdbx_database_status.status_code_sf                  REL 
_pdbx_database_status.status_code_mr                  ? 
_pdbx_database_status.entry_id                        5CGO 
_pdbx_database_status.recvd_initial_deposition_date   2015-07-09 
_pdbx_database_status.SG_entry                        N 
_pdbx_database_status.deposit_site                    RCSB 
_pdbx_database_status.process_site                    RCSB 
_pdbx_database_status.status_code_cs                  ? 
_pdbx_database_status.methods_development_category    ? 
_pdbx_database_status.pdb_format_compatible           Y 
_pdbx_database_status.status_code_nmr_data            ? 
# 
loop_
_audit_author.name 
_audit_author.pdbx_ordinal 
'Hayouka, Z.'     1 
'Thomas, N.C.'    2 
'Mortenson, D.E.' 3 
'Satyshur, K.A.'  4 
'Weisblum, B.'    5 
'Forest, K.T.'    6 
'Gellman, S.H.'   7 
# 
_citation.abstract                  ? 
_citation.abstract_id_CAS           ? 
_citation.book_id_ISBN              ? 
_citation.book_publisher            ? 
_citation.book_publisher_city       ? 
_citation.book_title                ? 
_citation.coordinate_linkage        ? 
_citation.country                   US 
_citation.database_id_Medline       ? 
_citation.details                   ? 
_citation.id                        primary 
_citation.journal_abbrev            J.Am.Chem.Soc. 
_citation.journal_id_ASTM           JACSAT 
_citation.journal_id_CSD            ? 
_citation.journal_id_ISSN           1520-5126 
_citation.journal_full              ? 
_citation.journal_issue             ? 
_citation.journal_volume            137 
_citation.language                  ? 
_citation.page_first                11884 
_citation.page_last                 11887 
_citation.title                     
'Quasiracemate Crystal Structures of Magainin 2 Derivatives Support the Functional Significance of the Phenylalanine Zipper Motif.' 
_citation.year                      2015 
_citation.database_id_CSD           ? 
_citation.pdbx_database_id_DOI      10.1021/jacs.5b07206 
_citation.pdbx_database_id_PubMed   26369301 
_citation.unpublished_flag          ? 
# 
loop_
_citation_author.citation_id 
_citation_author.name 
_citation_author.ordinal 
_citation_author.identifier_ORCID 
primary 'Hayouka, Z.'     1 ? 
primary 'Thomas, N.C.'    2 ? 
primary 'Mortenson, D.E.' 3 ? 
primary 'Satyshur, K.A.'  4 ? 
primary 'Weisblum, B.'    5 ? 
primary 'Forest, K.T.'    6 ? 
primary 'Gellman, S.H.'   7 ? 
# 
_cell.angle_alpha                  109.76 
_cell.angle_alpha_esd              ? 
_cell.angle_beta                   102.35 
_cell.angle_beta_esd               ? 
_cell.angle_gamma                  90.23 
_cell.angle_gamma_esd              ? 
_cell.entry_id                     5CGO 
_cell.details                      ? 
_cell.formula_units_Z              ? 
_cell.length_a                     24.850 
_cell.length_a_esd                 ? 
_cell.length_b                     27.000 
_cell.length_b_esd                 ? 
_cell.length_c                     29.960 
_cell.length_c_esd                 ? 
_cell.volume                       ? 
_cell.volume_esd                   ? 
_cell.Z_PDB                        2 
_cell.reciprocal_angle_alpha       ? 
_cell.reciprocal_angle_beta        ? 
_cell.reciprocal_angle_gamma       ? 
_cell.reciprocal_angle_alpha_esd   ? 
_cell.reciprocal_angle_beta_esd    ? 
_cell.reciprocal_angle_gamma_esd   ? 
_cell.reciprocal_length_a          ? 
_cell.reciprocal_length_b          ? 
_cell.reciprocal_length_c          ? 
_cell.reciprocal_length_a_esd      ? 
_cell.reciprocal_length_b_esd      ? 
_cell.reciprocal_length_c_esd      ? 
_cell.pdbx_unique_axis             ? 
# 
_symmetry.entry_id                         5CGO 
_symmetry.cell_setting                     ? 
_symmetry.Int_Tables_number                1 
_symmetry.space_group_name_Hall            ? 
_symmetry.space_group_name_H-M             'P 1' 
_symmetry.pdbx_full_space_group_name_H-M   ? 
# 
loop_
_entity.id 
_entity.type 
_entity.src_method 
_entity.pdbx_description 
_entity.formula_weight 
_entity.pdbx_number_of_molecules 
_entity.pdbx_ec 
_entity.pdbx_mutation 
_entity.pdbx_fragment 
_entity.details 
1 polymer syn 'ACPC-13 derivative of Ala-Magainin 2' 2524.053 2  ? ? ? ? 
2 polymer syn 'D-Ala-Magainin 2'                     2493.987 2  ? ? ? ? 
3 water   nat water                                  18.015   45 ? ? ? ? 
# 
loop_
_entity_poly.entity_id 
_entity_poly.type 
_entity_poly.nstd_linkage 
_entity_poly.nstd_monomer 
_entity_poly.pdbx_seq_one_letter_code 
_entity_poly.pdbx_seq_one_letter_code_can 
_entity_poly.pdbx_strand_id 
_entity_poly.pdbx_target_identifier 
1 'polypeptide(L)' no yes 'GIGKFLHAAKKF(XCP)KAFVAEIMNS' GIGKFLHAAKKFXKAFVAEIMNS A,B ? 
2 'polypeptide(D)' no yes 
;G(DIL)G(DLY)(DPN)(DLE)(DHI)(DAL)(DAL)(DLY)(DLY)(DPN)(DAL)(DLY)(DAL)(DPN)(DVA)
(DAL)(DGL)(DIL)(MED)(DSG)(DSE)
;
GIGKFLHAAKKFAKAFVAEIMNS C,D ? 
# 
loop_
_entity_poly_seq.entity_id 
_entity_poly_seq.num 
_entity_poly_seq.mon_id 
_entity_poly_seq.hetero 
1 1  GLY n 
1 2  ILE n 
1 3  GLY n 
1 4  LYS n 
1 5  PHE n 
1 6  LEU n 
1 7  HIS n 
1 8  ALA n 
1 9  ALA n 
1 10 LYS n 
1 11 LYS n 
1 12 PHE n 
1 13 XCP n 
1 14 LYS n 
1 15 ALA n 
1 16 PHE n 
1 17 VAL n 
1 18 ALA n 
1 19 GLU n 
1 20 ILE n 
1 21 MET n 
1 22 ASN n 
1 23 SER n 
2 1  GLY n 
2 2  DIL n 
2 3  GLY n 
2 4  DLY n 
2 5  DPN n 
2 6  DLE n 
2 7  DHI n 
2 8  DAL n 
2 9  DAL n 
2 10 DLY n 
2 11 DLY n 
2 12 DPN n 
2 13 DAL n 
2 14 DLY n 
2 15 DAL n 
2 16 DPN n 
2 17 DVA n 
2 18 DAL n 
2 19 DGL n 
2 20 DIL n 
2 21 MED n 
2 22 DSG n 
2 23 DSE n 
# 
loop_
_pdbx_entity_src_syn.entity_id 
_pdbx_entity_src_syn.pdbx_src_id 
_pdbx_entity_src_syn.pdbx_alt_source_flag 
_pdbx_entity_src_syn.pdbx_beg_seq_num 
_pdbx_entity_src_syn.pdbx_end_seq_num 
_pdbx_entity_src_syn.organism_scientific 
_pdbx_entity_src_syn.organism_common_name 
_pdbx_entity_src_syn.ncbi_taxonomy_id 
_pdbx_entity_src_syn.details 
1 1 sample 1 23 'synthetic construct' ? 32630 ? 
2 1 sample 1 23 'synthetic construct' ? 32630 ? 
# 
loop_
_struct_ref.id 
_struct_ref.db_name 
_struct_ref.db_code 
_struct_ref.pdbx_db_accession 
_struct_ref.pdbx_db_isoform 
_struct_ref.entity_id 
_struct_ref.pdbx_seq_one_letter_code 
_struct_ref.pdbx_align_begin 
1 PDB 5CGO 5CGO ? 1 ? 1 
2 PDB 5CGO 5CGO ? 2 ? 1 
# 
loop_
_struct_ref_seq.align_id 
_struct_ref_seq.ref_id 
_struct_ref_seq.pdbx_PDB_id_code 
_struct_ref_seq.pdbx_strand_id 
_struct_ref_seq.seq_align_beg 
_struct_ref_seq.pdbx_seq_align_beg_ins_code 
_struct_ref_seq.seq_align_end 
_struct_ref_seq.pdbx_seq_align_end_ins_code 
_struct_ref_seq.pdbx_db_accession 
_struct_ref_seq.db_align_beg 
_struct_ref_seq.pdbx_db_align_beg_ins_code 
_struct_ref_seq.db_align_end 
_struct_ref_seq.pdbx_db_align_end_ins_code 
_struct_ref_seq.pdbx_auth_seq_align_beg 
_struct_ref_seq.pdbx_auth_seq_align_end 
1 1 5CGO A 1 ? 23 ? 5CGO 3 ? 25 ? 3 25 
2 1 5CGO B 1 ? 23 ? 5CGO 3 ? 25 ? 3 25 
3 2 5CGO C 1 ? 23 ? 5CGO 3 ? 25 ? 3 25 
4 2 5CGO D 1 ? 23 ? 5CGO 3 ? 25 ? 3 25 
# 
loop_
_chem_comp.id 
_chem_comp.type 
_chem_comp.mon_nstd_flag 
_chem_comp.name 
_chem_comp.pdbx_synonyms 
_chem_comp.formula 
_chem_comp.formula_weight 
ALA 'L-peptide linking' y ALANINE                                      ? 'C3 H7 N O2'     89.093  
ASN 'L-peptide linking' y ASPARAGINE                                   ? 'C4 H8 N2 O3'    132.118 
DAL 'D-peptide linking' . D-ALANINE                                    ? 'C3 H7 N O2'     89.093  
DGL 'D-peptide linking' . 'D-GLUTAMIC ACID'                            ? 'C5 H9 N O4'     147.129 
DHI 'D-peptide linking' . D-HISTIDINE                                  ? 'C6 H10 N3 O2 1' 156.162 
DIL 'D-peptide linking' . D-ISOLEUCINE                                 ? 'C6 H13 N O2'    131.173 
DLE 'D-peptide linking' . D-LEUCINE                                    ? 'C6 H13 N O2'    131.173 
DLY 'D-peptide linking' . D-LYSINE                                     ? 'C6 H14 N2 O2'   146.188 
DPN 'D-peptide linking' . D-PHENYLALANINE                              ? 'C9 H11 N O2'    165.189 
DSE 'D-peptide linking' . N-METHYL-D-SERINE                            ? 'C4 H9 N O3'     119.119 
DSG 'D-peptide linking' . D-ASPARAGINE                                 ? 'C4 H8 N2 O3'    132.118 
DVA 'D-peptide linking' . D-VALINE                                     ? 'C5 H11 N O2'    117.146 
GLU 'L-peptide linking' y 'GLUTAMIC ACID'                              ? 'C5 H9 N O4'     147.129 
GLY 'peptide linking'   y GLYCINE                                      ? 'C2 H5 N O2'     75.067  
HIS 'L-peptide linking' y HISTIDINE                                    ? 'C6 H10 N3 O2 1' 156.162 
HOH non-polymer         . WATER                                        ? 'H2 O'           18.015  
ILE 'L-peptide linking' y ISOLEUCINE                                   ? 'C6 H13 N O2'    131.173 
LEU 'L-peptide linking' y LEUCINE                                      ? 'C6 H13 N O2'    131.173 
LYS 'L-peptide linking' y LYSINE                                       ? 'C6 H15 N2 O2 1' 147.195 
MED 'D-peptide linking' . D-METHIONINE                                 ? 'C5 H11 N O2 S'  149.211 
MET 'L-peptide linking' y METHIONINE                                   ? 'C5 H11 N O2 S'  149.211 
PHE 'L-peptide linking' y PHENYLALANINE                                ? 'C9 H11 N O2'    165.189 
SER 'L-peptide linking' y SERINE                                       ? 'C3 H7 N O3'     105.093 
VAL 'L-peptide linking' y VALINE                                       ? 'C5 H11 N O2'    117.146 
XCP peptide-like        . '(1S,2S)-2-aminocyclopentanecarboxylic acid' ? 'C6 H11 N O2'    129.157 
# 
_exptl.absorpt_coefficient_mu     ? 
_exptl.absorpt_correction_T_max   ? 
_exptl.absorpt_correction_T_min   ? 
_exptl.absorpt_correction_type    ? 
_exptl.absorpt_process_details    ? 
_exptl.entry_id                   5CGO 
_exptl.crystals_number            ? 
_exptl.details                    ? 
_exptl.method                     'X-RAY DIFFRACTION' 
_exptl.method_details             ? 
# 
_exptl_crystal.colour                      ? 
_exptl_crystal.density_diffrn              ? 
_exptl_crystal.density_Matthews            1.78 
_exptl_crystal.density_method              ? 
_exptl_crystal.density_percent_sol         30.92 
_exptl_crystal.description                 ? 
_exptl_crystal.F_000                       ? 
_exptl_crystal.id                          1 
_exptl_crystal.preparation                 ? 
_exptl_crystal.size_max                    ? 
_exptl_crystal.size_mid                    ? 
_exptl_crystal.size_min                    ? 
_exptl_crystal.size_rad                    ? 
_exptl_crystal.colour_lustre               ? 
_exptl_crystal.colour_modifier             ? 
_exptl_crystal.colour_primary              ? 
_exptl_crystal.density_meas                ? 
_exptl_crystal.density_meas_esd            ? 
_exptl_crystal.density_meas_gt             ? 
_exptl_crystal.density_meas_lt             ? 
_exptl_crystal.density_meas_temp           ? 
_exptl_crystal.density_meas_temp_esd       ? 
_exptl_crystal.density_meas_temp_gt        ? 
_exptl_crystal.density_meas_temp_lt        ? 
_exptl_crystal.pdbx_crystal_image_url      ? 
_exptl_crystal.pdbx_crystal_image_format   ? 
_exptl_crystal.pdbx_mosaicity              ? 
_exptl_crystal.pdbx_mosaicity_esd          ? 
# 
_exptl_crystal_grow.apparatus       ? 
_exptl_crystal_grow.atmosphere      ? 
_exptl_crystal_grow.crystal_id      1 
_exptl_crystal_grow.details         ? 
_exptl_crystal_grow.method          'VAPOR DIFFUSION, HANGING DROP' 
_exptl_crystal_grow.method_ref      ? 
_exptl_crystal_grow.pH              ? 
_exptl_crystal_grow.pressure        ? 
_exptl_crystal_grow.pressure_esd    ? 
_exptl_crystal_grow.seeding         ? 
_exptl_crystal_grow.seeding_ref     ? 
_exptl_crystal_grow.temp            298 
_exptl_crystal_grow.temp_details    ? 
_exptl_crystal_grow.temp_esd        ? 
_exptl_crystal_grow.time            ? 
_exptl_crystal_grow.pdbx_details    '0.1 M Sodium citrate tribasic dihydrate pH 5.6, 35% v/v tert-butanol' 
_exptl_crystal_grow.pdbx_pH_range   ? 
# 
_diffrn.ambient_environment    ? 
_diffrn.ambient_temp           100 
_diffrn.ambient_temp_details   ? 
_diffrn.ambient_temp_esd       ? 
_diffrn.crystal_id             1 
_diffrn.crystal_support        ? 
_diffrn.crystal_treatment      ? 
_diffrn.details                ? 
_diffrn.id                     1 
_diffrn.ambient_pressure       ? 
_diffrn.ambient_pressure_esd   ? 
_diffrn.ambient_pressure_gt    ? 
_diffrn.ambient_pressure_lt    ? 
_diffrn.ambient_temp_gt        ? 
_diffrn.ambient_temp_lt        ? 
# 
_diffrn_detector.details                      ? 
_diffrn_detector.detector                     CCD 
_diffrn_detector.diffrn_id                    1 
_diffrn_detector.type                         'MARMOSAIC 300 mm CCD' 
_diffrn_detector.area_resol_mean              ? 
_diffrn_detector.dtime                        ? 
_diffrn_detector.pdbx_frames_total            ? 
_diffrn_detector.pdbx_collection_time_total   ? 
_diffrn_detector.pdbx_collection_date         2013-10-13 
# 
_diffrn_radiation.collimation                      ? 
_diffrn_radiation.diffrn_id                        1 
_diffrn_radiation.filter_edge                      ? 
_diffrn_radiation.inhomogeneity                    ? 
_diffrn_radiation.monochromator                    ? 
_diffrn_radiation.polarisn_norm                    ? 
_diffrn_radiation.polarisn_ratio                   ? 
_diffrn_radiation.probe                            ? 
_diffrn_radiation.type                             ? 
_diffrn_radiation.xray_symbol                      ? 
_diffrn_radiation.wavelength_id                    1 
_diffrn_radiation.pdbx_monochromatic_or_laue_m_l   M 
_diffrn_radiation.pdbx_wavelength_list             ? 
_diffrn_radiation.pdbx_wavelength                  ? 
_diffrn_radiation.pdbx_diffrn_protocol             'SINGLE WAVELENGTH' 
_diffrn_radiation.pdbx_analyzer                    ? 
_diffrn_radiation.pdbx_scattering_type             x-ray 
# 
_diffrn_radiation_wavelength.id           1 
_diffrn_radiation_wavelength.wavelength   0.979 
_diffrn_radiation_wavelength.wt           1.0 
# 
_diffrn_source.current                     ? 
_diffrn_source.details                     ? 
_diffrn_source.diffrn_id                   1 
_diffrn_source.power                       ? 
_diffrn_source.size                        ? 
_diffrn_source.source                      SYNCHROTRON 
_diffrn_source.target                      ? 
_diffrn_source.type                        'APS BEAMLINE 21-ID-G' 
_diffrn_source.voltage                     ? 
_diffrn_source.take-off_angle              ? 
_diffrn_source.pdbx_wavelength_list        0.979 
_diffrn_source.pdbx_wavelength             ? 
_diffrn_source.pdbx_synchrotron_beamline   21-ID-G 
_diffrn_source.pdbx_synchrotron_site       APS 
# 
_reflns.B_iso_Wilson_estimate            ? 
_reflns.entry_id                         5CGO 
_reflns.data_reduction_details           ? 
_reflns.data_reduction_method            ? 
_reflns.d_resolution_high                1.5 
_reflns.d_resolution_low                 27.45 
_reflns.details                          ? 
_reflns.limit_h_max                      ? 
_reflns.limit_h_min                      ? 
_reflns.limit_k_max                      ? 
_reflns.limit_k_min                      ? 
_reflns.limit_l_max                      ? 
_reflns.limit_l_min                      ? 
_reflns.number_all                       ? 
_reflns.number_obs                       10964 
_reflns.observed_criterion               ? 
_reflns.observed_criterion_F_max         ? 
_reflns.observed_criterion_F_min         ? 
_reflns.observed_criterion_I_max         ? 
_reflns.observed_criterion_I_min         ? 
_reflns.observed_criterion_sigma_F       ? 
_reflns.observed_criterion_sigma_I       ? 
_reflns.percent_possible_obs             96.1 
_reflns.R_free_details                   ? 
_reflns.Rmerge_F_all                     ? 
_reflns.Rmerge_F_obs                     ? 
_reflns.Friedel_coverage                 ? 
_reflns.number_gt                        ? 
_reflns.threshold_expression             ? 
_reflns.pdbx_redundancy                  3.75 
_reflns.pdbx_Rmerge_I_obs                ? 
_reflns.pdbx_Rmerge_I_all                ? 
_reflns.pdbx_Rsym_value                  0.052 
_reflns.pdbx_netI_over_av_sigmaI         ? 
_reflns.pdbx_netI_over_sigmaI            14.94 
_reflns.pdbx_res_netI_over_av_sigmaI_2   ? 
_reflns.pdbx_res_netI_over_sigmaI_2      ? 
_reflns.pdbx_chi_squared                 ? 
_reflns.pdbx_scaling_rejects             ? 
_reflns.pdbx_d_res_high_opt              ? 
_reflns.pdbx_d_res_low_opt               ? 
_reflns.pdbx_d_res_opt_method            ? 
_reflns.phase_calculation_details        ? 
_reflns.pdbx_Rrim_I_all                  ? 
_reflns.pdbx_Rpim_I_all                  ? 
_reflns.pdbx_d_opt                       ? 
_reflns.pdbx_number_measured_all         ? 
_reflns.pdbx_diffrn_id                   1 
_reflns.pdbx_ordinal                     1 
_reflns.pdbx_CC_half                     ? 
_reflns.pdbx_R_split                     ? 
# 
_reflns_shell.d_res_high                  1.50 
_reflns_shell.d_res_low                   1.60 
_reflns_shell.meanI_over_sigI_all         ? 
_reflns_shell.meanI_over_sigI_obs         5.02 
_reflns_shell.number_measured_all         ? 
_reflns_shell.number_measured_obs         ? 
_reflns_shell.number_possible             ? 
_reflns_shell.number_unique_all           ? 
_reflns_shell.number_unique_obs           ? 
_reflns_shell.percent_possible_all        94.4 
_reflns_shell.percent_possible_obs        ? 
_reflns_shell.Rmerge_F_all                ? 
_reflns_shell.Rmerge_F_obs                ? 
_reflns_shell.Rmerge_I_all                ? 
_reflns_shell.Rmerge_I_obs                0.310 
_reflns_shell.meanI_over_sigI_gt          ? 
_reflns_shell.meanI_over_uI_all           ? 
_reflns_shell.meanI_over_uI_gt            ? 
_reflns_shell.number_measured_gt          ? 
_reflns_shell.number_unique_gt            ? 
_reflns_shell.percent_possible_gt         ? 
_reflns_shell.Rmerge_F_gt                 ? 
_reflns_shell.Rmerge_I_gt                 ? 
_reflns_shell.pdbx_redundancy             3.75 
_reflns_shell.pdbx_Rsym_value             ? 
_reflns_shell.pdbx_chi_squared            ? 
_reflns_shell.pdbx_netI_over_sigmaI_all   ? 
_reflns_shell.pdbx_netI_over_sigmaI_obs   ? 
_reflns_shell.pdbx_Rrim_I_all             ? 
_reflns_shell.pdbx_Rpim_I_all             ? 
_reflns_shell.pdbx_rejects                ? 
_reflns_shell.pdbx_ordinal                1 
_reflns_shell.pdbx_diffrn_id              1 
_reflns_shell.pdbx_CC_half                ? 
_reflns_shell.pdbx_R_split                ? 
# 
_refine.aniso_B[1][1]                            -2.01 
_refine.aniso_B[1][2]                            -0.54 
_refine.aniso_B[1][3]                            0.02 
_refine.aniso_B[2][2]                            -1.14 
_refine.aniso_B[2][3]                            1.10 
_refine.aniso_B[3][3]                            1.67 
_refine.B_iso_max                                ? 
_refine.B_iso_mean                               27.150 
_refine.B_iso_min                                ? 
_refine.correlation_coeff_Fo_to_Fc               0.970 
_refine.correlation_coeff_Fo_to_Fc_free          0.943 
_refine.details                                  'HYDROGENS HAVE BEEN ADDED IN THE RIDING POSITIONS' 
_refine.diff_density_max                         ? 
_refine.diff_density_max_esd                     ? 
_refine.diff_density_min                         ? 
_refine.diff_density_min_esd                     ? 
_refine.diff_density_rms                         ? 
_refine.diff_density_rms_esd                     ? 
_refine.entry_id                                 5CGO 
_refine.pdbx_refine_id                           'X-RAY DIFFRACTION' 
_refine.ls_abs_structure_details                 ? 
_refine.ls_abs_structure_Flack                   ? 
_refine.ls_abs_structure_Flack_esd               ? 
_refine.ls_abs_structure_Rogers                  ? 
_refine.ls_abs_structure_Rogers_esd              ? 
_refine.ls_d_res_high                            1.50 
_refine.ls_d_res_low                             27.45 
_refine.ls_extinction_coef                       ? 
_refine.ls_extinction_coef_esd                   ? 
_refine.ls_extinction_expression                 ? 
_refine.ls_extinction_method                     ? 
_refine.ls_goodness_of_fit_all                   ? 
_refine.ls_goodness_of_fit_all_esd               ? 
_refine.ls_goodness_of_fit_obs                   ? 
_refine.ls_goodness_of_fit_obs_esd               ? 
_refine.ls_hydrogen_treatment                    ? 
_refine.ls_matrix_type                           ? 
_refine.ls_number_constraints                    ? 
_refine.ls_number_parameters                     ? 
_refine.ls_number_reflns_all                     ? 
_refine.ls_number_reflns_obs                     10395 
_refine.ls_number_reflns_R_free                  566 
_refine.ls_number_reflns_R_work                  ? 
_refine.ls_number_restraints                     ? 
_refine.ls_percent_reflns_obs                    96.10 
_refine.ls_percent_reflns_R_free                 5.2 
_refine.ls_R_factor_all                          ? 
_refine.ls_R_factor_obs                          0.17462 
_refine.ls_R_factor_R_free                       0.23889 
_refine.ls_R_factor_R_free_error                 ? 
_refine.ls_R_factor_R_free_error_details         ? 
_refine.ls_R_factor_R_work                       0.17166 
_refine.ls_R_Fsqd_factor_obs                     ? 
_refine.ls_R_I_factor_obs                        ? 
_refine.ls_redundancy_reflns_all                 ? 
_refine.ls_redundancy_reflns_obs                 ? 
_refine.ls_restrained_S_all                      ? 
_refine.ls_restrained_S_obs                      ? 
_refine.ls_shift_over_esd_max                    ? 
_refine.ls_shift_over_esd_mean                   ? 
_refine.ls_structure_factor_coef                 ? 
_refine.ls_weighting_details                     ? 
_refine.ls_weighting_scheme                      ? 
_refine.ls_wR_factor_all                         ? 
_refine.ls_wR_factor_obs                         ? 
_refine.ls_wR_factor_R_free                      ? 
_refine.ls_wR_factor_R_work                      ? 
_refine.occupancy_max                            ? 
_refine.occupancy_min                            ? 
_refine.solvent_model_details                    MASK 
_refine.solvent_model_param_bsol                 ? 
_refine.solvent_model_param_ksol                 ? 
_refine.ls_R_factor_gt                           ? 
_refine.ls_goodness_of_fit_gt                    ? 
_refine.ls_goodness_of_fit_ref                   ? 
_refine.ls_shift_over_su_max                     ? 
_refine.ls_shift_over_su_max_lt                  ? 
_refine.ls_shift_over_su_mean                    ? 
_refine.ls_shift_over_su_mean_lt                 ? 
_refine.pdbx_ls_sigma_I                          ? 
_refine.pdbx_ls_sigma_F                          ? 
_refine.pdbx_ls_sigma_Fsqd                       ? 
_refine.pdbx_data_cutoff_high_absF               ? 
_refine.pdbx_data_cutoff_high_rms_absF           ? 
_refine.pdbx_data_cutoff_low_absF                ? 
_refine.pdbx_isotropic_thermal_model             ? 
_refine.pdbx_ls_cross_valid_method               THROUGHOUT 
_refine.pdbx_method_to_determine_struct          'MOLECULAR REPLACEMENT' 
_refine.pdbx_starting_model                      4MGP 
_refine.pdbx_stereochemistry_target_values       'MAXIMUM LIKELIHOOD' 
_refine.pdbx_R_Free_selection_details            RANDOM 
_refine.pdbx_stereochem_target_val_spec_case     ? 
_refine.pdbx_overall_ESU_R                       0.120 
_refine.pdbx_overall_ESU_R_Free                  0.099 
_refine.pdbx_solvent_vdw_probe_radii             1.20 
_refine.pdbx_solvent_ion_probe_radii             0.80 
_refine.pdbx_solvent_shrinkage_radii             0.80 
_refine.pdbx_real_space_R                        ? 
_refine.pdbx_density_correlation                 ? 
_refine.pdbx_pd_number_of_powder_patterns        ? 
_refine.pdbx_pd_number_of_points                 ? 
_refine.pdbx_pd_meas_number_of_points            ? 
_refine.pdbx_pd_proc_ls_prof_R_factor            ? 
_refine.pdbx_pd_proc_ls_prof_wR_factor           ? 
_refine.pdbx_pd_Marquardt_correlation_coeff      ? 
_refine.pdbx_pd_Fsqrd_R_factor                   ? 
_refine.pdbx_pd_ls_matrix_band_width             ? 
_refine.pdbx_overall_phase_error                 ? 
_refine.pdbx_overall_SU_R_free_Cruickshank_DPI   ? 
_refine.pdbx_overall_SU_R_free_Blow_DPI          ? 
_refine.pdbx_overall_SU_R_Blow_DPI               ? 
_refine.pdbx_TLS_residual_ADP_flag               ? 
_refine.pdbx_diffrn_id                           1 
_refine.overall_SU_B                             3.742 
_refine.overall_SU_ML                            0.062 
_refine.overall_SU_R_Cruickshank_DPI             ? 
_refine.overall_SU_R_free                        ? 
_refine.overall_FOM_free_R_set                   ? 
_refine.overall_FOM_work_R_set                   ? 
_refine.pdbx_average_fsc_overall                 ? 
_refine.pdbx_average_fsc_work                    ? 
_refine.pdbx_average_fsc_free                    ? 
# 
_refine_hist.pdbx_refine_id                   'X-RAY DIFFRACTION' 
_refine_hist.cycle_id                         LAST 
_refine_hist.pdbx_number_atoms_protein        690 
_refine_hist.pdbx_number_atoms_nucleic_acid   0 
_refine_hist.pdbx_number_atoms_ligand         0 
_refine_hist.number_atoms_solvent             45 
_refine_hist.number_atoms_total               735 
_refine_hist.d_res_high                       1.50 
_refine_hist.d_res_low                        27.45 
# 
loop_
_refine_ls_restr.pdbx_refine_id 
_refine_ls_restr.criterion 
_refine_ls_restr.dev_ideal 
_refine_ls_restr.dev_ideal_target 
_refine_ls_restr.number 
_refine_ls_restr.rejects 
_refine_ls_restr.type 
_refine_ls_restr.weight 
_refine_ls_restr.pdbx_restraint_function 
'X-RAY DIFFRACTION' ? 0.009  0.019  721  ? r_bond_refined_d             ? ? 
'X-RAY DIFFRACTION' ? 0.002  0.020  769  ? r_bond_other_d               ? ? 
'X-RAY DIFFRACTION' ? 1.773  1.975  960  ? r_angle_refined_deg          ? ? 
'X-RAY DIFFRACTION' ? 1.025  3.000  1765 ? r_angle_other_deg            ? ? 
'X-RAY DIFFRACTION' ? 13.184 5.111  90   ? r_dihedral_angle_1_deg       ? ? 
'X-RAY DIFFRACTION' ? 33.648 22.857 21   ? r_dihedral_angle_2_deg       ? ? 
'X-RAY DIFFRACTION' ? 14.908 15.000 134  ? r_dihedral_angle_3_deg       ? ? 
'X-RAY DIFFRACTION' ? ?      ?      ?    ? r_dihedral_angle_4_deg       ? ? 
'X-RAY DIFFRACTION' ? 0.095  0.200  107  ? r_chiral_restr               ? ? 
'X-RAY DIFFRACTION' ? 0.005  0.020  789  ? r_gen_planes_refined         ? ? 
'X-RAY DIFFRACTION' ? 0.004  0.020  169  ? r_gen_planes_other           ? ? 
'X-RAY DIFFRACTION' ? ?      ?      ?    ? r_nbd_refined                ? ? 
'X-RAY DIFFRACTION' ? ?      ?      ?    ? r_nbd_other                  ? ? 
'X-RAY DIFFRACTION' ? ?      ?      ?    ? r_nbtor_refined              ? ? 
'X-RAY DIFFRACTION' ? ?      ?      ?    ? r_nbtor_other                ? ? 
'X-RAY DIFFRACTION' ? ?      ?      ?    ? r_xyhbond_nbd_refined        ? ? 
'X-RAY DIFFRACTION' ? ?      ?      ?    ? r_xyhbond_nbd_other          ? ? 
'X-RAY DIFFRACTION' ? ?      ?      ?    ? r_metal_ion_refined          ? ? 
'X-RAY DIFFRACTION' ? ?      ?      ?    ? r_metal_ion_other            ? ? 
'X-RAY DIFFRACTION' ? ?      ?      ?    ? r_symmetry_vdw_refined       ? ? 
'X-RAY DIFFRACTION' ? ?      ?      ?    ? r_symmetry_vdw_other         ? ? 
'X-RAY DIFFRACTION' ? ?      ?      ?    ? r_symmetry_hbond_refined     ? ? 
'X-RAY DIFFRACTION' ? ?      ?      ?    ? r_symmetry_hbond_other       ? ? 
'X-RAY DIFFRACTION' ? ?      ?      ?    ? r_symmetry_metal_ion_refined ? ? 
'X-RAY DIFFRACTION' ? ?      ?      ?    ? r_symmetry_metal_ion_other   ? ? 
'X-RAY DIFFRACTION' ? 1.980  2.322  368  ? r_mcbond_it                  ? ? 
'X-RAY DIFFRACTION' ? 1.952  2.321  367  ? r_mcbond_other               ? ? 
'X-RAY DIFFRACTION' ? 2.367  3.450  453  ? r_mcangle_it                 ? ? 
'X-RAY DIFFRACTION' ? 2.379  3.451  454  ? r_mcangle_other              ? ? 
'X-RAY DIFFRACTION' ? 2.505  2.787  353  ? r_scbond_it                  ? ? 
'X-RAY DIFFRACTION' ? 2.508  2.787  352  ? r_scbond_other               ? ? 
'X-RAY DIFFRACTION' ? ?      ?      ?    ? r_scangle_it                 ? ? 
'X-RAY DIFFRACTION' ? 2.716  3.949  504  ? r_scangle_other              ? ? 
'X-RAY DIFFRACTION' ? 4.253  19.284 796  ? r_long_range_B_refined       ? ? 
'X-RAY DIFFRACTION' ? 3.317  18.824 784  ? r_long_range_B_other         ? ? 
'X-RAY DIFFRACTION' ? 1.205  3.000  1488 ? r_rigid_bond_restr           ? ? 
'X-RAY DIFFRACTION' ? 50.239 5.000  16   ? r_sphericity_free            ? ? 
'X-RAY DIFFRACTION' ? 8.825  5.000  1501 ? r_sphericity_bonded          ? ? 
# 
_refine_ls_shell.pdbx_refine_id                   'X-RAY DIFFRACTION' 
_refine_ls_shell.d_res_high                       1.500 
_refine_ls_shell.d_res_low                        1.539 
_refine_ls_shell.number_reflns_all                ? 
_refine_ls_shell.number_reflns_obs                ? 
_refine_ls_shell.number_reflns_R_free             41 
_refine_ls_shell.number_reflns_R_work             731 
_refine_ls_shell.percent_reflns_obs               94.96 
_refine_ls_shell.percent_reflns_R_free            ? 
_refine_ls_shell.R_factor_all                     ? 
_refine_ls_shell.R_factor_obs                     ? 
_refine_ls_shell.R_factor_R_free                  0.249 
_refine_ls_shell.R_factor_R_free_error            ? 
_refine_ls_shell.R_factor_R_work                  0.156 
_refine_ls_shell.redundancy_reflns_all            ? 
_refine_ls_shell.redundancy_reflns_obs            ? 
_refine_ls_shell.wR_factor_all                    ? 
_refine_ls_shell.wR_factor_obs                    ? 
_refine_ls_shell.wR_factor_R_free                 ? 
_refine_ls_shell.wR_factor_R_work                 ? 
_refine_ls_shell.pdbx_total_number_of_bins_used   20 
_refine_ls_shell.pdbx_phase_error                 ? 
_refine_ls_shell.pdbx_fsc_work                    ? 
_refine_ls_shell.pdbx_fsc_free                    ? 
# 
_struct.entry_id                     5CGO 
_struct.title                        'Structure of quasiracemic Ala-Magainin 2 with a beta amino acid substitution at position 13' 
_struct.pdbx_model_details           ? 
_struct.pdbx_formula_weight          ? 
_struct.pdbx_formula_weight_method   ? 
_struct.pdbx_model_type_details      ? 
_struct.pdbx_CASP_flag               ? 
# 
_struct_keywords.entry_id        5CGO 
_struct_keywords.text            'Antimicrobial, quasiracemate, homochiral dimerization, beta amino acids, ANTIMICROBIAL PROTEIN' 
_struct_keywords.pdbx_keywords   'ANTIMICROBIAL PROTEIN' 
# 
loop_
_struct_asym.id 
_struct_asym.pdbx_blank_PDB_chainid_flag 
_struct_asym.pdbx_modified 
_struct_asym.entity_id 
_struct_asym.details 
A N N 1 ? 
B N N 1 ? 
C N N 2 ? 
D N N 2 ? 
E N N 3 ? 
F N N 3 ? 
G N N 3 ? 
H N N 3 ? 
# 
loop_
_struct_conf.conf_type_id 
_struct_conf.id 
_struct_conf.pdbx_PDB_helix_id 
_struct_conf.beg_label_comp_id 
_struct_conf.beg_label_asym_id 
_struct_conf.beg_label_seq_id 
_struct_conf.pdbx_beg_PDB_ins_code 
_struct_conf.end_label_comp_id 
_struct_conf.end_label_asym_id 
_struct_conf.end_label_seq_id 
_struct_conf.pdbx_end_PDB_ins_code 
_struct_conf.beg_auth_comp_id 
_struct_conf.beg_auth_asym_id 
_struct_conf.beg_auth_seq_id 
_struct_conf.end_auth_comp_id 
_struct_conf.end_auth_asym_id 
_struct_conf.end_auth_seq_id 
_struct_conf.pdbx_PDB_helix_class 
_struct_conf.details 
_struct_conf.pdbx_PDB_helix_length 
HELX_P HELX_P1 AA1 ILE A 2 ? ASN A 22 ? ILE A 4 ASN A 24 1 ? 21 
HELX_P HELX_P2 AA2 ILE B 2 ? MET B 21 ? ILE B 4 MET B 23 1 ? 20 
HELX_P HELX_P3 AA3 DIL C 2 ? MED C 21 ? DIL C 4 MED C 23 1 ? 20 
HELX_P HELX_P4 AA4 DIL D 2 ? MED D 21 ? DIL D 4 MED D 23 1 ? 20 
# 
_struct_conf_type.id          HELX_P 
_struct_conf_type.criteria    ? 
_struct_conf_type.reference   ? 
# 
loop_
_struct_conn.id 
_struct_conn.conn_type_id 
_struct_conn.pdbx_leaving_atom_flag 
_struct_conn.pdbx_PDB_id 
_struct_conn.ptnr1_label_asym_id 
_struct_conn.ptnr1_label_comp_id 
_struct_conn.ptnr1_label_seq_id 
_struct_conn.ptnr1_label_atom_id 
_struct_conn.pdbx_ptnr1_label_alt_id 
_struct_conn.pdbx_ptnr1_PDB_ins_code 
_struct_conn.pdbx_ptnr1_standard_comp_id 
_struct_conn.ptnr1_symmetry 
_struct_conn.ptnr2_label_asym_id 
_struct_conn.ptnr2_label_comp_id 
_struct_conn.ptnr2_label_seq_id 
_struct_conn.ptnr2_label_atom_id 
_struct_conn.pdbx_ptnr2_label_alt_id 
_struct_conn.pdbx_ptnr2_PDB_ins_code 
_struct_conn.ptnr1_auth_asym_id 
_struct_conn.ptnr1_auth_comp_id 
_struct_conn.ptnr1_auth_seq_id 
_struct_conn.ptnr2_auth_asym_id 
_struct_conn.ptnr2_auth_comp_id 
_struct_conn.ptnr2_auth_seq_id 
_struct_conn.ptnr2_symmetry 
_struct_conn.pdbx_ptnr3_label_atom_id 
_struct_conn.pdbx_ptnr3_label_seq_id 
_struct_conn.pdbx_ptnr3_label_comp_id 
_struct_conn.pdbx_ptnr3_label_asym_id 
_struct_conn.pdbx_ptnr3_label_alt_id 
_struct_conn.pdbx_ptnr3_PDB_ins_code 
_struct_conn.details 
_struct_conn.pdbx_dist_value 
_struct_conn.pdbx_value_order 
_struct_conn.pdbx_role 
covale1  covale both ? A PHE 12 C ? ? ? 1_555 A XCP 13 N ? ? A PHE 14 A XCP 15 1_555 ? ? ? ? ? ? ? 1.347 ? ? 
covale2  covale both ? A XCP 13 C ? ? ? 1_555 A LYS 14 N ? ? A XCP 15 A LYS 16 1_555 ? ? ? ? ? ? ? 1.371 ? ? 
covale3  covale both ? B PHE 12 C ? ? ? 1_555 B XCP 13 N ? ? B PHE 14 B XCP 15 1_555 ? ? ? ? ? ? ? 1.359 ? ? 
covale4  covale both ? B XCP 13 C ? ? ? 1_555 B LYS 14 N ? ? B XCP 15 B LYS 16 1_555 ? ? ? ? ? ? ? 1.354 ? ? 
covale5  covale both ? C GLY 1  C ? ? ? 1_555 C DIL 2  N ? ? C GLY 3  C DIL 4  1_555 ? ? ? ? ? ? ? 1.330 ? ? 
covale6  covale both ? C DIL 2  C ? ? ? 1_555 C GLY 3  N ? ? C DIL 4  C GLY 5  1_555 ? ? ? ? ? ? ? 1.326 ? ? 
covale7  covale both ? C GLY 3  C ? ? ? 1_555 C DLY 4  N ? ? C GLY 5  C DLY 6  1_555 ? ? ? ? ? ? ? 1.325 ? ? 
covale8  covale both ? C DLY 4  C ? ? ? 1_555 C DPN 5  N ? ? C DLY 6  C DPN 7  1_555 ? ? ? ? ? ? ? 1.338 ? ? 
covale9  covale both ? C DPN 5  C ? ? ? 1_555 C DLE 6  N ? ? C DPN 7  C DLE 8  1_555 ? ? ? ? ? ? ? 1.335 ? ? 
covale10 covale both ? C DLE 6  C ? ? ? 1_555 C DHI 7  N ? ? C DLE 8  C DHI 9  1_555 ? ? ? ? ? ? ? 1.335 ? ? 
covale11 covale both ? C DHI 7  C ? ? ? 1_555 C DAL 8  N ? ? C DHI 9  C DAL 10 1_555 ? ? ? ? ? ? ? 1.325 ? ? 
covale12 covale both ? C DAL 8  C ? ? ? 1_555 C DAL 9  N ? ? C DAL 10 C DAL 11 1_555 ? ? ? ? ? ? ? 1.330 ? ? 
covale13 covale both ? C DAL 9  C ? ? ? 1_555 C DLY 10 N ? ? C DAL 11 C DLY 12 1_555 ? ? ? ? ? ? ? 1.329 ? ? 
covale14 covale both ? C DLY 10 C ? ? ? 1_555 C DLY 11 N ? ? C DLY 12 C DLY 13 1_555 ? ? ? ? ? ? ? 1.337 ? ? 
covale15 covale both ? C DLY 11 C ? ? ? 1_555 C DPN 12 N ? ? C DLY 13 C DPN 14 1_555 ? ? ? ? ? ? ? 1.329 ? ? 
covale16 covale both ? C DPN 12 C ? ? ? 1_555 C DAL 13 N ? ? C DPN 14 C DAL 15 1_555 ? ? ? ? ? ? ? 1.325 ? ? 
covale17 covale both ? C DAL 13 C ? ? ? 1_555 C DLY 14 N ? ? C DAL 15 C DLY 16 1_555 ? ? ? ? ? ? ? 1.335 ? ? 
covale18 covale both ? C DLY 14 C ? ? ? 1_555 C DAL 15 N ? ? C DLY 16 C DAL 17 1_555 ? ? ? ? ? ? ? 1.331 ? ? 
covale19 covale both ? C DAL 15 C ? ? ? 1_555 C DPN 16 N ? ? C DAL 17 C DPN 18 1_555 ? ? ? ? ? ? ? 1.331 ? ? 
covale20 covale both ? C DPN 16 C ? ? ? 1_555 C DVA 17 N ? ? C DPN 18 C DVA 19 1_555 ? ? ? ? ? ? ? 1.332 ? ? 
covale21 covale both ? C DVA 17 C ? ? ? 1_555 C DAL 18 N ? ? C DVA 19 C DAL 20 1_555 ? ? ? ? ? ? ? 1.335 ? ? 
covale22 covale both ? C DAL 18 C ? ? ? 1_555 C DGL 19 N ? ? C DAL 20 C DGL 21 1_555 ? ? ? ? ? ? ? 1.332 ? ? 
covale23 covale both ? C DGL 19 C ? ? ? 1_555 C DIL 20 N ? ? C DGL 21 C DIL 22 1_555 ? ? ? ? ? ? ? 1.325 ? ? 
covale24 covale both ? C DIL 20 C ? ? ? 1_555 C MED 21 N ? ? C DIL 22 C MED 23 1_555 ? ? ? ? ? ? ? 1.332 ? ? 
covale25 covale both ? C MED 21 C ? ? ? 1_555 C DSG 22 N ? ? C MED 23 C DSG 24 1_555 ? ? ? ? ? ? ? 1.326 ? ? 
covale26 covale both ? C DSG 22 C ? ? ? 1_555 C DSE 23 N ? ? C DSG 24 C DSE 25 1_555 ? ? ? ? ? ? ? 1.337 ? ? 
covale27 covale both ? D GLY 1  C ? ? ? 1_555 D DIL 2  N ? ? D GLY 3  D DIL 4  1_555 ? ? ? ? ? ? ? 1.326 ? ? 
covale28 covale both ? D DIL 2  C ? ? ? 1_555 D GLY 3  N ? ? D DIL 4  D GLY 5  1_555 ? ? ? ? ? ? ? 1.330 ? ? 
covale29 covale both ? D GLY 3  C ? ? ? 1_555 D DLY 4  N ? ? D GLY 5  D DLY 6  1_555 ? ? ? ? ? ? ? 1.332 ? ? 
covale30 covale both ? D DLY 4  C ? ? ? 1_555 D DPN 5  N ? ? D DLY 6  D DPN 7  1_555 ? ? ? ? ? ? ? 1.328 ? ? 
covale31 covale both ? D DPN 5  C ? ? ? 1_555 D DLE 6  N ? ? D DPN 7  D DLE 8  1_555 ? ? ? ? ? ? ? 1.329 ? ? 
covale32 covale both ? D DLE 6  C ? ? ? 1_555 D DHI 7  N ? ? D DLE 8  D DHI 9  1_555 ? ? ? ? ? ? ? 1.332 ? ? 
covale33 covale both ? D DHI 7  C ? ? ? 1_555 D DAL 8  N ? ? D DHI 9  D DAL 10 1_555 ? ? ? ? ? ? ? 1.325 ? ? 
covale34 covale both ? D DAL 8  C ? ? ? 1_555 D DAL 9  N ? ? D DAL 10 D DAL 11 1_555 ? ? ? ? ? ? ? 1.330 ? ? 
covale35 covale both ? D DAL 9  C ? ? ? 1_555 D DLY 10 N ? ? D DAL 11 D DLY 12 1_555 ? ? ? ? ? ? ? 1.337 ? ? 
covale36 covale both ? D DLY 10 C ? ? ? 1_555 D DLY 11 N ? ? D DLY 12 D DLY 13 1_555 ? ? ? ? ? ? ? 1.333 ? ? 
covale37 covale both ? D DLY 11 C ? ? ? 1_555 D DPN 12 N ? ? D DLY 13 D DPN 14 1_555 ? ? ? ? ? ? ? 1.336 ? ? 
covale38 covale both ? D DPN 12 C ? ? ? 1_555 D DAL 13 N ? ? D DPN 14 D DAL 15 1_555 ? ? ? ? ? ? ? 1.334 ? ? 
covale39 covale both ? D DAL 13 C ? ? ? 1_555 D DLY 14 N ? ? D DAL 15 D DLY 16 1_555 ? ? ? ? ? ? ? 1.344 ? ? 
covale40 covale both ? D DLY 14 C ? ? ? 1_555 D DAL 15 N ? ? D DLY 16 D DAL 17 1_555 ? ? ? ? ? ? ? 1.330 ? ? 
covale41 covale both ? D DAL 15 C ? ? ? 1_555 D DPN 16 N ? ? D DAL 17 D DPN 18 1_555 ? ? ? ? ? ? ? 1.331 ? ? 
covale42 covale both ? D DPN 16 C ? ? ? 1_555 D DVA 17 N ? ? D DPN 18 D DVA 19 1_555 ? ? ? ? ? ? ? 1.333 ? ? 
covale43 covale both ? D DVA 17 C ? ? ? 1_555 D DAL 18 N ? ? D DVA 19 D DAL 20 1_555 ? ? ? ? ? ? ? 1.333 ? ? 
covale44 covale both ? D DAL 18 C ? ? ? 1_555 D DGL 19 N ? ? D DAL 20 D DGL 21 1_555 ? ? ? ? ? ? ? 1.326 ? ? 
covale45 covale both ? D DGL 19 C ? ? ? 1_555 D DIL 20 N ? ? D DGL 21 D DIL 22 1_555 ? ? ? ? ? ? ? 1.328 ? ? 
covale46 covale both ? D DIL 20 C ? ? ? 1_555 D MED 21 N ? ? D DIL 22 D MED 23 1_555 ? ? ? ? ? ? ? 1.342 ? ? 
covale47 covale both ? D MED 21 C ? ? ? 1_555 D DSG 22 N ? ? D MED 23 D DSG 24 1_555 ? ? ? ? ? ? ? 1.328 ? ? 
covale48 covale both ? D DSG 22 C ? ? ? 1_555 D DSE 23 N ? ? D DSG 24 D DSE 25 1_555 ? ? ? ? ? ? ? 1.342 ? ? 
# 
_struct_conn_type.id          covale 
_struct_conn_type.criteria    ? 
_struct_conn_type.reference   ? 
# 
_atom_sites.entry_id                    5CGO 
_atom_sites.fract_transf_matrix[1][1]   -0.03519025 
_atom_sites.fract_transf_matrix[1][2]   0.01938352 
_atom_sites.fract_transf_matrix[1][3]   0.00972880 
_atom_sites.fract_transf_matrix[2][1]   0.01676523 
_atom_sites.fract_transf_matrix[2][2]   0.02423576 
_atom_sites.fract_transf_matrix[2][3]   0.02628606 
_atom_sites.fract_transf_matrix[3][1]   0.00448157 
_atom_sites.fract_transf_matrix[3][2]   0.03314779 
_atom_sites.fract_transf_matrix[3][3]   -0.01443458 
_atom_sites.fract_transf_vector[1]      2.955819 
_atom_sites.fract_transf_vector[2]      2.335122 
_atom_sites.fract_transf_vector[3]      3.592107 
# 
loop_
_atom_type.symbol 
C 
N 
O 
S 
# 
loop_
_atom_site.group_PDB 
_atom_site.id 
_atom_site.type_symbol 
_atom_site.label_atom_id 
_atom_site.label_alt_id 
_atom_site.label_comp_id 
_atom_site.label_asym_id 
_atom_site.label_entity_id 
_atom_site.label_seq_id 
_atom_site.pdbx_PDB_ins_code 
_atom_site.Cartn_x 
_atom_site.Cartn_y 
_atom_site.Cartn_z 
_atom_site.occupancy 
_atom_site.B_iso_or_equiv 
_atom_site.pdbx_formal_charge 
_atom_site.auth_seq_id 
_atom_site.auth_comp_id 
_atom_site.auth_asym_id 
_atom_site.auth_atom_id 
_atom_site.pdbx_PDB_model_num 
ATOM   1   N N   . GLY A 1 1  ? -6.919  -1.558  19.778  1.00 60.75 ? 3   GLY A N   1 
ATOM   2   C CA  . GLY A 1 1  ? -7.977  -1.048  18.852  1.00 54.39 ? 3   GLY A CA  1 
ATOM   3   C C   . GLY A 1 1  ? -7.610  -1.097  17.376  1.00 47.03 ? 3   GLY A C   1 
ATOM   4   O O   . GLY A 1 1  ? -8.415  -1.530  16.548  1.00 52.38 ? 3   GLY A O   1 
ATOM   5   N N   . ILE A 1 2  ? -6.392  -0.664  17.057  0.50 31.80 ? 4   ILE A N   1 
ATOM   6   C CA  . ILE A 1 2  ? -5.957  -0.451  15.676  0.50 29.96 ? 4   ILE A CA  1 
ATOM   7   C C   . ILE A 1 2  ? -5.416  -1.685  14.930  0.50 23.33 ? 4   ILE A C   1 
ATOM   8   O O   . ILE A 1 2  ? -5.307  -1.642  13.715  0.50 19.23 ? 4   ILE A O   1 
ATOM   9   C CB  . ILE A 1 2  ? -4.880  0.649   15.632  0.50 35.03 ? 4   ILE A CB  1 
ATOM   10  C CG1 . ILE A 1 2  ? -4.889  1.338   14.270  0.50 36.38 ? 4   ILE A CG1 1 
ATOM   11  C CG2 . ILE A 1 2  ? -3.507  0.073   15.940  0.50 35.46 ? 4   ILE A CG2 1 
ATOM   12  C CD1 . ILE A 1 2  ? -3.832  2.410   14.122  0.50 37.80 ? 4   ILE A CD1 1 
ATOM   13  N N   . GLY A 1 3  ? -5.117  -2.762  15.678  1.00 29.43 ? 5   GLY A N   1 
ATOM   14  C CA  . GLY A 1 3  ? -4.488  -3.970  15.129  1.00 30.04 ? 5   GLY A CA  1 
ATOM   15  C C   . GLY A 1 3  ? -5.140  -4.636  13.923  1.00 28.47 ? 5   GLY A C   1 
ATOM   16  O O   . GLY A 1 3  ? -4.447  -5.041  12.983  1.00 27.87 ? 5   GLY A O   1 
ATOM   17  N N   . LYS A 1 4  ? -6.466  -4.758  13.941  1.00 32.28 ? 6   LYS A N   1 
ATOM   18  C CA  . LYS A 1 4  ? -7.203  -5.324  12.799  1.00 30.77 ? 6   LYS A CA  1 
ATOM   19  C C   . LYS A 1 4  ? -7.027  -4.434  11.556  1.00 27.40 ? 6   LYS A C   1 
ATOM   20  O O   . LYS A 1 4  ? -6.777  -4.923  10.456  1.00 25.57 ? 6   LYS A O   1 
ATOM   21  C CB  . LYS A 1 4  ? -8.702  -5.509  13.122  1.00 36.03 ? 6   LYS A CB  1 
ATOM   22  C CG  . LYS A 1 4  ? -9.028  -6.742  13.956  1.00 45.35 ? 6   LYS A CG  1 
ATOM   23  C CD  . LYS A 1 4  ? -9.024  -8.009  13.108  1.00 55.27 ? 6   LYS A CD  1 
ATOM   24  C CE  . LYS A 1 4  ? -9.362  -9.254  13.920  1.00 63.57 ? 6   LYS A CE  1 
ATOM   25  N NZ  . LYS A 1 4  ? -10.823 -9.404  14.157  1.00 70.13 ? 6   LYS A NZ  1 
ATOM   26  N N   . PHE A 1 5  ? -7.165  -3.126  11.765  1.00 26.16 ? 7   PHE A N   1 
ATOM   27  C CA  . PHE A 1 5  ? -6.978  -2.128  10.724  1.00 25.53 ? 7   PHE A CA  1 
ATOM   28  C C   . PHE A 1 5  ? -5.549  -2.129  10.178  1.00 22.84 ? 7   PHE A C   1 
ATOM   29  O O   . PHE A 1 5  ? -5.360  -2.097  8.968   1.00 22.28 ? 7   PHE A O   1 
ATOM   30  C CB  . PHE A 1 5  ? -7.351  -0.748  11.269  1.00 28.59 ? 7   PHE A CB  1 
ATOM   31  C CG  . PHE A 1 5  ? -7.098  0.372   10.321  1.00 29.37 ? 7   PHE A CG  1 
ATOM   32  C CD1 . PHE A 1 5  ? -7.769  0.435   9.113   1.00 31.60 ? 7   PHE A CD1 1 
ATOM   33  C CD2 . PHE A 1 5  ? -6.182  1.368   10.637  1.00 30.38 ? 7   PHE A CD2 1 
ATOM   34  C CE1 . PHE A 1 5  ? -7.545  1.480   8.243   1.00 34.57 ? 7   PHE A CE1 1 
ATOM   35  C CE2 . PHE A 1 5  ? -5.939  2.412   9.760   1.00 33.62 ? 7   PHE A CE2 1 
ATOM   36  C CZ  . PHE A 1 5  ? -6.619  2.468   8.559   1.00 35.36 ? 7   PHE A CZ  1 
ATOM   37  N N   . LEU A 1 6  ? -4.554  -2.184  11.060  1.00 21.55 ? 8   LEU A N   1 
ATOM   38  C CA  A LEU A 1 6  ? -3.155  -2.149  10.641  0.50 21.81 ? 8   LEU A CA  1 
ATOM   39  C CA  B LEU A 1 6  ? -3.151  -2.144  10.626  0.50 22.14 ? 8   LEU A CA  1 
ATOM   40  C C   . LEU A 1 6  ? -2.819  -3.396  9.830   1.00 18.91 ? 8   LEU A C   1 
ATOM   41  O O   . LEU A 1 6  ? -2.183  -3.318  8.768   1.00 18.71 ? 8   LEU A O   1 
ATOM   42  C CB  A LEU A 1 6  ? -2.250  -2.044  11.863  0.50 22.23 ? 8   LEU A CB  1 
ATOM   43  C CB  B LEU A 1 6  ? -2.195  -2.011  11.811  0.50 23.24 ? 8   LEU A CB  1 
ATOM   44  C CG  A LEU A 1 6  ? -0.758  -2.012  11.582  0.50 22.06 ? 8   LEU A CG  1 
ATOM   45  C CG  B LEU A 1 6  ? -2.318  -0.731  12.638  0.50 24.85 ? 8   LEU A CG  1 
ATOM   46  C CD1 A LEU A 1 6  ? -0.447  -0.941  10.548  0.50 23.47 ? 8   LEU A CD1 1 
ATOM   47  C CD1 B LEU A 1 6  ? -1.383  -0.790  13.835  0.50 26.65 ? 8   LEU A CD1 1 
ATOM   48  C CD2 A LEU A 1 6  ? 0.026   -1.792  12.875  0.50 21.84 ? 8   LEU A CD2 1 
ATOM   49  C CD2 B LEU A 1 6  ? -2.034  0.504   11.798  0.50 26.15 ? 8   LEU A CD2 1 
ATOM   50  N N   . HIS A 1 7  ? -3.255  -4.555  10.334  1.00 20.11 ? 9   HIS A N   1 
ATOM   51  C CA  . HIS A 1 7  ? -3.097  -5.811  9.604   1.00 19.88 ? 9   HIS A CA  1 
ATOM   52  C C   . HIS A 1 7  ? -3.739  -5.751  8.202   1.00 17.95 ? 9   HIS A C   1 
ATOM   53  O O   . HIS A 1 7  ? -3.139  -6.142  7.196   1.00 16.95 ? 9   HIS A O   1 
ATOM   54  C CB  . HIS A 1 7  ? -3.673  -6.975  10.412  1.00 22.05 ? 9   HIS A CB  1 
ATOM   55  C CG  . HIS A 1 7  ? -3.626  -8.278  9.688   1.00 22.37 ? 9   HIS A CG  1 
ATOM   56  N ND1 . HIS A 1 7  ? -2.443  -8.870  9.313   1.00 24.17 ? 9   HIS A ND1 1 
ATOM   57  C CD2 . HIS A 1 7  ? -4.615  -9.092  9.253   1.00 25.57 ? 9   HIS A CD2 1 
ATOM   58  C CE1 . HIS A 1 7  ? -2.703  -10.001 8.680   1.00 24.44 ? 9   HIS A CE1 1 
ATOM   59  N NE2 . HIS A 1 7  ? -4.014  -10.155 8.625   1.00 27.86 ? 9   HIS A NE2 1 
ATOM   60  N N   . ALA A 1 8  ? -4.970  -5.271  8.149   1.00 17.91 ? 10  ALA A N   1 
ATOM   61  C CA  . ALA A 1 8  ? -5.680  -5.170  6.887   1.00 17.65 ? 10  ALA A CA  1 
ATOM   62  C C   . ALA A 1 8  ? -4.962  -4.205  5.931   1.00 17.30 ? 10  ALA A C   1 
ATOM   63  O O   . ALA A 1 8  ? -4.892  -4.458  4.735   1.00 16.39 ? 10  ALA A O   1 
ATOM   64  C CB  . ALA A 1 8  ? -7.109  -4.729  7.114   1.00 20.23 ? 10  ALA A CB  1 
ATOM   65  N N   . ALA A 1 9  ? -4.396  -3.127  6.467   1.00 16.00 ? 11  ALA A N   1 
ATOM   66  C CA  . ALA A 1 9  ? -3.634  -2.178  5.636   1.00 16.96 ? 11  ALA A CA  1 
ATOM   67  C C   . ALA A 1 9  ? -2.399  -2.836  5.045   1.00 17.64 ? 11  ALA A C   1 
ATOM   68  O O   . ALA A 1 9  ? -2.102  -2.658  3.868   1.00 16.88 ? 11  ALA A O   1 
ATOM   69  C CB  . ALA A 1 9  ? -3.242  -0.982  6.462   1.00 19.51 ? 11  ALA A CB  1 
ATOM   70  N N   . LYS A 1 10 ? -1.683  -3.603  5.868   1.00 16.75 ? 12  LYS A N   1 
ATOM   71  C CA  . LYS A 1 10 ? -0.503  -4.330  5.400   1.00 17.59 ? 12  LYS A CA  1 
ATOM   72  C C   . LYS A 1 10 ? -0.867  -5.335  4.317   1.00 18.69 ? 12  LYS A C   1 
ATOM   73  O O   . LYS A 1 10 ? -0.132  -5.500  3.348   1.00 18.55 ? 12  LYS A O   1 
ATOM   74  C CB  . LYS A 1 10 ? 0.213   -5.026  6.567   1.00 18.81 ? 12  LYS A CB  1 
ATOM   75  C CG  . LYS A 1 10 ? 0.905   -4.032  7.493   1.00 20.04 ? 12  LYS A CG  1 
ATOM   76  C CD  . LYS A 1 10 ? 1.670   -4.716  8.616   1.00 22.61 ? 12  LYS A CD  1 
ATOM   77  C CE  . LYS A 1 10 ? 2.057   -3.734  9.710   1.00 27.63 ? 12  LYS A CE  1 
ATOM   78  N NZ  . LYS A 1 10 ? 2.657   -4.430  10.882  1.00 30.18 ? 12  LYS A NZ  1 
ATOM   79  N N   . LYS A 1 11 ? -1.994  -6.025  4.482   1.00 18.46 ? 13  LYS A N   1 
ATOM   80  C CA  . LYS A 1 11 ? -2.415  -7.001  3.471   1.00 19.39 ? 13  LYS A CA  1 
ATOM   81  C C   . LYS A 1 11 ? -2.843  -6.325  2.164   1.00 17.89 ? 13  LYS A C   1 
ATOM   82  O O   . LYS A 1 11 ? -2.607  -6.845  1.090   1.00 16.73 ? 13  LYS A O   1 
ATOM   83  C CB  . LYS A 1 11 ? -3.512  -7.904  4.019   1.00 21.14 ? 13  LYS A CB  1 
ATOM   84  C CG  . LYS A 1 11 ? -3.045  -8.828  5.157   1.00 24.90 ? 13  LYS A CG  1 
ATOM   85  C CD  . LYS A 1 11 ? -2.563  -10.193 4.674   1.00 33.58 ? 13  LYS A CD  1 
ATOM   86  C CE  . LYS A 1 11 ? -1.103  -10.206 4.245   1.00 40.56 ? 13  LYS A CE  1 
ATOM   87  N NZ  . LYS A 1 11 ? -0.882  -10.995 2.991   1.00 45.75 ? 13  LYS A NZ  1 
ATOM   88  N N   . PHE A 1 12 ? -3.432  -5.143  2.275   1.00 16.16 ? 14  PHE A N   1 
ATOM   89  C CA  . PHE A 1 12 ? -3.849  -4.356  1.102   1.00 16.82 ? 14  PHE A CA  1 
ATOM   90  C C   . PHE A 1 12 ? -2.652  -3.768  0.315   1.00 17.21 ? 14  PHE A C   1 
ATOM   91  O O   . PHE A 1 12 ? -2.560  -3.984  -0.908  1.00 16.63 ? 14  PHE A O   1 
ATOM   92  C CB  . PHE A 1 12 ? -4.847  -3.275  1.573   1.00 19.63 ? 14  PHE A CB  1 
ATOM   93  C CG  . PHE A 1 12 ? -4.970  -2.066  0.685   1.00 19.51 ? 14  PHE A CG  1 
ATOM   94  C CD1 . PHE A 1 12 ? -5.583  -2.145  -0.545  1.00 22.95 ? 14  PHE A CD1 1 
ATOM   95  C CD2 . PHE A 1 12 ? -4.530  -0.827  1.130   1.00 24.36 ? 14  PHE A CD2 1 
ATOM   96  C CE1 . PHE A 1 12 ? -5.743  -1.017  -1.328  1.00 24.96 ? 14  PHE A CE1 1 
ATOM   97  C CE2 . PHE A 1 12 ? -4.667  0.304   0.335   1.00 23.74 ? 14  PHE A CE2 1 
ATOM   98  C CZ  . PHE A 1 12 ? -5.291  0.200   -0.890  1.00 24.98 ? 14  PHE A CZ  1 
HETATM 99  N N   . XCP A 1 13 ? -1.751  -3.038  0.999   1.00 18.72 ? 15  XCP A N   1 
HETATM 100 C CB  . XCP A 1 13 ? -0.623  -2.464  0.335   1.00 18.42 ? 15  XCP A CB  1 
HETATM 101 C CG  . XCP A 1 13 ? -0.363  -1.095  0.967   1.00 17.82 ? 15  XCP A CG  1 
HETATM 102 C CD  . XCP A 1 13 ? 1.129   -0.849  0.796   1.00 20.97 ? 15  XCP A CD  1 
HETATM 103 C CE  . XCP A 1 13 ? 1.751   -2.146  0.329   1.00 18.65 ? 15  XCP A CE  1 
HETATM 104 C CA  . XCP A 1 13 ? 0.662   -3.187  0.575   1.00 17.94 ? 15  XCP A CA  1 
HETATM 105 C C   . XCP A 1 13 ? 0.895   -4.487  -0.160  1.00 18.14 ? 15  XCP A C   1 
HETATM 106 O O   . XCP A 1 13 ? 1.112   -4.477  -1.403  1.00 18.39 ? 15  XCP A O   1 
ATOM   107 N N   . LYS A 1 14 ? 0.828   -5.551  0.701   1.00 19.45 ? 16  LYS A N   1 
ATOM   108 C CA  . LYS A 1 14 ? 1.125   -6.803  -0.135  1.00 20.11 ? 16  LYS A CA  1 
ATOM   109 C C   . LYS A 1 14 ? 0.337   -7.113  -1.401  1.00 17.90 ? 16  LYS A C   1 
ATOM   110 O O   . LYS A 1 14 ? 0.925   -7.467  -2.413  1.00 18.84 ? 16  LYS A O   1 
ATOM   111 C CB  . LYS A 1 14 ? 1.024   -8.033  0.718   1.00 23.15 ? 16  LYS A CB  1 
ATOM   112 C CG  . LYS A 1 14 ? 2.068   -7.967  1.836   1.00 27.10 ? 16  LYS A CG  1 
ATOM   113 C CD  . LYS A 1 14 ? 2.103   -9.136  2.800   1.00 33.68 ? 16  LYS A CD  1 
ATOM   114 C CE  . LYS A 1 14 ? 3.209   -8.933  3.835   1.00 39.85 ? 16  LYS A CE  1 
ATOM   115 N NZ  . LYS A 1 14 ? 3.047   -9.794  5.041   1.00 46.26 ? 16  LYS A NZ  1 
ATOM   116 N N   . ALA A 1 15 ? -0.980  -7.006  -1.349  1.00 17.01 ? 17  ALA A N   1 
ATOM   117 C CA  . ALA A 1 15 ? -1.789  -7.391  -2.498  1.00 17.69 ? 17  ALA A CA  1 
ATOM   118 C C   . ALA A 1 15 ? -1.550  -6.452  -3.665  1.00 17.48 ? 17  ALA A C   1 
ATOM   119 O O   . ALA A 1 15 ? -1.505  -6.890  -4.808  1.00 17.18 ? 17  ALA A O   1 
ATOM   120 C CB  . ALA A 1 15 ? -3.265  -7.427  -2.145  1.00 18.13 ? 17  ALA A CB  1 
ATOM   121 N N   . PHE A 1 16 ? -1.391  -5.165  -3.389  1.00 17.73 ? 18  PHE A N   1 
ATOM   122 C CA  . PHE A 1 16 ? -1.188  -4.213  -4.473  1.00 17.75 ? 18  PHE A CA  1 
ATOM   123 C C   . PHE A 1 16 ? 0.152   -4.479  -5.163  1.00 17.65 ? 18  PHE A C   1 
ATOM   124 O O   . PHE A 1 16 ? 0.248   -4.538  -6.394  1.00 18.18 ? 18  PHE A O   1 
ATOM   125 C CB  . PHE A 1 16 ? -1.239  -2.784  -3.940  1.00 16.99 ? 18  PHE A CB  1 
ATOM   126 C CG  . PHE A 1 16 ? -1.117  -1.730  -5.018  1.00 19.49 ? 18  PHE A CG  1 
ATOM   127 C CD1 . PHE A 1 16 ? -1.980  -1.719  -6.109  1.00 20.57 ? 18  PHE A CD1 1 
ATOM   128 C CD2 . PHE A 1 16 ? -0.131  -0.751  -4.939  1.00 22.75 ? 18  PHE A CD2 1 
ATOM   129 C CE1 . PHE A 1 16 ? -1.866  -0.746  -7.104  1.00 23.74 ? 18  PHE A CE1 1 
ATOM   130 C CE2 . PHE A 1 16 ? -0.011  0.221   -5.931  1.00 26.50 ? 18  PHE A CE2 1 
ATOM   131 C CZ  . PHE A 1 16 ? -0.881  0.224   -7.009  1.00 26.22 ? 18  PHE A CZ  1 
ATOM   132 N N   . VAL A 1 17 ? 1.190   -4.661  -4.357  1.00 16.91 ? 19  VAL A N   1 
ATOM   133 C CA  . VAL A 1 17 ? 2.521   -4.954  -4.903  1.00 19.84 ? 19  VAL A CA  1 
ATOM   134 C C   . VAL A 1 17 ? 2.534   -6.281  -5.716  1.00 20.35 ? 19  VAL A C   1 
ATOM   135 O O   . VAL A 1 17 ? 3.106   -6.346  -6.821  1.00 21.14 ? 19  VAL A O   1 
ATOM   136 C CB  . VAL A 1 17 ? 3.592   -4.879  -3.791  1.00 20.52 ? 19  VAL A CB  1 
ATOM   137 C CG1 . VAL A 1 17 ? 4.933   -5.435  -4.258  1.00 23.07 ? 19  VAL A CG1 1 
ATOM   138 C CG2 . VAL A 1 17 ? 3.737   -3.432  -3.340  1.00 22.62 ? 19  VAL A CG2 1 
ATOM   139 N N   . ALA A 1 18 ? 1.872   -7.320  -5.203  1.00 21.11 ? 20  ALA A N   1 
ATOM   140 C CA  . ALA A 1 18 ? 1.746   -8.575  -5.947  1.00 22.74 ? 20  ALA A CA  1 
ATOM   141 C C   . ALA A 1 18 ? 1.041   -8.360  -7.295  1.00 22.48 ? 20  ALA A C   1 
ATOM   142 O O   . ALA A 1 18 ? 1.429   -8.952  -8.308  1.00 24.31 ? 20  ALA A O   1 
ATOM   143 C CB  . ALA A 1 18 ? 0.997   -9.603  -5.121  1.00 24.74 ? 20  ALA A CB  1 
ATOM   144 N N   . GLU A 1 19 ? 0.007   -7.520  -7.305  1.00 20.28 ? 21  GLU A N   1 
ATOM   145 C CA  . GLU A 1 19 ? -0.752  -7.241  -8.528  1.00 21.29 ? 21  GLU A CA  1 
ATOM   146 C C   . GLU A 1 19 ? 0.107   -6.587  -9.582  1.00 21.99 ? 21  GLU A C   1 
ATOM   147 O O   . GLU A 1 19 ? 0.076   -6.994  -10.742 1.00 26.62 ? 21  GLU A O   1 
ATOM   148 C CB  . GLU A 1 19 ? -1.954  -6.331  -8.251  1.00 20.49 ? 21  GLU A CB  1 
ATOM   149 C CG  . GLU A 1 19 ? -2.725  -5.965  -9.515  1.00 20.65 ? 21  GLU A CG  1 
ATOM   150 C CD  . GLU A 1 19 ? -3.790  -4.918  -9.311  1.00 21.46 ? 21  GLU A CD  1 
ATOM   151 O OE1 . GLU A 1 19 ? -4.910  -5.112  -9.841  1.00 20.84 ? 21  GLU A OE1 1 
ATOM   152 O OE2 . GLU A 1 19 ? -3.510  -3.898  -8.653  1.00 19.98 ? 21  GLU A OE2 1 
ATOM   153 N N   . ILE A 1 20 ? 0.854   -5.561  -9.192  1.00 24.30 ? 22  ILE A N   1 
ATOM   154 C CA  A ILE A 1 20 ? 1.667   -4.822  -10.165 0.50 26.49 ? 22  ILE A CA  1 
ATOM   155 C CA  B ILE A 1 20 ? 1.667   -4.823  -10.166 0.50 26.50 ? 22  ILE A CA  1 
ATOM   156 C C   . ILE A 1 20 ? 2.839   -5.670  -10.659 1.00 27.34 ? 22  ILE A C   1 
ATOM   157 O O   . ILE A 1 20 ? 3.215   -5.576  -11.816 1.00 35.45 ? 22  ILE A O   1 
ATOM   158 C CB  A ILE A 1 20 ? 2.161   -3.448  -9.642  0.50 29.44 ? 22  ILE A CB  1 
ATOM   159 C CB  B ILE A 1 20 ? 2.158   -3.447  -9.646  0.50 29.49 ? 22  ILE A CB  1 
ATOM   160 C CG1 A ILE A 1 20 ? 3.123   -3.576  -8.462  0.50 30.97 ? 22  ILE A CG1 1 
ATOM   161 C CG1 B ILE A 1 20 ? 3.123   -3.571  -8.466  0.50 30.99 ? 22  ILE A CG1 1 
ATOM   162 C CG2 A ILE A 1 20 ? 0.988   -2.554  -9.264  0.50 28.17 ? 22  ILE A CG2 1 
ATOM   163 C CG2 B ILE A 1 20 ? 0.984   -2.555  -9.267  0.50 28.28 ? 22  ILE A CG2 1 
ATOM   164 C CD1 A ILE A 1 20 ? 3.581   -2.235  -7.930  0.50 34.40 ? 22  ILE A CD1 1 
ATOM   165 C CD1 B ILE A 1 20 ? 3.604   -2.228  -7.960  0.50 34.33 ? 22  ILE A CD1 1 
ATOM   166 N N   . MET A 1 21 ? 3.390   -6.503  -9.774  1.00 23.29 ? 23  MET A N   1 
ATOM   167 C CA  . MET A 1 21 ? 4.507   -7.361  -10.173 1.00 29.94 ? 23  MET A CA  1 
ATOM   168 C C   . MET A 1 21 ? 4.128   -8.609  -10.944 1.00 31.35 ? 23  MET A C   1 
ATOM   169 O O   . MET A 1 21 ? 4.956   -9.126  -11.674 1.00 35.20 ? 23  MET A O   1 
ATOM   170 C CB  . MET A 1 21 ? 5.318   -7.728  -8.967  1.00 33.08 ? 23  MET A CB  1 
ATOM   171 C CG  . MET A 1 21 ? 5.974   -6.493  -8.388  1.00 34.49 ? 23  MET A CG  1 
ATOM   172 S SD  . MET A 1 21 ? 7.419   -7.011  -7.521  1.00 34.01 ? 23  MET A SD  1 
ATOM   173 C CE  . MET A 1 21 ? 6.685   -8.173  -6.363  1.00 39.00 ? 23  MET A CE  1 
ATOM   174 N N   . ASN A 1 22 ? 2.893   -9.079  -10.786 1.00 32.69 ? 24  ASN A N   1 
ATOM   175 C CA  . ASN A 1 22 ? 2.360   -10.206 -11.557 1.00 40.67 ? 24  ASN A CA  1 
ATOM   176 C C   . ASN A 1 22 ? 2.639   -10.133 -13.070 1.00 40.96 ? 24  ASN A C   1 
ATOM   177 O O   . ASN A 1 22 ? 2.754   -11.173 -13.717 1.00 54.60 ? 24  ASN A O   1 
ATOM   178 C CB  . ASN A 1 22 ? 0.856   -10.359 -11.296 1.00 38.73 ? 24  ASN A CB  1 
ATOM   179 N N   . SER A 1 23 ? 2.700   -8.913  -13.615 1.00 43.18 ? 25  SER A N   1 
ATOM   180 C CA  . SER A 1 23 ? 3.408   -8.596  -14.886 1.00 52.46 ? 25  SER A CA  1 
ATOM   181 C C   . SER A 1 23 ? 3.279   -7.102  -15.200 1.00 52.13 ? 25  SER A C   1 
ATOM   182 O O   . SER A 1 23 ? 2.534   -6.377  -14.536 1.00 51.97 ? 25  SER A O   1 
ATOM   183 C CB  . SER A 1 23 ? 2.913   -9.430  -16.084 1.00 59.61 ? 25  SER A CB  1 
ATOM   184 O OG  . SER A 1 23 ? 3.587   -9.085  -17.295 1.00 66.55 ? 25  SER A OG  1 
ATOM   185 O OXT . SER A 1 23 ? 3.911   -6.584  -16.125 1.00 52.70 ? 25  SER A OXT 1 
ATOM   186 N N   . GLY B 1 1  ? -3.534  -11.257 -7.438  1.00 28.57 ? 3   GLY B N   1 
ATOM   187 C CA  . GLY B 1 1  ? -3.714  -10.296 -8.552  1.00 26.29 ? 3   GLY B CA  1 
ATOM   188 C C   . GLY B 1 1  ? -4.845  -9.331  -8.273  1.00 21.90 ? 3   GLY B C   1 
ATOM   189 O O   . GLY B 1 1  ? -5.065  -8.931  -7.131  1.00 21.25 ? 3   GLY B O   1 
ATOM   190 N N   . ILE B 1 2  ? -5.582  -8.976  -9.317  1.00 21.70 ? 4   ILE B N   1 
ATOM   191 C CA  . ILE B 1 2  ? -6.626  -7.958  -9.207  1.00 22.90 ? 4   ILE B CA  1 
ATOM   192 C C   . ILE B 1 2  ? -7.757  -8.324  -8.241  1.00 22.97 ? 4   ILE B C   1 
ATOM   193 O O   . ILE B 1 2  ? -8.187  -7.486  -7.452  1.00 23.35 ? 4   ILE B O   1 
ATOM   194 C CB  . ILE B 1 2  ? -7.151  -7.511  -10.603 1.00 24.04 ? 4   ILE B CB  1 
ATOM   195 C CG1 . ILE B 1 2  ? -8.117  -6.335  -10.470 1.00 23.45 ? 4   ILE B CG1 1 
ATOM   196 C CG2 . ILE B 1 2  ? -7.799  -8.657  -11.378 1.00 26.08 ? 4   ILE B CG2 1 
ATOM   197 C CD1 . ILE B 1 2  ? -8.189  -5.504  -11.726 1.00 24.05 ? 4   ILE B CD1 1 
ATOM   198 N N   . GLY B 1 3  ? -8.235  -9.566  -8.295  1.00 24.33 ? 5   GLY B N   1 
ATOM   199 C CA  . GLY B 1 3  ? -9.287  -10.025 -7.371  1.00 21.99 ? 5   GLY B CA  1 
ATOM   200 C C   . GLY B 1 3  ? -8.871  -9.986  -5.900  1.00 19.23 ? 5   GLY B C   1 
ATOM   201 O O   . GLY B 1 3  ? -9.612  -9.490  -5.052  1.00 19.32 ? 5   GLY B O   1 
ATOM   202 N N   . LYS B 1 4  ? -7.674  -10.485 -5.604  1.00 19.87 ? 6   LYS B N   1 
ATOM   203 C CA  . LYS B 1 4  ? -7.127  -10.455 -4.238  1.00 19.45 ? 6   LYS B CA  1 
ATOM   204 C C   . LYS B 1 4  ? -6.923  -9.019  -3.747  1.00 18.83 ? 6   LYS B C   1 
ATOM   205 O O   . LYS B 1 4  ? -7.228  -8.700  -2.605  1.00 19.48 ? 6   LYS B O   1 
ATOM   206 C CB  . LYS B 1 4  ? -5.810  -11.232 -4.175  1.00 22.51 ? 6   LYS B CB  1 
ATOM   207 C CG  . LYS B 1 4  ? -5.052  -11.152 -2.856  1.00 29.55 ? 6   LYS B CG  1 
ATOM   208 C CD  . LYS B 1 4  ? -3.945  -12.203 -2.780  1.00 36.91 ? 6   LYS B CD  1 
ATOM   209 C CE  . LYS B 1 4  ? -2.663  -11.692 -2.121  1.00 41.68 ? 6   LYS B CE  1 
ATOM   210 N NZ  . LYS B 1 4  ? -1.692  -11.166 -3.129  1.00 41.85 ? 6   LYS B NZ  1 
ATOM   211 N N   . PHE B 1 5  ? -6.410  -8.163  -4.625  1.00 17.49 ? 7   PHE B N   1 
ATOM   212 C CA  . PHE B 1 5  ? -6.230  -6.750  -4.308  1.00 17.94 ? 7   PHE B CA  1 
ATOM   213 C C   . PHE B 1 5  ? -7.558  -6.055  -4.002  1.00 16.76 ? 7   PHE B C   1 
ATOM   214 O O   . PHE B 1 5  ? -7.671  -5.349  -2.996  1.00 17.19 ? 7   PHE B O   1 
ATOM   215 C CB  . PHE B 1 5  ? -5.490  -6.033  -5.441  1.00 17.65 ? 7   PHE B CB  1 
ATOM   216 C CG  . PHE B 1 5  ? -5.488  -4.532  -5.300  1.00 17.05 ? 7   PHE B CG  1 
ATOM   217 C CD1 . PHE B 1 5  ? -4.786  -3.926  -4.275  1.00 17.99 ? 7   PHE B CD1 1 
ATOM   218 C CD2 . PHE B 1 5  ? -6.232  -3.728  -6.155  1.00 19.47 ? 7   PHE B CD2 1 
ATOM   219 C CE1 . PHE B 1 5  ? -4.820  -2.554  -4.101  1.00 20.66 ? 7   PHE B CE1 1 
ATOM   220 C CE2 . PHE B 1 5  ? -6.261  -2.350  -5.986  1.00 21.29 ? 7   PHE B CE2 1 
ATOM   221 C CZ  . PHE B 1 5  ? -5.542  -1.763  -4.968  1.00 21.90 ? 7   PHE B CZ  1 
ATOM   222 N N   . LEU B 1 6  ? -8.569  -6.262  -4.849  1.00 18.39 ? 8   LEU B N   1 
ATOM   223 C CA  . LEU B 1 6  ? -9.857  -5.620  -4.612  1.00 18.76 ? 8   LEU B CA  1 
ATOM   224 C C   . LEU B 1 6  ? -10.486 -6.101  -3.317  1.00 18.85 ? 8   LEU B C   1 
ATOM   225 O O   . LEU B 1 6  ? -11.050 -5.296  -2.572  1.00 21.43 ? 8   LEU B O   1 
ATOM   226 C CB  . LEU B 1 6  ? -10.796 -5.816  -5.800  1.00 20.10 ? 8   LEU B CB  1 
ATOM   227 C CG  . LEU B 1 6  ? -10.388 -5.077  -7.077  1.00 21.86 ? 8   LEU B CG  1 
ATOM   228 C CD1 . LEU B 1 6  ? -11.295 -5.518  -8.207  1.00 24.59 ? 8   LEU B CD1 1 
ATOM   229 C CD2 . LEU B 1 6  ? -10.433 -3.562  -6.913  1.00 24.63 ? 8   LEU B CD2 1 
ATOM   230 N N   . HIS B 1 7  ? -10.389 -7.402  -3.051  1.00 18.91 ? 9   HIS B N   1 
ATOM   231 C CA  . HIS B 1 7  ? -10.884 -7.954  -1.796  1.00 19.63 ? 9   HIS B CA  1 
ATOM   232 C C   . HIS B 1 7  ? -10.173 -7.345  -0.588  1.00 19.15 ? 9   HIS B C   1 
ATOM   233 O O   . HIS B 1 7  ? -10.799 -6.926  0.378   1.00 21.09 ? 9   HIS B O   1 
ATOM   234 C CB  . HIS B 1 7  ? -10.685 -9.462  -1.772  1.00 23.74 ? 9   HIS B CB  1 
ATOM   235 N N   . ALA B 1 8  ? -8.855  -7.284  -0.652  1.00 17.86 ? 10  ALA B N   1 
ATOM   236 C CA  . ALA B 1 8  ? -8.072  -6.710  0.444   1.00 17.97 ? 10  ALA B CA  1 
ATOM   237 C C   . ALA B 1 8  ? -8.367  -5.218  0.644   1.00 17.72 ? 10  ALA B C   1 
ATOM   238 O O   . ALA B 1 8  ? -8.467  -4.743  1.765   1.00 17.41 ? 10  ALA B O   1 
ATOM   239 C CB  . ALA B 1 8  ? -6.592  -6.961  0.242   1.00 17.79 ? 10  ALA B CB  1 
ATOM   240 N N   . ALA B 1 9  ? -8.547  -4.481  -0.447  1.00 16.93 ? 11  ALA B N   1 
ATOM   241 C CA  . ALA B 1 9  ? -8.867  -3.056  -0.353  1.00 18.34 ? 11  ALA B CA  1 
ATOM   242 C C   . ALA B 1 9  ? -10.178 -2.813  0.379   1.00 19.19 ? 11  ALA B C   1 
ATOM   243 O O   . ALA B 1 9  ? -10.268 -1.928  1.242   1.00 22.88 ? 11  ALA B O   1 
ATOM   244 C CB  . ALA B 1 9  ? -8.925  -2.444  -1.740  1.00 20.68 ? 11  ALA B CB  1 
ATOM   245 N N   . LYS B 1 10 ? -11.197 -3.592  0.034   1.00 21.21 ? 12  LYS B N   1 
ATOM   246 C CA  . LYS B 1 10 ? -12.506 -3.425  0.647   1.00 21.94 ? 12  LYS B CA  1 
ATOM   247 C C   . LYS B 1 10 ? -12.522 -3.897  2.100   1.00 22.48 ? 12  LYS B C   1 
ATOM   248 O O   . LYS B 1 10 ? -13.213 -3.295  2.918   1.00 23.93 ? 12  LYS B O   1 
ATOM   249 C CB  . LYS B 1 10 ? -13.563 -4.124  -0.182  1.00 24.23 ? 12  LYS B CB  1 
ATOM   250 C CG  . LYS B 1 10 ? -13.716 -3.485  -1.541  1.00 26.72 ? 12  LYS B CG  1 
ATOM   251 C CD  . LYS B 1 10 ? -14.674 -4.266  -2.413  1.00 31.41 ? 12  LYS B CD  1 
ATOM   252 C CE  . LYS B 1 10 ? -14.609 -3.762  -3.844  1.00 37.48 ? 12  LYS B CE  1 
ATOM   253 N NZ  . LYS B 1 10 ? -15.617 -4.459  -4.687  1.00 39.50 ? 12  LYS B NZ  1 
ATOM   254 N N   . LYS B 1 11 ? -11.760 -4.948  2.424   1.00 21.69 ? 13  LYS B N   1 
ATOM   255 C CA  . LYS B 1 11 ? -11.622 -5.391  3.824   1.00 21.69 ? 13  LYS B CA  1 
ATOM   256 C C   . LYS B 1 11 ? -10.928 -4.324  4.667   1.00 20.28 ? 13  LYS B C   1 
ATOM   257 O O   . LYS B 1 11 ? -11.281 -4.105  5.825   1.00 21.34 ? 13  LYS B O   1 
ATOM   258 C CB  . LYS B 1 11 ? -10.857 -6.717  3.950   1.00 24.47 ? 13  LYS B CB  1 
ATOM   259 C CG  . LYS B 1 11 ? -11.628 -7.970  3.533   1.00 32.03 ? 13  LYS B CG  1 
ATOM   260 C CD  . LYS B 1 11 ? -10.858 -9.223  3.951   1.00 38.80 ? 13  LYS B CD  1 
ATOM   261 C CE  . LYS B 1 11 ? -11.383 -10.488 3.289   1.00 45.84 ? 13  LYS B CE  1 
ATOM   262 N NZ  . LYS B 1 11 ? -10.651 -11.703 3.770   1.00 49.20 ? 13  LYS B NZ  1 
ATOM   263 N N   . PHE B 1 12 ? -9.941  -3.657  4.072   1.00 19.10 ? 14  PHE B N   1 
ATOM   264 C CA  . PHE B 1 12 ? -9.231  -2.575  4.751   1.00 17.76 ? 14  PHE B CA  1 
ATOM   265 C C   . PHE B 1 12 ? -10.098 -1.333  4.991   1.00 18.21 ? 14  PHE B C   1 
ATOM   266 O O   . PHE B 1 12 ? -10.211 -0.893  6.135   1.00 18.32 ? 14  PHE B O   1 
ATOM   267 C CB  . PHE B 1 12 ? -7.942  -2.190  3.967   1.00 18.83 ? 14  PHE B CB  1 
ATOM   268 C CG  . PHE B 1 12 ? -7.420  -0.798  4.260   1.00 21.28 ? 14  PHE B CG  1 
ATOM   269 C CD1 . PHE B 1 12 ? -6.707  -0.536  5.420   1.00 24.14 ? 14  PHE B CD1 1 
ATOM   270 C CD2 . PHE B 1 12 ? -7.636  0.250   3.360   1.00 25.07 ? 14  PHE B CD2 1 
ATOM   271 C CE1 . PHE B 1 12 ? -6.210  0.739   5.670   1.00 28.29 ? 14  PHE B CE1 1 
ATOM   272 C CE2 . PHE B 1 12 ? -7.157  1.529   3.620   1.00 28.64 ? 14  PHE B CE2 1 
ATOM   273 C CZ  . PHE B 1 12 ? -6.449  1.772   4.781   1.00 29.10 ? 14  PHE B CZ  1 
HETATM 274 N N   . XCP B 1 13 ? -10.714 -0.759  3.923   1.00 20.80 ? 15  XCP B N   1 
HETATM 275 C CB  . XCP B 1 13 ? -11.538 0.412   4.095   1.00 20.84 ? 15  XCP B CB  1 
HETATM 276 C CG  . XCP B 1 13 ? -11.257 1.388   2.957   1.00 22.46 ? 15  XCP B CG  1 
HETATM 277 C CD  . XCP B 1 13 ? -12.502 2.269   2.891   1.00 23.41 ? 15  XCP B CD  1 
HETATM 278 C CE  . XCP B 1 13 ? -13.607 1.512   3.630   1.00 23.19 ? 15  XCP B CE  1 
HETATM 279 C CA  . XCP B 1 13 ? -13.009 0.160   4.018   1.00 21.65 ? 15  XCP B CA  1 
HETATM 280 C C   . XCP B 1 13 ? -13.616 -0.474  5.264   1.00 22.40 ? 15  XCP B C   1 
HETATM 281 O O   . XCP B 1 13 ? -13.741 0.190   6.321   1.00 22.07 ? 15  XCP B O   1 
ATOM   282 N N   . LYS B 1 14 ? -13.961 -1.763  5.034   1.00 24.49 ? 16  LYS B N   1 
ATOM   283 C CA  . LYS B 1 14 ? -14.592 -2.264  6.339   1.00 24.53 ? 16  LYS B CA  1 
ATOM   284 C C   . LYS B 1 14 ? -13.878 -2.149  7.711   1.00 20.11 ? 16  LYS B C   1 
ATOM   285 O O   . LYS B 1 14 ? -14.521 -1.790  8.716   1.00 21.81 ? 16  LYS B O   1 
ATOM   286 C CB  . LYS B 1 14 ? -14.974 -3.713  6.206   1.00 27.76 ? 16  LYS B CB  1 
ATOM   287 C CG  . LYS B 1 14 ? -16.007 -3.905  5.083   1.00 32.66 ? 16  LYS B CG  1 
ATOM   288 C CD  . LYS B 1 14 ? -16.275 -5.365  4.765   1.00 40.17 ? 16  LYS B CD  1 
ATOM   289 C CE  . LYS B 1 14 ? -17.161 -5.517  3.534   1.00 46.39 ? 16  LYS B CE  1 
ATOM   290 N NZ  . LYS B 1 14 ? -17.133 -6.917  3.015   1.00 52.26 ? 16  LYS B NZ  1 
ATOM   291 N N   . ALA B 1 15 ? -12.594 -2.494  7.778   1.00 19.94 ? 17  ALA B N   1 
ATOM   292 C CA  . ALA B 1 15 ? -11.872 -2.535  9.056   1.00 21.04 ? 17  ALA B CA  1 
ATOM   293 C C   . ALA B 1 15 ? -11.690 -1.134  9.614   1.00 19.46 ? 17  ALA B C   1 
ATOM   294 O O   . ALA B 1 15 ? -11.830 -0.916  10.825  1.00 21.55 ? 17  ALA B O   1 
ATOM   295 C CB  . ALA B 1 15 ? -10.528 -3.226  8.909   1.00 21.66 ? 17  ALA B CB  1 
ATOM   296 N N   . PHE B 1 16 ? -11.386 -0.189  8.726   1.00 19.09 ? 18  PHE B N   1 
ATOM   297 C CA  . PHE B 1 16 ? -11.264 1.210   9.105   1.00 19.01 ? 18  PHE B CA  1 
ATOM   298 C C   . PHE B 1 16 ? -12.553 1.726   9.719   1.00 17.85 ? 18  PHE B C   1 
ATOM   299 O O   . PHE B 1 16 ? -12.558 2.329   10.804  1.00 18.42 ? 18  PHE B O   1 
ATOM   300 C CB  . PHE B 1 16 ? -10.942 2.065   7.874   1.00 20.53 ? 18  PHE B CB  1 
ATOM   301 C CG  . PHE B 1 16 ? -10.839 3.544   8.174   1.00 20.51 ? 18  PHE B CG  1 
ATOM   302 C CD1 . PHE B 1 16 ? -9.846  4.029   9.012   1.00 24.11 ? 18  PHE B CD1 1 
ATOM   303 C CD2 . PHE B 1 16 ? -11.759 4.437   7.650   1.00 22.73 ? 18  PHE B CD2 1 
ATOM   304 C CE1 . PHE B 1 16 ? -9.757  5.386   9.305   1.00 25.82 ? 18  PHE B CE1 1 
ATOM   305 C CE2 . PHE B 1 16 ? -11.673 5.798   7.930   1.00 23.13 ? 18  PHE B CE2 1 
ATOM   306 C CZ  . PHE B 1 16 ? -10.668 6.270   8.763   1.00 23.45 ? 18  PHE B CZ  1 
ATOM   307 N N   . VAL B 1 17 ? -13.651 1.499   9.005   1.00 17.84 ? 19  VAL B N   1 
ATOM   308 C CA  . VAL B 1 17 ? -14.941 2.029   9.431   1.00 19.34 ? 19  VAL B CA  1 
ATOM   309 C C   . VAL B 1 17 ? -15.345 1.438   10.776  1.00 20.00 ? 19  VAL B C   1 
ATOM   310 O O   . VAL B 1 17 ? -15.820 2.159   11.645  1.00 19.94 ? 19  VAL B O   1 
ATOM   311 C CB  . VAL B 1 17 ? -16.006 1.825   8.334   1.00 20.99 ? 19  VAL B CB  1 
ATOM   312 C CG1 . VAL B 1 17 ? -17.400 2.162   8.850   1.00 22.84 ? 19  VAL B CG1 1 
ATOM   313 C CG2 . VAL B 1 17 ? -15.659 2.700   7.140   1.00 22.74 ? 19  VAL B CG2 1 
ATOM   314 N N   . ALA B 1 18 ? -15.124 0.136   10.958  1.00 20.98 ? 20  ALA B N   1 
ATOM   315 C CA  . ALA B 1 18 ? -15.452 -0.532  12.222  1.00 23.58 ? 20  ALA B CA  1 
ATOM   316 C C   . ALA B 1 18 ? -14.736 0.119   13.414  1.00 22.14 ? 20  ALA B C   1 
ATOM   317 O O   . ALA B 1 18 ? -15.359 0.404   14.443  1.00 28.36 ? 20  ALA B O   1 
ATOM   318 C CB  . ALA B 1 18 ? -15.110 -2.007  12.132  1.00 25.32 ? 20  ALA B CB  1 
ATOM   319 N N   . GLU B 1 19 ? -13.437 0.357   13.272  1.00 20.21 ? 21  GLU B N   1 
ATOM   320 C CA  . GLU B 1 19 ? -12.640 0.980   14.334  1.00 22.56 ? 21  GLU B CA  1 
ATOM   321 C C   . GLU B 1 19 ? -12.975 2.467   14.531  1.00 21.20 ? 21  GLU B C   1 
ATOM   322 O O   . GLU B 1 19 ? -13.168 2.920   15.655  1.00 23.14 ? 21  GLU B O   1 
ATOM   323 C CB  . GLU B 1 19 ? -11.144 0.849   14.037  1.00 26.92 ? 21  GLU B CB  1 
ATOM   324 N N   . ILE B 1 20 ? -13.062 3.229   13.442  1.00 18.75 ? 22  ILE B N   1 
ATOM   325 C CA  . ILE B 1 20 ? -13.135 4.689   13.568  1.00 20.18 ? 22  ILE B CA  1 
ATOM   326 C C   . ILE B 1 20 ? -14.469 5.168   14.160  1.00 19.93 ? 22  ILE B C   1 
ATOM   327 O O   . ILE B 1 20 ? -14.508 6.180   14.854  1.00 21.57 ? 22  ILE B O   1 
ATOM   328 C CB  . ILE B 1 20 ? -12.815 5.392   12.226  1.00 21.51 ? 22  ILE B CB  1 
ATOM   329 C CG1 . ILE B 1 20 ? -12.321 6.810   12.465  1.00 24.81 ? 22  ILE B CG1 1 
ATOM   330 C CG2 . ILE B 1 20 ? -14.009 5.396   11.289  1.00 21.70 ? 22  ILE B CG2 1 
ATOM   331 C CD1 . ILE B 1 20 ? -10.946 6.872   13.070  1.00 28.50 ? 22  ILE B CD1 1 
ATOM   332 N N   . MET B 1 21 ? -15.547 4.416   13.943  1.00 19.62 ? 23  MET B N   1 
ATOM   333 C CA  A MET B 1 21 ? -16.833 4.781   14.526  0.50 19.84 ? 23  MET B CA  1 
ATOM   334 C CA  B MET B 1 21 ? -16.838 4.771   14.523  0.50 19.93 ? 23  MET B CA  1 
ATOM   335 C C   . MET B 1 21 ? -16.836 4.741   16.043  1.00 19.85 ? 23  MET B C   1 
ATOM   336 O O   . MET B 1 21 ? -17.707 5.357   16.671  1.00 21.70 ? 23  MET B O   1 
ATOM   337 C CB  A MET B 1 21 ? -17.936 3.899   13.984  0.50 20.88 ? 23  MET B CB  1 
ATOM   338 C CB  B MET B 1 21 ? -17.933 3.872   13.980  0.50 21.09 ? 23  MET B CB  1 
ATOM   339 C CG  A MET B 1 21 ? -18.259 4.241   12.559  0.50 20.76 ? 23  MET B CG  1 
ATOM   340 C CG  B MET B 1 21 ? -18.241 4.182   12.539  0.50 21.20 ? 23  MET B CG  1 
ATOM   341 S SD  A MET B 1 21 ? -19.651 3.277   12.003  0.50 21.93 ? 23  MET B SD  1 
ATOM   342 S SD  B MET B 1 21 ? -19.813 3.506   12.029  0.50 23.17 ? 23  MET B SD  1 
ATOM   343 C CE  A MET B 1 21 ? -19.142 1.621   12.450  0.50 21.86 ? 23  MET B CE  1 
ATOM   344 C CE  B MET B 1 21 ? -19.501 1.739   12.000  0.50 21.23 ? 23  MET B CE  1 
ATOM   345 N N   . ASN B 1 22 ? -15.859 4.053   16.640  1.00 21.30 ? 24  ASN B N   1 
ATOM   346 C CA  . ASN B 1 22 ? -15.701 4.117   18.107  1.00 22.46 ? 24  ASN B CA  1 
ATOM   347 C C   . ASN B 1 22 ? -15.291 5.509   18.598  1.00 23.17 ? 24  ASN B C   1 
ATOM   348 O O   . ASN B 1 22 ? -15.393 5.790   19.795  1.00 26.77 ? 24  ASN B O   1 
ATOM   349 C CB  . ASN B 1 22 ? -14.703 3.068   18.622  1.00 26.42 ? 24  ASN B CB  1 
ATOM   350 C CG  . ASN B 1 22 ? -15.149 1.641   18.353  1.00 32.79 ? 24  ASN B CG  1 
ATOM   351 O OD1 . ASN B 1 22 ? -14.327 0.787   18.031  1.00 39.57 ? 24  ASN B OD1 1 
ATOM   352 N ND2 . ASN B 1 22 ? -16.449 1.372   18.474  1.00 34.94 ? 24  ASN B ND2 1 
ATOM   353 N N   . SER B 1 23 ? -14.862 6.384   17.687  1.00 23.83 ? 25  SER B N   1 
ATOM   354 C CA  . SER B 1 23 ? -14.522 7.756   18.036  1.00 25.73 ? 25  SER B CA  1 
ATOM   355 C C   . SER B 1 23 ? -15.649 8.699   17.628  1.00 26.49 ? 25  SER B C   1 
ATOM   356 O O   . SER B 1 23 ? -16.731 8.278   17.168  1.00 25.11 ? 25  SER B O   1 
ATOM   357 C CB  . SER B 1 23 ? -13.224 8.168   17.347  1.00 27.43 ? 25  SER B CB  1 
ATOM   358 O OG  . SER B 1 23 ? -12.138 7.381   17.795  1.00 29.66 ? 25  SER B OG  1 
ATOM   359 O OXT . SER B 1 23 ? -15.483 9.913   17.756  1.00 24.94 ? 25  SER B OXT 1 
ATOM   360 N N   . GLY C 2 1  ? 8.883   0.367   -19.413 0.50 40.60 ? 3   GLY C N   1 
ATOM   361 C CA  . GLY C 2 1  ? 8.795   1.726   -18.798 0.50 41.99 ? 3   GLY C CA  1 
ATOM   362 C C   . GLY C 2 1  ? 8.167   1.673   -17.417 0.50 42.19 ? 3   GLY C C   1 
ATOM   363 O O   . GLY C 2 1  ? 8.430   2.527   -16.566 0.50 47.37 ? 3   GLY C O   1 
HETATM 364 N N   . DIL C 2 2  ? 7.320   0.672   -17.201 0.50 38.41 ? 4   DIL C N   1 
HETATM 365 C CA  . DIL C 2 2  ? 6.772   0.412   -15.877 0.50 34.67 ? 4   DIL C CA  1 
HETATM 366 C C   . DIL C 2 2  ? 5.992   1.594   -15.313 0.50 28.90 ? 4   DIL C C   1 
HETATM 367 O O   . DIL C 2 2  ? 5.594   1.579   -14.157 0.50 26.87 ? 4   DIL C O   1 
HETATM 368 C CB  . DIL C 2 2  ? 5.844   -0.811  -15.887 0.50 37.85 ? 4   DIL C CB  1 
HETATM 369 C CG1 . DIL C 2 2  ? 4.513   -0.464  -16.544 0.50 39.39 ? 4   DIL C CG1 1 
HETATM 370 C CG2 . DIL C 2 2  ? 6.501   -1.954  -16.633 0.50 38.27 ? 4   DIL C CG2 1 
HETATM 371 C CD1 . DIL C 2 2  ? 3.369   -1.323  -16.057 0.50 40.56 ? 4   DIL C CD1 1 
ATOM   372 N N   . GLY C 2 3  ? 5.779   2.618   -16.128 0.50 21.28 ? 5   GLY C N   1 
ATOM   373 C CA  . GLY C 2 3  ? 5.002   3.766   -15.673 0.50 23.27 ? 5   GLY C CA  1 
ATOM   374 C C   . GLY C 2 3  ? 5.595   4.409   -14.436 0.50 22.16 ? 5   GLY C C   1 
ATOM   375 O O   . GLY C 2 3  ? 4.880   4.775   -13.486 0.50 22.27 ? 5   GLY C O   1 
HETATM 376 N N   . DLY C 2 4  ? 6.914   4.533   -14.427 0.50 23.74 ? 6   DLY C N   1 
HETATM 377 C CA  . DLY C 2 4  ? 7.570   5.166   -13.315 0.50 22.27 ? 6   DLY C CA  1 
HETATM 378 C C   . DLY C 2 4  ? 7.389   4.344   -12.048 0.50 21.02 ? 6   DLY C C   1 
HETATM 379 O O   . DLY C 2 4  ? 7.061   4.916   -11.017 0.50 17.06 ? 6   DLY C O   1 
HETATM 380 C CB  . DLY C 2 4  ? 9.053   5.407   -13.577 0.50 24.84 ? 6   DLY C CB  1 
HETATM 381 C CG  . DLY C 2 4  ? 9.670   6.366   -12.576 0.50 28.03 ? 6   DLY C CG  1 
HETATM 382 C CD  . DLY C 2 4  ? 11.181  6.463   -12.725 0.50 30.90 ? 6   DLY C CD  1 
HETATM 383 C CE  . DLY C 2 4  ? 11.763  7.376   -11.661 0.50 33.06 ? 6   DLY C CE  1 
HETATM 384 N NZ  . DLY C 2 4  ? 11.135  7.143   -10.331 0.50 33.72 ? 6   DLY C NZ  1 
HETATM 385 N N   . DPN C 2 5  ? 7.593   3.022   -12.095 1.00 25.61 ? 7   DPN C N   1 
HETATM 386 C CA  . DPN C 2 5  ? 7.471   2.257   -10.851 1.00 23.53 ? 7   DPN C CA  1 
HETATM 387 C C   . DPN C 2 5  ? 6.010   2.100   -10.437 1.00 22.76 ? 7   DPN C C   1 
HETATM 388 O O   . DPN C 2 5  ? 5.731   2.069   -9.262  1.00 21.67 ? 7   DPN C O   1 
HETATM 389 C CB  . DPN C 2 5  ? 8.331   0.969   -10.745 1.00 26.26 ? 7   DPN C CB  1 
HETATM 390 C CG  . DPN C 2 5  ? 7.809   -0.223  -11.479 1.00 28.76 ? 7   DPN C CG  1 
HETATM 391 C CD1 . DPN C 2 5  ? 6.746   -0.976  -10.976 1.00 32.47 ? 7   DPN C CD1 1 
HETATM 392 C CD2 . DPN C 2 5  ? 8.453   -0.667  -12.632 1.00 31.23 ? 7   DPN C CD2 1 
HETATM 393 C CE1 . DPN C 2 5  ? 6.292   -2.097  -11.647 1.00 35.62 ? 7   DPN C CE1 1 
HETATM 394 C CE2 . DPN C 2 5  ? 8.001   -1.795  -13.308 1.00 35.88 ? 7   DPN C CE2 1 
HETATM 395 C CZ  . DPN C 2 5  ? 6.921   -2.511  -12.812 1.00 37.56 ? 7   DPN C CZ  1 
HETATM 396 N N   . DLE C 2 6  ? 5.086   2.081   -11.400 1.00 21.48 ? 8   DLE C N   1 
HETATM 397 C CA  . DLE C 2 6  ? 3.671   2.080   -11.065 1.00 22.54 ? 8   DLE C CA  1 
HETATM 398 C CB  . DLE C 2 6  ? 2.823   1.881   -12.314 1.00 26.86 ? 8   DLE C CB  1 
HETATM 399 C CG  . DLE C 2 6  ? 1.319   1.701   -12.152 1.00 29.86 ? 8   DLE C CG  1 
HETATM 400 C CD1 . DLE C 2 6  ? 0.936   0.687   -11.064 1.00 32.42 ? 8   DLE C CD1 1 
HETATM 401 C CD2 . DLE C 2 6  ? 0.729   1.328   -13.517 1.00 33.55 ? 8   DLE C CD2 1 
HETATM 402 C C   . DLE C 2 6  ? 3.265   3.349   -10.316 1.00 19.29 ? 8   DLE C C   1 
HETATM 403 O O   . DLE C 2 6  ? 2.610   3.263   -9.290  1.00 19.86 ? 8   DLE C O   1 
HETATM 404 N N   . DHI C 2 7  ? 3.677   4.524   -10.797 1.00 19.05 ? 9   DHI C N   1 
HETATM 405 C CA  . DHI C 2 7  ? 3.426   5.754   -10.034 1.00 19.72 ? 9   DHI C CA  1 
HETATM 406 C C   . DHI C 2 7  ? 4.096   5.729   -8.653  1.00 18.20 ? 9   DHI C C   1 
HETATM 407 O O   . DHI C 2 7  ? 3.486   6.100   -7.654  1.00 19.16 ? 9   DHI C O   1 
HETATM 408 C CB  . DHI C 2 7  ? 3.847   7.005   -10.804 1.00 22.84 ? 9   DHI C CB  1 
HETATM 409 C CG  . DHI C 2 7  ? 3.435   8.276   -10.132 1.00 24.78 ? 9   DHI C CG  1 
HETATM 410 N ND1 . DHI C 2 7  ? 4.333   9.127   -9.526  1.00 30.93 ? 9   DHI C ND1 1 
HETATM 411 C CD2 . DHI C 2 7  ? 2.209   8.798   -9.903  1.00 28.07 ? 9   DHI C CD2 1 
HETATM 412 C CE1 . DHI C 2 7  ? 3.680   10.140  -8.989  1.00 30.60 ? 9   DHI C CE1 1 
HETATM 413 N NE2 . DHI C 2 7  ? 2.389   9.959   -9.193  1.00 30.44 ? 9   DHI C NE2 1 
HETATM 414 N N   . DAL C 2 8  ? 5.352   5.307   -8.600  1.00 19.29 ? 10  DAL C N   1 
HETATM 415 C CA  . DAL C 2 8  ? 6.052   5.184   -7.315  1.00 19.19 ? 10  DAL C CA  1 
HETATM 416 C CB  . DAL C 2 8  ? 7.485   4.733   -7.518  1.00 20.36 ? 10  DAL C CB  1 
HETATM 417 C C   . DAL C 2 8  ? 5.340   4.216   -6.351  1.00 17.19 ? 10  DAL C C   1 
HETATM 418 O O   . DAL C 2 8  ? 5.293   4.452   -5.140  1.00 18.31 ? 10  DAL C O   1 
HETATM 419 N N   . DAL C 2 9  ? 4.787   3.134   -6.892  1.00 17.73 ? 11  DAL C N   1 
HETATM 420 C CA  . DAL C 2 9  ? 4.058   2.164   -6.067  1.00 17.27 ? 11  DAL C CA  1 
HETATM 421 C CB  . DAL C 2 9  ? 3.701   0.931   -6.883  1.00 20.57 ? 11  DAL C CB  1 
HETATM 422 C C   . DAL C 2 9  ? 2.808   2.771   -5.455  1.00 18.15 ? 11  DAL C C   1 
HETATM 423 O O   . DAL C 2 9  ? 2.494   2.524   -4.284  1.00 18.31 ? 11  DAL C O   1 
HETATM 424 N N   . DLY C 2 10 ? 2.080   3.539   -6.258  1.00 17.08 ? 12  DLY C N   1 
HETATM 425 C CA  . DLY C 2 10 ? 0.864   4.191   -5.775  1.00 18.34 ? 12  DLY C CA  1 
HETATM 426 C C   . DLY C 2 10 ? 1.212   5.181   -4.660  1.00 18.38 ? 12  DLY C C   1 
HETATM 427 O O   . DLY C 2 10 ? 0.541   5.210   -3.633  1.00 19.56 ? 12  DLY C O   1 
HETATM 428 C CB  . DLY C 2 10 ? 0.094   4.865   -6.922  1.00 18.06 ? 12  DLY C CB  1 
HETATM 429 C CG  . DLY C 2 10 ? -0.484  3.924   -7.984  1.00 19.66 ? 12  DLY C CG  1 
HETATM 430 C CD  . DLY C 2 10 ? -1.132  4.694   -9.146  1.00 23.18 ? 12  DLY C CD  1 
HETATM 431 C CE  . DLY C 2 10 ? -1.807  3.749   -10.136 1.00 27.39 ? 12  DLY C CE  1 
HETATM 432 N NZ  . DLY C 2 10 ? -2.472  4.446   -11.278 1.00 30.79 ? 12  DLY C NZ  1 
HETATM 433 N N   . DLY C 2 11 ? 2.287   5.955   -4.844  1.00 17.82 ? 13  DLY C N   1 
HETATM 434 C CA  . DLY C 2 11 ? 2.732   6.919   -3.829  1.00 19.20 ? 13  DLY C CA  1 
HETATM 435 C C   . DLY C 2 11 ? 3.121   6.247   -2.512  1.00 19.88 ? 13  DLY C C   1 
HETATM 436 O O   . DLY C 2 11 ? 2.813   6.745   -1.445  1.00 21.51 ? 13  DLY C O   1 
HETATM 437 C CB  . DLY C 2 11 ? 3.922   7.747   -4.328  1.00 21.80 ? 13  DLY C CB  1 
HETATM 438 C CG  . DLY C 2 11 ? 3.575   8.751   -5.415  1.00 27.55 ? 13  DLY C CG  1 
HETATM 439 C CD  . DLY C 2 11 ? 4.643   9.834   -5.549  1.00 33.14 ? 13  DLY C CD  1 
HETATM 440 C CE  . DLY C 2 11 ? 4.510   10.908  -4.478  1.00 39.58 ? 13  DLY C CE  1 
HETATM 441 N NZ  . DLY C 2 11 ? 3.199   11.631  -4.456  1.00 43.18 ? 13  DLY C NZ  1 
HETATM 442 N N   . DPN C 2 12 ? 3.803   5.112   -2.629  1.00 19.02 ? 14  DPN C N   1 
HETATM 443 C CA  . DPN C 2 12 ? 4.230   4.275   -1.497  1.00 18.49 ? 14  DPN C CA  1 
HETATM 444 C C   . DPN C 2 12 ? 3.009   3.829   -0.681  1.00 18.28 ? 14  DPN C C   1 
HETATM 445 O O   . DPN C 2 12 ? 2.937   4.033   0.532   1.00 18.12 ? 14  DPN C O   1 
HETATM 446 C CB  . DPN C 2 12 ? 5.040   3.076   -2.058  1.00 19.04 ? 14  DPN C CB  1 
HETATM 447 C CG  . DPN C 2 12 ? 5.186   1.896   -1.137  1.00 18.70 ? 14  DPN C CG  1 
HETATM 448 C CD1 . DPN C 2 12 ? 5.919   1.979   0.027   1.00 21.38 ? 14  DPN C CD1 1 
HETATM 449 C CD2 . DPN C 2 12 ? 4.635   0.672   -1.492  1.00 21.63 ? 14  DPN C CD2 1 
HETATM 450 C CE1 . DPN C 2 12 ? 6.072   0.863   0.850   1.00 23.10 ? 14  DPN C CE1 1 
HETATM 451 C CE2 . DPN C 2 12 ? 4.770   -0.431  -0.669  1.00 22.81 ? 14  DPN C CE2 1 
HETATM 452 C CZ  . DPN C 2 12 ? 5.496   -0.333  0.498   1.00 25.03 ? 14  DPN C CZ  1 
HETATM 453 N N   . DAL C 2 13 ? 2.028   3.276   -1.379  1.00 17.36 ? 15  DAL C N   1 
HETATM 454 C CA  . DAL C 2 13 ? 0.784   2.836   -0.754  1.00 19.84 ? 15  DAL C CA  1 
HETATM 455 C CB  . DAL C 2 13 ? -0.054  2.076   -1.759  1.00 20.97 ? 15  DAL C CB  1 
HETATM 456 C C   . DAL C 2 13 ? -0.019  3.993   -0.111  1.00 20.31 ? 15  DAL C C   1 
HETATM 457 O O   . DAL C 2 13 ? -0.488  3.870   1.005   1.00 19.06 ? 15  DAL C O   1 
HETATM 458 N N   . DLY C 2 14 ? -0.097  5.145   -0.782  1.00 18.95 ? 16  DLY C N   1 
HETATM 459 C CA  . DLY C 2 14 ? -0.765  6.322   -0.219  1.00 22.16 ? 16  DLY C CA  1 
HETATM 460 C C   . DLY C 2 14 ? -0.042  6.850   1.011   1.00 19.54 ? 16  DLY C C   1 
HETATM 461 O O   . DLY C 2 14 ? -0.679  7.177   2.012   1.00 21.56 ? 16  DLY C O   1 
HETATM 462 C CB  . DLY C 2 14 ? -0.921  7.421   -1.277  1.00 23.74 ? 16  DLY C CB  1 
HETATM 463 C CG  . DLY C 2 14 ? -1.891  7.027   -2.377  1.00 27.89 ? 16  DLY C CG  1 
HETATM 464 C CD  . DLY C 2 14 ? -1.830  7.985   -3.551  1.00 33.51 ? 16  DLY C CD  1 
HETATM 465 C CE  . DLY C 2 14 ? -2.540  7.406   -4.767  1.00 40.43 ? 16  DLY C CE  1 
HETATM 466 N NZ  . DLY C 2 14 ? -2.337  8.223   -5.999  1.00 46.57 ? 16  DLY C NZ  1 
HETATM 467 N N   . DAL C 2 15 ? 1.287   6.874   0.957   1.00 18.61 ? 17  DAL C N   1 
HETATM 468 C CA  . DAL C 2 15 ? 2.094   7.319   2.101   1.00 18.11 ? 17  DAL C CA  1 
HETATM 469 C CB  . DAL C 2 15 ? 3.569   7.467   1.723   1.00 17.99 ? 17  DAL C CB  1 
HETATM 470 C C   . DAL C 2 15 ? 1.947   6.388   3.313   1.00 18.69 ? 17  DAL C C   1 
HETATM 471 O O   . DAL C 2 15 ? 1.964   6.848   4.456   1.00 19.55 ? 17  DAL C O   1 
HETATM 472 N N   . DPN C 2 16 ? 1.830   5.087   3.058   1.00 17.07 ? 18  DPN C N   1 
HETATM 473 C CA  . DPN C 2 16 ? 1.608   4.127   4.141   1.00 17.46 ? 18  DPN C CA  1 
HETATM 474 C C   . DPN C 2 16 ? 0.282   4.356   4.831   1.00 19.24 ? 18  DPN C C   1 
HETATM 475 O O   . DPN C 2 16 ? 0.234   4.457   6.052   1.00 18.62 ? 18  DPN C O   1 
HETATM 476 C CB  . DPN C 2 16 ? 1.658   2.699   3.620   1.00 18.06 ? 18  DPN C CB  1 
HETATM 477 C CG  . DPN C 2 16 ? 1.588   1.650   4.702   1.00 19.17 ? 18  DPN C CG  1 
HETATM 478 C CD1 . DPN C 2 16 ? 2.468   1.678   5.774   1.00 21.52 ? 18  DPN C CD1 1 
HETATM 479 C CD2 . DPN C 2 16 ? 0.653   0.622   4.635   1.00 21.77 ? 18  DPN C CD2 1 
HETATM 480 C CE1 . DPN C 2 16 ? 2.415   0.704   6.763   1.00 22.19 ? 18  DPN C CE1 1 
HETATM 481 C CE2 . DPN C 2 16 ? 0.591   -0.362  5.630   1.00 22.07 ? 18  DPN C CE2 1 
HETATM 482 C CZ  . DPN C 2 16 ? 1.476   -0.315  6.690   1.00 23.59 ? 18  DPN C CZ  1 
HETATM 483 N N   . DVA C 2 17 ? -0.796  4.412   4.052   1.00 20.30 ? 19  DVA C N   1 
HETATM 484 C CA  . DVA C 2 17 ? -2.118  4.639   4.633   1.00 23.69 ? 19  DVA C CA  1 
HETATM 485 C CB  . DVA C 2 17 ? -3.238  4.585   3.565   1.00 25.88 ? 19  DVA C CB  1 
HETATM 486 C CG1 . DVA C 2 17 ? -4.590  4.939   4.185   1.00 28.71 ? 19  DVA C CG1 1 
HETATM 487 C CG2 . DVA C 2 17 ? -3.260  3.217   2.880   1.00 27.72 ? 19  DVA C CG2 1 
HETATM 488 C C   . DVA C 2 17 ? -2.149  5.957   5.422   1.00 23.09 ? 19  DVA C C   1 
HETATM 489 O O   . DVA C 2 17 ? -2.681  5.999   6.528   1.00 25.38 ? 19  DVA C O   1 
HETATM 490 N N   . DAL C 2 18 ? -1.554  7.016   4.869   1.00 21.70 ? 20  DAL C N   1 
HETATM 491 C CA  . DAL C 2 18 ? -1.469  8.307   5.574   1.00 23.42 ? 20  DAL C CA  1 
HETATM 492 C CB  . DAL C 2 18 ? -0.824  9.377   4.697   1.00 24.36 ? 20  DAL C CB  1 
HETATM 493 C C   . DAL C 2 18 ? -0.727  8.169   6.918   1.00 22.12 ? 20  DAL C C   1 
HETATM 494 O O   . DAL C 2 18 ? -1.155  8.730   7.936   1.00 24.01 ? 20  DAL C O   1 
HETATM 495 N N   . DGL C 2 19 ? 0.368   7.412   6.918   1.00 20.33 ? 21  DGL C N   1 
HETATM 496 C CA  . DGL C 2 19 ? 1.136   7.166   8.132   1.00 20.14 ? 21  DGL C CA  1 
HETATM 497 C C   . DGL C 2 19 ? 0.304   6.521   9.232   1.00 21.27 ? 21  DGL C C   1 
HETATM 498 O O   . DGL C 2 19 ? 0.347   6.950   10.382  1.00 23.82 ? 21  DGL C O   1 
HETATM 499 C CB  . DGL C 2 19 ? 2.360   6.301   7.825   1.00 20.06 ? 21  DGL C CB  1 
HETATM 500 C CG  . DGL C 2 19 ? 3.277   6.118   9.033   1.00 21.48 ? 21  DGL C CG  1 
HETATM 501 C CD  . DGL C 2 19 ? 4.333   5.056   8.857   1.00 24.12 ? 21  DGL C CD  1 
HETATM 502 O OE1 . DGL C 2 19 ? 4.090   4.086   8.125   1.00 21.29 ? 21  DGL C OE1 1 
HETATM 503 O OE2 . DGL C 2 19 ? 5.416   5.193   9.477   1.00 25.50 ? 21  DGL C OE2 1 
HETATM 504 N N   . DIL C 2 20 ? -0.474  5.512   8.869   1.00 21.85 ? 22  DIL C N   1 
HETATM 505 C CA  . DIL C 2 20 ? -1.193  4.705   9.870   1.00 26.30 ? 22  DIL C CA  1 
HETATM 506 C C   . DIL C 2 20 ? -2.513  5.302   10.391  1.00 31.26 ? 22  DIL C C   1 
HETATM 507 O O   . DIL C 2 20 ? -3.109  4.743   11.315  1.00 36.78 ? 22  DIL C O   1 
HETATM 508 C CB  . DIL C 2 20 ? -1.434  3.254   9.374   1.00 26.83 ? 22  DIL C CB  1 
HETATM 509 C CG1 . DIL C 2 20 ? -2.356  3.215   8.162   1.00 30.28 ? 22  DIL C CG1 1 
HETATM 510 C CG2 . DIL C 2 20 ? -0.128  2.531   9.092   1.00 26.51 ? 22  DIL C CG2 1 
HETATM 511 C CD1 . DIL C 2 20 ? -2.724  1.813   7.750   1.00 32.64 ? 22  DIL C CD1 1 
HETATM 512 N N   . MED C 2 21 ? -2.969  6.402   9.796   1.00 30.94 ? 23  MED C N   1 
HETATM 513 C CA  . MED C 2 21 ? -4.136  7.137   10.278  1.00 36.13 ? 23  MED C CA  1 
HETATM 514 C C   . MED C 2 21 ? -3.752  8.445   10.943  1.00 42.51 ? 23  MED C C   1 
HETATM 515 O O   . MED C 2 21 ? -4.604  9.292   11.180  1.00 44.74 ? 23  MED C O   1 
HETATM 516 C CB  . MED C 2 21 ? -5.052  7.436   9.111   1.00 39.51 ? 23  MED C CB  1 
HETATM 517 C CG  . MED C 2 21 ? -5.577  6.183   8.454   1.00 38.38 ? 23  MED C CG  1 
HETATM 518 S SD  . MED C 2 21 ? -6.962  6.597   7.411   1.00 39.68 ? 23  MED C SD  1 
HETATM 519 C CE  . MED C 2 21 ? -6.189  7.748   6.281   1.00 39.78 ? 23  MED C CE  1 
HETATM 520 N N   . DSG C 2 22 ? -2.471  8.612   11.242  1.00 49.97 ? 24  DSG C N   1 
HETATM 521 C CA  . DSG C 2 22 ? -1.993  9.803   11.921  1.00 55.36 ? 24  DSG C CA  1 
HETATM 522 C C   . DSG C 2 22 ? -2.173  9.618   13.428  1.00 64.48 ? 24  DSG C C   1 
HETATM 523 O O   . DSG C 2 22 ? -1.944  8.522   13.958  1.00 67.69 ? 24  DSG C O   1 
HETATM 524 C CB  . DSG C 2 22 ? -0.530  10.071  11.553  1.00 53.29 ? 24  DSG C CB  1 
HETATM 525 C CG  . DSG C 2 22 ? 0.101   11.153  12.404  1.00 50.00 ? 24  DSG C CG  1 
HETATM 526 O OD1 . DSG C 2 22 ? -0.088  12.342  12.140  1.00 46.08 ? 24  DSG C OD1 1 
HETATM 527 N ND2 . DSG C 2 22 ? 0.856   10.750  13.430  1.00 45.35 ? 24  DSG C ND2 1 
HETATM 528 N N   . DSE C 2 23 ? -2.591  10.698  14.096  1.00 74.23 ? 25  DSE C N   1 
HETATM 529 C CA  . DSE C 2 23 ? -2.828  10.738  15.552  1.00 78.44 ? 25  DSE C CA  1 
HETATM 530 C C   . DSE C 2 23 ? -3.877  9.730   16.065  1.00 81.75 ? 25  DSE C C   1 
HETATM 531 O O   . DSE C 2 23 ? -4.084  9.562   17.274  1.00 83.18 ? 25  DSE C O   1 
HETATM 532 O OXT . DSE C 2 23 ? -4.561  9.070   15.283  1.00 74.95 ? 25  DSE C OXT 1 
HETATM 533 C CB  . DSE C 2 23 ? -1.509  10.609  16.325  1.00 82.45 ? 25  DSE C CB  1 
HETATM 534 O OG  . DSE C 2 23 ? -0.999  11.868  16.716  1.00 70.98 ? 25  DSE C OG  1 
ATOM   535 N N   . GLY D 2 1  ? 3.520   10.927  7.084   1.00 27.18 ? 3   GLY D N   1 
ATOM   536 C CA  . GLY D 2 1  ? 4.149   10.330  8.288   1.00 25.17 ? 3   GLY D CA  1 
ATOM   537 C C   . GLY D 2 1  ? 5.250   9.356   7.935   1.00 19.43 ? 3   GLY D C   1 
ATOM   538 O O   . GLY D 2 1  ? 5.457   9.017   6.759   1.00 19.68 ? 3   GLY D O   1 
HETATM 539 N N   . DIL D 2 2  ? 5.974   8.919   8.956   1.00 20.57 ? 4   DIL D N   1 
HETATM 540 C CA  . DIL D 2 2  ? 7.060   7.962   8.785   1.00 20.67 ? 4   DIL D CA  1 
HETATM 541 C C   . DIL D 2 2  ? 8.151   8.418   7.813   1.00 20.03 ? 4   DIL D C   1 
HETATM 542 O O   . DIL D 2 2  ? 8.621   7.619   7.004   1.00 17.90 ? 4   DIL D O   1 
HETATM 543 C CB  . DIL D 2 2  ? 7.627   7.502   10.156  1.00 23.51 ? 4   DIL D CB  1 
HETATM 544 C CG1 . DIL D 2 2  ? 8.652   6.380   9.955   1.00 23.77 ? 4   DIL D CG1 1 
HETATM 545 C CG2 . DIL D 2 2  ? 8.228   8.666   10.947  1.00 23.02 ? 4   DIL D CG2 1 
HETATM 546 C CD1 . DIL D 2 2  ? 9.018   5.659   11.231  1.00 25.17 ? 4   DIL D CD1 1 
ATOM   547 N N   . GLY D 2 3  ? 8.551   9.685   7.868   1.00 21.08 ? 5   GLY D N   1 
ATOM   548 C CA  . GLY D 2 3  ? 9.550   10.200  6.921   1.00 23.32 ? 5   GLY D CA  1 
ATOM   549 C C   . GLY D 2 3  ? 9.098   10.116  5.467   1.00 22.86 ? 5   GLY D C   1 
ATOM   550 O O   . GLY D 2 3  ? 9.838   9.618   4.599   1.00 23.96 ? 5   GLY D O   1 
HETATM 551 N N   . DLY D 2 4  ? 7.866   10.555  5.216   1.00 21.16 ? 6   DLY D N   1 
HETATM 552 C CA  . DLY D 2 4  ? 7.275   10.516  3.874   1.00 23.49 ? 6   DLY D CA  1 
HETATM 553 C C   . DLY D 2 4  ? 7.164   9.068   3.385   1.00 21.24 ? 6   DLY D C   1 
HETATM 554 O O   . DLY D 2 4  ? 7.513   8.749   2.256   1.00 20.02 ? 6   DLY D O   1 
HETATM 555 C CB  . DLY D 2 4  ? 5.897   11.179  3.874   1.00 27.13 ? 6   DLY D CB  1 
HETATM 556 C CG  . DLY D 2 4  ? 5.321   11.432  2.491   1.00 32.09 ? 6   DLY D CG  1 
HETATM 557 C CD  . DLY D 2 4  ? 3.885   11.946  2.548   1.00 38.17 ? 6   DLY D CD  1 
HETATM 558 C CE  . DLY D 2 4  ? 3.816   13.437  2.834   1.00 45.88 ? 6   DLY D CE  1 
HETATM 559 N NZ  . DLY D 2 4  ? 4.318   14.279  1.707   1.00 54.23 ? 6   DLY D NZ  1 
HETATM 560 N N   . DPN D 2 5  ? 6.697   8.184   4.260   1.00 18.15 ? 7   DPN D N   1 
HETATM 561 C CA  . DPN D 2 5  ? 6.549   6.782   3.918   1.00 16.94 ? 7   DPN D CA  1 
HETATM 562 C C   . DPN D 2 5  ? 7.884   6.108   3.596   1.00 15.92 ? 7   DPN D C   1 
HETATM 563 O O   . DPN D 2 5  ? 8.024   5.469   2.554   1.00 18.13 ? 7   DPN D O   1 
HETATM 564 C CB  . DPN D 2 5  ? 5.858   6.038   5.049   1.00 17.07 ? 7   DPN D CB  1 
HETATM 565 C CG  . DPN D 2 5  ? 5.875   4.558   4.871   1.00 18.09 ? 7   DPN D CG  1 
HETATM 566 C CD1 . DPN D 2 5  ? 5.207   3.978   3.793   1.00 18.26 ? 7   DPN D CD1 1 
HETATM 567 C CD2 . DPN D 2 5  ? 6.596   3.735   5.733   1.00 17.83 ? 7   DPN D CD2 1 
HETATM 568 C CE1 . DPN D 2 5  ? 5.238   2.599   3.592   1.00 20.11 ? 7   DPN D CE1 1 
HETATM 569 C CE2 . DPN D 2 5  ? 6.636   2.364   5.524   1.00 19.33 ? 7   DPN D CE2 1 
HETATM 570 C CZ  . DPN D 2 5  ? 5.956   1.797   4.464   1.00 19.15 ? 7   DPN D CZ  1 
HETATM 571 N N   . DLE D 2 6  ? 8.882   6.267   4.459   1.00 19.07 ? 8   DLE D N   1 
HETATM 572 C CA  . DLE D 2 6  ? 10.171  5.632   4.186   1.00 21.00 ? 8   DLE D CA  1 
HETATM 573 C CB  . DLE D 2 6  ? 11.107  5.764   5.388   1.00 22.33 ? 8   DLE D CB  1 
HETATM 574 C CG  . DLE D 2 6  ? 10.725  4.956   6.638   1.00 25.47 ? 8   DLE D CG  1 
HETATM 575 C CD1 . DLE D 2 6  ? 11.668  5.271   7.804   1.00 28.01 ? 8   DLE D CD1 1 
HETATM 576 C CD2 . DLE D 2 6  ? 10.651  3.447   6.369   1.00 28.98 ? 8   DLE D CD2 1 
HETATM 577 C C   . DLE D 2 6  ? 10.818  6.168   2.899   1.00 20.72 ? 8   DLE D C   1 
HETATM 578 O O   . DLE D 2 6  ? 11.419  5.403   2.140   1.00 21.72 ? 8   DLE D O   1 
HETATM 579 N N   . DHI D 2 7  ? 10.681  7.468   2.641   1.00 19.62 ? 9   DHI D N   1 
HETATM 580 C CA  . DHI D 2 7  ? 11.177  8.019   1.388   1.00 22.19 ? 9   DHI D CA  1 
HETATM 581 C C   . DHI D 2 7  ? 10.455  7.424   0.180   1.00 20.48 ? 9   DHI D C   1 
HETATM 582 O O   . DHI D 2 7  ? 11.085  7.036   -0.802  1.00 21.75 ? 9   DHI D O   1 
HETATM 583 C CB  . DHI D 2 7  ? 11.030  9.528   1.375   1.00 25.38 ? 9   DHI D CB  1 
HETATM 584 C CG  . DHI D 2 7  ? 11.618  10.159  0.160   1.00 28.68 ? 9   DHI D CG  1 
HETATM 585 N ND1 . DHI D 2 7  ? 10.850  10.689  -0.851  1.00 31.22 ? 9   DHI D ND1 1 
HETATM 586 C CD2 . DHI D 2 7  ? 12.906  10.306  -0.225  1.00 30.81 ? 9   DHI D CD2 1 
HETATM 587 C CE1 . DHI D 2 7  ? 11.643  11.160  -1.798  1.00 32.13 ? 9   DHI D CE1 1 
HETATM 588 N NE2 . DHI D 2 7  ? 12.893  10.935  -1.443  1.00 34.49 ? 9   DHI D NE2 1 
HETATM 589 N N   . DAL D 2 8  ? 9.134   7.354   0.252   1.00 18.40 ? 10  DAL D N   1 
HETATM 590 C CA  . DAL D 2 8  ? 8.337   6.803   -0.851  1.00 19.40 ? 10  DAL D CA  1 
HETATM 591 C CB  . DAL D 2 8  ? 6.844   7.017   -0.615  1.00 20.51 ? 10  DAL D CB  1 
HETATM 592 C C   . DAL D 2 8  ? 8.643   5.316   -1.082  1.00 17.96 ? 10  DAL D C   1 
HETATM 593 O O   . DAL D 2 8  ? 8.689   4.857   -2.222  1.00 18.81 ? 10  DAL D O   1 
HETATM 594 N N   . DAL D 2 9  ? 8.860   4.580   0.005   1.00 17.59 ? 11  DAL D N   1 
HETATM 595 C CA  . DAL D 2 9  ? 9.250   3.170   -0.087  1.00 19.66 ? 11  DAL D CA  1 
HETATM 596 C CB  . DAL D 2 9  ? 9.323   2.539   1.296   1.00 22.08 ? 11  DAL D CB  1 
HETATM 597 C C   . DAL D 2 9  ? 10.586  3.002   -0.822  1.00 21.42 ? 11  DAL D C   1 
HETATM 598 O O   . DAL D 2 9  ? 10.698  2.157   -1.709  1.00 21.29 ? 11  DAL D O   1 
HETATM 599 N N   . DLY D 2 10 ? 11.581  3.814   -0.450  1.00 22.86 ? 12  DLY D N   1 
HETATM 600 C CA  . DLY D 2 10 ? 12.901  3.814   -1.103  1.00 25.39 ? 12  DLY D CA  1 
HETATM 601 C C   . DLY D 2 10 ? 12.750  4.114   -2.593  1.00 23.82 ? 12  DLY D C   1 
HETATM 602 O O   . DLY D 2 10 ? 13.345  3.427   -3.427  1.00 22.09 ? 12  DLY D O   1 
HETATM 603 C CB  . DLY D 2 10 ? 13.834  4.866   -0.463  1.00 30.95 ? 12  DLY D CB  1 
HETATM 604 C CG  . DLY D 2 10 ? 15.240  4.955   -1.083  1.00 37.73 ? 12  DLY D CG  1 
HETATM 605 C CD  . DLY D 2 10 ? 15.904  6.323   -0.905  1.00 48.53 ? 12  DLY D CD  1 
HETATM 606 C CE  . DLY D 2 10 ? 16.576  6.465   0.453   1.00 55.78 ? 12  DLY D CE  1 
HETATM 607 N NZ  . DLY D 2 10 ? 17.156  7.822   0.679   1.00 62.19 ? 12  DLY D NZ  1 
HETATM 608 N N   . DLY D 2 11 ? 11.970  5.144   -2.920  1.00 21.28 ? 13  DLY D N   1 
HETATM 609 C CA  . DLY D 2 11 ? 11.775  5.547   -4.320  1.00 21.56 ? 13  DLY D CA  1 
HETATM 610 C C   . DLY D 2 11 ? 11.096  4.443   -5.149  1.00 19.64 ? 13  DLY D C   1 
HETATM 611 O O   . DLY D 2 11 ? 11.468  4.216   -6.287  1.00 18.60 ? 13  DLY D O   1 
HETATM 612 C CB  . DLY D 2 11 ? 10.976  6.849   -4.423  1.00 25.35 ? 13  DLY D CB  1 
HETATM 613 C CG  . DLY D 2 11 ? 11.743  8.107   -4.027  1.00 31.48 ? 13  DLY D CG  1 
HETATM 614 C CD  . DLY D 2 11 ? 12.457  8.784   -5.204  1.00 37.98 ? 13  DLY D CD  1 
HETATM 615 C CE  . DLY D 2 11 ? 13.862  8.249   -5.435  1.00 45.42 ? 13  DLY D CE  1 
HETATM 616 N NZ  . DLY D 2 11 ? 14.802  8.535   -4.309  1.00 52.03 ? 13  DLY D NZ  1 
HETATM 617 N N   . DPN D 2 12 ? 10.119  3.749   -4.560  1.00 19.27 ? 14  DPN D N   1 
HETATM 618 C CA  . DPN D 2 12 ? 9.472   2.599   -5.219  1.00 18.89 ? 14  DPN D CA  1 
HETATM 619 C C   . DPN D 2 12 ? 10.467  1.470   -5.502  1.00 16.86 ? 14  DPN D C   1 
HETATM 620 O O   . DPN D 2 12 ? 10.564  1.020   -6.629  1.00 18.64 ? 14  DPN D O   1 
HETATM 621 C CB  . DPN D 2 12 ? 8.275   2.075   -4.407  1.00 19.62 ? 14  DPN D CB  1 
HETATM 622 C CG  . DPN D 2 12 ? 7.745   0.751   -4.895  1.00 19.79 ? 14  DPN D CG  1 
HETATM 623 C CD1 . DPN D 2 12 ? 7.442   0.562   -6.245  1.00 22.43 ? 14  DPN D CD1 1 
HETATM 624 C CD2 . DPN D 2 12 ? 7.603   -0.324  -4.025  1.00 25.65 ? 14  DPN D CD2 1 
HETATM 625 C CE1 . DPN D 2 12 ? 7.015   -0.666  -6.719  1.00 22.51 ? 14  DPN D CE1 1 
HETATM 626 C CE2 . DPN D 2 12 ? 7.140   -1.551  -4.492  1.00 27.75 ? 14  DPN D CE2 1 
HETATM 627 C CZ  . DPN D 2 12 ? 6.851   -1.721  -5.834  1.00 26.56 ? 14  DPN D CZ  1 
HETATM 628 N N   . DAL D 2 13 ? 11.222  1.044   -4.489  1.00 18.17 ? 15  DAL D N   1 
HETATM 629 C CA  . DAL D 2 13 ? 12.248  0.001   -4.690  1.00 23.08 ? 15  DAL D CA  1 
HETATM 630 C CB  . DAL D 2 13 ? 12.924  -0.359  -3.378  1.00 24.64 ? 15  DAL D CB  1 
HETATM 631 C C   . DAL D 2 13 ? 13.301  0.396   -5.765  1.00 22.10 ? 15  DAL D C   1 
HETATM 632 O O   . DAL D 2 13 ? 13.640  -0.425  -6.621  1.00 19.85 ? 15  DAL D O   1 
HETATM 633 N N   . DLY D 2 14 ? 13.790  1.647   -5.719  1.00 20.74 ? 16  DLY D N   1 
HETATM 634 C CA  . DLY D 2 14 ? 14.737  2.197   -6.713  1.00 21.48 ? 16  DLY D CA  1 
HETATM 635 C C   . DLY D 2 14 ? 14.132  2.191   -8.128  1.00 18.25 ? 16  DLY D C   1 
HETATM 636 O O   . DLY D 2 14 ? 14.775  1.769   -9.093  1.00 19.48 ? 16  DLY D O   1 
HETATM 637 C CB  . DLY D 2 14 ? 15.181  3.629   -6.333  1.00 23.13 ? 16  DLY D CB  1 
HETATM 638 N N   . DAL D 2 15 ? 12.877  2.616   -8.244  1.00 17.90 ? 17  DAL D N   1 
HETATM 639 C CA  . DAL D 2 15 ? 12.197  2.647   -9.547  1.00 19.11 ? 17  DAL D CA  1 
HETATM 640 C CB  . DAL D 2 15 ? 10.870  3.383   -9.470  1.00 19.22 ? 17  DAL D CB  1 
HETATM 641 C C   . DAL D 2 15 ? 11.997  1.225   -10.089 1.00 18.03 ? 17  DAL D C   1 
HETATM 642 O O   . DAL D 2 15 ? 12.224  0.959   -11.260 1.00 18.60 ? 17  DAL D O   1 
HETATM 643 N N   . DPN D 2 16 ? 11.624  0.286   -9.222  1.00 17.89 ? 18  DPN D N   1 
HETATM 644 C CA  . DPN D 2 16 ? 11.451  -1.079  -9.663  1.00 18.63 ? 18  DPN D CA  1 
HETATM 645 C C   . DPN D 2 16 ? 12.764  -1.698  -10.165 1.00 19.03 ? 18  DPN D C   1 
HETATM 646 O O   . DPN D 2 16 ? 12.809  -2.284  -11.246 1.00 21.00 ? 18  DPN D O   1 
HETATM 647 C CB  . DPN D 2 16 ? 10.868  -1.923  -8.550  1.00 20.80 ? 18  DPN D CB  1 
HETATM 648 C CG  . DPN D 2 16 ? 10.744  -3.355  -8.931  1.00 23.20 ? 18  DPN D CG  1 
HETATM 649 C CD1 . DPN D 2 16 ? 9.753   -3.747  -9.817  1.00 26.21 ? 18  DPN D CD1 1 
HETATM 650 C CD2 . DPN D 2 16 ? 11.668  -4.297  -8.480  1.00 23.87 ? 18  DPN D CD2 1 
HETATM 651 C CE1 . DPN D 2 16 ? 9.654   -5.071  -10.208 1.00 29.21 ? 18  DPN D CE1 1 
HETATM 652 C CE2 . DPN D 2 16 ? 11.573  -5.616  -8.876  1.00 25.84 ? 18  DPN D CE2 1 
HETATM 653 C CZ  . DPN D 2 16 ? 10.563  -6.000  -9.734  1.00 26.44 ? 18  DPN D CZ  1 
HETATM 654 N N   . DVA D 2 17 ? 13.833  -1.550  -9.383  1.00 19.37 ? 19  DVA D N   1 
HETATM 655 C CA  . DVA D 2 17 ? 15.152  -2.074  -9.768  1.00 21.89 ? 19  DVA D CA  1 
HETATM 656 C CB  . DVA D 2 17 ? 16.159  -1.843  -8.613  1.00 23.89 ? 19  DVA D CB  1 
HETATM 657 C CG1 . DVA D 2 17 ? 15.801  -2.762  -7.436  1.00 26.00 ? 19  DVA D CG1 1 
HETATM 658 C CG2 . DVA D 2 17 ? 17.612  -1.984  -9.058  1.00 27.55 ? 19  DVA D CG2 1 
HETATM 659 C C   . DVA D 2 17 ? 15.603  -1.476  -11.103 1.00 21.69 ? 19  DVA D C   1 
HETATM 660 O O   . DVA D 2 17 ? 16.042  -2.206  -11.994 1.00 23.40 ? 19  DVA D O   1 
HETATM 661 N N   . DAL D 2 18 ? 15.468  -0.158  -11.252 1.00 20.89 ? 20  DAL D N   1 
HETATM 662 C CA  . DAL D 2 18 ? 15.893  0.497   -12.491 1.00 24.27 ? 20  DAL D CA  1 
HETATM 663 C CB  . DAL D 2 18 ? 15.659  2.005   -12.438 1.00 23.93 ? 20  DAL D CB  1 
HETATM 664 C C   . DAL D 2 18 ? 15.192  -0.128  -13.694 1.00 24.81 ? 20  DAL D C   1 
HETATM 665 O O   . DAL D 2 18 ? 15.830  -0.451  -14.697 1.00 30.48 ? 20  DAL D O   1 
HETATM 666 N N   . DGL D 2 19 ? 13.889  -0.349  -13.576 1.00 22.69 ? 21  DGL D N   1 
HETATM 667 C CA  . DGL D 2 19 ? 13.128  -0.869  -14.690 1.00 25.28 ? 21  DGL D CA  1 
HETATM 668 C C   . DGL D 2 19 ? 13.407  -2.353  -14.926 1.00 22.13 ? 21  DGL D C   1 
HETATM 669 O O   . DGL D 2 19 ? 13.662  -2.763  -16.052 1.00 22.00 ? 21  DGL D O   1 
HETATM 670 C CB  . DGL D 2 19 ? 11.635  -0.601  -14.500 1.00 30.57 ? 21  DGL D CB  1 
HETATM 671 C CG  . DGL D 2 19 ? 10.838  -0.682  -15.793 1.00 37.40 ? 21  DGL D CG  1 
HETATM 672 C CD  . DGL D 2 19 ? 11.443  0.171   -16.905 1.00 44.06 ? 21  DGL D CD  1 
HETATM 673 O OE1 . DGL D 2 19 ? 11.603  -0.340  -18.035 1.00 54.51 ? 21  DGL D OE1 1 
HETATM 674 O OE2 . DGL D 2 19 ? 11.805  1.342   -16.634 1.00 45.58 ? 21  DGL D OE2 1 
HETATM 675 N N   . DIL D 2 20 ? 13.405  -3.149  -13.864 1.00 21.05 ? 22  DIL D N   1 
HETATM 676 C CA  . DIL D 2 20 ? 13.579  -4.590  -14.015 1.00 21.47 ? 22  DIL D CA  1 
HETATM 677 C C   . DIL D 2 20 ? 14.981  -4.970  -14.537 1.00 20.88 ? 22  DIL D C   1 
HETATM 678 O O   . DIL D 2 20 ? 15.100  -5.963  -15.248 1.00 20.21 ? 22  DIL D O   1 
HETATM 679 C CB  . DIL D 2 20 ? 13.204  -5.341  -12.702 1.00 22.59 ? 22  DIL D CB  1 
HETATM 680 C CG1 . DIL D 2 20 ? 12.779  -6.779  -12.997 1.00 26.31 ? 22  DIL D CG1 1 
HETATM 681 C CG2 . DIL D 2 20 ? 14.334  -5.338  -11.679 1.00 24.23 ? 22  DIL D CG2 1 
HETATM 682 C CD1 . DIL D 2 20 ? 11.469  -6.926  -13.724 1.00 29.73 ? 22  DIL D CD1 1 
HETATM 683 N N   . MED D 2 21 ? 16.016  -4.180  -14.212 1.00 19.93 ? 23  MED D N   1 
HETATM 684 C CA  . MED D 2 21 ? 17.408  -4.433  -14.671 1.00 21.24 ? 23  MED D CA  1 
HETATM 685 C C   . MED D 2 21 ? 17.476  -4.514  -16.189 1.00 21.37 ? 23  MED D C   1 
HETATM 686 O O   . MED D 2 21 ? 18.353  -5.195  -16.743 1.00 23.78 ? 23  MED D O   1 
HETATM 687 C CB  . MED D 2 21 ? 18.386  -3.332  -14.181 1.00 27.51 ? 23  MED D CB  1 
HETATM 688 C CG  . MED D 2 21 ? 19.172  -3.529  -12.875 1.00 31.65 ? 23  MED D CG  1 
HETATM 689 S SD  . MED D 2 21 ? 18.812  -4.974  -11.863 1.00 37.41 ? 23  MED D SD  1 
HETATM 690 C CE  . MED D 2 21 ? 19.380  -4.459  -10.256 1.00 40.74 ? 23  MED D CE  1 
HETATM 691 N N   . DSG D 2 22 ? 16.563  -3.835  -16.874 1.00 23.93 ? 24  DSG D N   1 
HETATM 692 C CA  . DSG D 2 22 ? 16.554  -3.889  -18.341 1.00 25.94 ? 24  DSG D CA  1 
HETATM 693 C C   . DSG D 2 22 ? 16.065  -5.226  -18.926 1.00 27.89 ? 24  DSG D C   1 
HETATM 694 O O   . DSG D 2 22 ? 16.196  -5.441  -20.122 1.00 31.66 ? 24  DSG D O   1 
HETATM 695 C CB  . DSG D 2 22 ? 15.780  -2.694  -18.921 1.00 27.49 ? 24  DSG D CB  1 
HETATM 696 C CG  . DSG D 2 22 ? 16.418  -1.352  -18.557 1.00 30.40 ? 24  DSG D CG  1 
HETATM 697 O OD1 . DSG D 2 22 ? 17.652  -1.238  -18.404 1.00 31.67 ? 24  DSG D OD1 1 
HETATM 698 N ND2 . DSG D 2 22 ? 15.586  -0.332  -18.402 1.00 30.90 ? 24  DSG D ND2 1 
HETATM 699 N N   . DSE D 2 23 ? 15.532  -6.129  -18.088 1.00 26.08 ? 25  DSE D N   1 
HETATM 700 C CA  . DSE D 2 23 ? 15.199  -7.493  -18.514 1.00 25.21 ? 25  DSE D CA  1 
HETATM 701 C C   . DSE D 2 23 ? 16.246  -8.508  -18.051 1.00 26.32 ? 25  DSE D C   1 
HETATM 702 O O   . DSE D 2 23 ? 16.015  -9.707  -18.219 1.00 25.84 ? 25  DSE D O   1 
HETATM 703 O OXT . DSE D 2 23 ? 17.322  -8.168  -17.518 1.00 23.61 ? 25  DSE D OXT 1 
HETATM 704 C CB  . DSE D 2 23 ? 13.821  -7.883  -17.979 1.00 31.58 ? 25  DSE D CB  1 
HETATM 705 O OG  . DSE D 2 23 ? 12.822  -7.128  -18.622 1.00 37.29 ? 25  DSE D OG  1 
HETATM 706 O O   . HOH E 3 .  ? -0.043  -7.948  10.062  1.00 37.14 ? 101 HOH A O   1 
HETATM 707 O O   . HOH E 3 .  ? -5.427  -11.949 7.181   1.00 61.35 ? 102 HOH A O   1 
HETATM 708 O O   . HOH E 3 .  ? -8.866  -2.204  13.951  1.00 30.43 ? 103 HOH A O   1 
HETATM 709 O O   . HOH E 3 .  ? -2.720  -9.459  -5.240  1.00 23.78 ? 104 HOH A O   1 
HETATM 710 O O   . HOH E 3 .  ? 3.489   -8.910  -2.096  1.00 33.88 ? 105 HOH A O   1 
HETATM 711 O O   . HOH E 3 .  ? -3.085  -9.805  0.925   1.00 46.17 ? 106 HOH A O   1 
HETATM 712 O O   . HOH E 3 .  ? -8.481  -7.264  9.621   1.00 53.05 ? 107 HOH A O   1 
HETATM 713 O O   . HOH E 3 .  ? 0.593   -8.639  6.454   1.00 51.57 ? 108 HOH A O   1 
HETATM 714 O O   . HOH E 3 .  ? -5.426  -12.763 9.889   1.00 94.23 ? 109 HOH A O   1 
HETATM 715 O O   . HOH E 3 .  ? -2.019  -12.849 7.312   1.00 42.34 ? 110 HOH A O   1 
HETATM 716 O O   . HOH E 3 .  ? 1.092   -11.067 7.985   1.00 66.80 ? 111 HOH A O   1 
HETATM 717 O O   . HOH E 3 .  ? -4.347  -14.672 7.702   1.00 53.16 ? 112 HOH A O   1 
HETATM 718 O O   . HOH E 3 .  ? 5.075   -8.702  0.444   1.00 34.80 ? 113 HOH A O   1 
HETATM 719 O O   . HOH E 3 .  ? 0.492   -16.071 2.396   1.00 51.18 ? 114 HOH A O   1 
HETATM 720 O O   . HOH E 3 .  ? -3.987  -16.103 5.180   1.00 46.50 ? 115 HOH A O   1 
HETATM 721 O O   . HOH F 3 .  ? -11.739 4.845   17.264  1.00 38.93 ? 101 HOH B O   1 
HETATM 722 O O   . HOH F 3 .  ? -6.975  -6.115  3.710   1.00 22.09 ? 102 HOH B O   1 
HETATM 723 O O   . HOH F 3 .  ? -7.346  -10.670 -0.547  1.00 35.13 ? 103 HOH B O   1 
HETATM 724 O O   . HOH F 3 .  ? -6.276  -12.115 -7.806  1.00 31.56 ? 104 HOH B O   1 
HETATM 725 O O   . HOH F 3 .  ? -0.631  -11.703 -8.346  1.00 42.08 ? 105 HOH B O   1 
HETATM 726 O O   . HOH F 3 .  ? -6.841  -11.873 -10.311 1.00 41.27 ? 106 HOH B O   1 
HETATM 727 O O   . HOH F 3 .  ? -6.989  -14.819 -7.037  1.00 67.08 ? 107 HOH B O   1 
HETATM 728 O O   . HOH F 3 .  ? -10.968 -14.644 -11.030 1.00 38.63 ? 108 HOH B O   1 
HETATM 729 O O   . HOH F 3 .  ? -12.802 -15.221 -8.797  1.00 71.45 ? 109 HOH B O   1 
HETATM 730 O O   . HOH G 3 .  ? 7.206   6.152   -4.149  1.00 20.36 ? 101 HOH C O   1 
HETATM 731 O O   . HOH G 3 .  ? 7.597   7.557   -10.247 1.00 37.60 ? 102 HOH C O   1 
HETATM 732 O O   . HOH G 3 .  ? 2.597   9.558   -1.154  1.00 31.37 ? 103 HOH C O   1 
HETATM 733 O O   . HOH G 3 .  ? -3.443  8.142   1.694   1.00 39.59 ? 104 HOH C O   1 
HETATM 734 O O   . HOH G 3 .  ? 0.397   11.830  -7.877  1.00 42.03 ? 105 HOH C O   1 
HETATM 735 O O   . HOH G 3 .  ? -2.504  11.449  7.856   1.00 45.66 ? 106 HOH C O   1 
HETATM 736 O O   . HOH G 3 .  ? 14.178  5.407   -10.173 1.00 46.93 ? 107 HOH C O   1 
HETATM 737 O O   . HOH G 3 .  ? 0.953   10.602  1.040   1.00 43.79 ? 108 HOH C O   1 
HETATM 738 O O   . HOH G 3 .  ? 5.167   11.403  -1.069  1.00 78.95 ? 109 HOH C O   1 
HETATM 739 O O   . HOH G 3 .  ? -1.271  16.317  -3.197  1.00 60.55 ? 110 HOH C O   1 
HETATM 740 O O   . HOH G 3 .  ? -8.043  15.422  10.858  1.00 67.98 ? 111 HOH C O   1 
HETATM 741 O O   . HOH H 3 .  ? 18.203  -0.065  -15.692 1.00 30.93 ? 101 HOH D O   1 
HETATM 742 O O   . HOH H 3 .  ? 2.860   9.442   4.911   1.00 29.53 ? 102 HOH D O   1 
HETATM 743 O O   . HOH H 3 .  ? 11.718  2.952   -13.181 1.00 28.65 ? 103 HOH D O   1 
HETATM 744 O O   . HOH H 3 .  ? 7.833   10.602  0.147   1.00 41.09 ? 104 HOH D O   1 
HETATM 745 O O   . HOH H 3 .  ? 12.671  9.405   5.015   1.00 36.95 ? 105 HOH D O   1 
HETATM 746 O O   . HOH H 3 .  ? 17.646  1.928   -9.103  1.00 32.16 ? 106 HOH D O   1 
HETATM 747 O O   . HOH H 3 .  ? 7.649   11.974  9.370   1.00 27.61 ? 107 HOH D O   1 
HETATM 748 O O   . HOH H 3 .  ? 12.772  6.255   -7.858  1.00 30.74 ? 108 HOH D O   1 
HETATM 749 O O   . HOH H 3 .  ? 6.432   12.195  7.135   1.00 32.41 ? 109 HOH D O   1 
HETATM 750 O O   . HOH H 3 .  ? 6.936   15.513  -0.101  1.00 51.03 ? 110 HOH D O   1 
# 
loop_
_atom_site_anisotrop.id 
_atom_site_anisotrop.type_symbol 
_atom_site_anisotrop.pdbx_label_atom_id 
_atom_site_anisotrop.pdbx_label_alt_id 
_atom_site_anisotrop.pdbx_label_comp_id 
_atom_site_anisotrop.pdbx_label_asym_id 
_atom_site_anisotrop.pdbx_label_seq_id 
_atom_site_anisotrop.pdbx_PDB_ins_code 
_atom_site_anisotrop.U[1][1] 
_atom_site_anisotrop.U[2][2] 
_atom_site_anisotrop.U[3][3] 
_atom_site_anisotrop.U[1][2] 
_atom_site_anisotrop.U[1][3] 
_atom_site_anisotrop.U[2][3] 
_atom_site_anisotrop.pdbx_auth_seq_id 
_atom_site_anisotrop.pdbx_auth_comp_id 
_atom_site_anisotrop.pdbx_auth_asym_id 
_atom_site_anisotrop.pdbx_auth_atom_id 
1   N N   . GLY A 1  ? 0.7485 0.8562 0.7033 0.0107  -0.0324 -0.0142 3   GLY A N   
2   C CA  . GLY A 1  ? 0.7363 0.7677 0.5623 0.0079  0.0448  -0.0053 3   GLY A CA  
3   C C   . GLY A 1  ? 0.5414 0.6879 0.5575 -0.0168 0.0151  -0.0231 3   GLY A C   
4   O O   . GLY A 1  ? 0.5912 0.7834 0.6155 0.1162  -0.1028 -0.0791 3   GLY A O   
5   N N   . ILE A 2  ? 0.5155 0.4313 0.2615 0.0460  0.0453  -0.0449 4   ILE A N   
6   C CA  . ILE A 2  ? 0.4631 0.4141 0.2611 0.0306  0.0370  -0.0434 4   ILE A CA  
7   C C   . ILE A 2  ? 0.4090 0.4019 0.0753 -0.0284 0.0684  0.0074  4   ILE A C   
8   O O   . ILE A 2  ? 0.4178 0.2390 0.0738 -0.0237 0.0519  0.0157  4   ILE A O   
9   C CB  . ILE A 2  ? 0.4887 0.4541 0.3879 -0.0037 0.0266  -0.0311 4   ILE A CB  
10  C CG1 . ILE A 2  ? 0.4925 0.4743 0.4154 0.0069  0.0118  -0.0054 4   ILE A CG1 
11  C CG2 . ILE A 2  ? 0.5040 0.4425 0.4006 -0.0074 0.0046  -0.0193 4   ILE A CG2 
12  C CD1 . ILE A 2  ? 0.4688 0.5034 0.4639 -0.0024 0.0062  -0.0087 4   ILE A CD1 
13  N N   . GLY A 3  ? 0.5581 0.4547 0.1053 0.0352  0.0694  -0.0057 5   GLY A N   
14  C CA  . GLY A 3  ? 0.4496 0.4301 0.2616 0.0068  0.0870  -0.0204 5   GLY A CA  
15  C C   . GLY A 3  ? 0.4199 0.3803 0.2812 -0.0159 0.0579  0.0241  5   GLY A C   
16  O O   . GLY A 3  ? 0.3431 0.4329 0.2829 -0.0307 0.0505  0.0264  5   GLY A O   
17  N N   . LYS A 4  ? 0.4213 0.4448 0.3603 -0.0400 0.0835  0.0532  6   LYS A N   
18  C CA  . LYS A 4  ? 0.4071 0.3819 0.3802 -0.0453 0.0756  0.0622  6   LYS A CA  
19  C C   . LYS A 4  ? 0.3348 0.3824 0.3239 -0.0183 0.0684  0.0306  6   LYS A C   
20  O O   . LYS A 4  ? 0.3224 0.3192 0.3297 -0.0446 0.0769  0.0322  6   LYS A O   
21  C CB  . LYS A 4  ? 0.3888 0.5156 0.4645 -0.0051 0.0560  0.0105  6   LYS A CB  
22  C CG  . LYS A 4  ? 0.5842 0.5738 0.5648 -0.0115 0.0296  0.0764  6   LYS A CG  
23  C CD  . LYS A 4  ? 0.7256 0.6841 0.6903 -0.0291 0.0110  -0.0227 6   LYS A CD  
24  C CE  . LYS A 4  ? 0.8379 0.7760 0.8014 -0.0515 0.0226  0.0525  6   LYS A CE  
25  N NZ  . LYS A 4  ? 0.8499 0.9325 0.8821 -0.0547 0.0412  0.0073  6   LYS A NZ  
26  N N   . PHE A 5  ? 0.2815 0.3981 0.3143 -0.0291 0.0706  0.0155  7   PHE A N   
27  C CA  . PHE A 5  ? 0.2949 0.3478 0.3273 -0.0335 0.0356  0.0012  7   PHE A CA  
28  C C   . PHE A 5  ? 0.2821 0.2871 0.2983 -0.0277 0.0149  -0.0091 7   PHE A C   
29  O O   . PHE A 5  ? 0.2480 0.2993 0.2989 -0.0072 0.0428  -0.0207 7   PHE A O   
30  C CB  . PHE A 5  ? 0.3197 0.3840 0.3822 -0.0270 0.0438  -0.0373 7   PHE A CB  
31  C CG  . PHE A 5  ? 0.3066 0.3807 0.4285 0.0302  0.0191  -0.0016 7   PHE A CG  
32  C CD1 . PHE A 5  ? 0.2986 0.4389 0.4630 -0.0069 0.0009  0.0059  7   PHE A CD1 
33  C CD2 . PHE A 5  ? 0.2979 0.4289 0.4274 0.0206  0.0194  -0.0231 7   PHE A CD2 
34  C CE1 . PHE A 5  ? 0.3766 0.4634 0.4733 0.0016  0.0057  0.0250  7   PHE A CE1 
35  C CE2 . PHE A 5  ? 0.3659 0.4143 0.4973 0.0226  0.0123  -0.0029 7   PHE A CE2 
36  C CZ  . PHE A 5  ? 0.4374 0.4177 0.4880 0.0115  -0.0044 -0.0029 7   PHE A CZ  
37  N N   . LEU A 6  ? 0.3052 0.2839 0.2293 -0.0055 0.0320  -0.0232 8   LEU A N   
38  C CA  A LEU A 6  ? 0.2835 0.2837 0.2612 -0.0201 -0.0026 0.0110  8   LEU A CA  
39  C CA  B LEU A 6  ? 0.2873 0.2859 0.2680 -0.0211 0.0047  0.0104  8   LEU A CA  
40  C C   . LEU A 6  ? 0.2373 0.2712 0.2098 -0.0371 -0.0196 0.0252  8   LEU A C   
41  O O   . LEU A 6  ? 0.2429 0.2345 0.2335 -0.0498 -0.0029 0.0260  8   LEU A O   
42  C CB  A LEU A 6  ? 0.2956 0.2904 0.2585 -0.0210 -0.0069 0.0083  8   LEU A CB  
43  C CB  B LEU A 6  ? 0.3002 0.3146 0.2681 -0.0254 -0.0011 0.0169  8   LEU A CB  
44  C CG  A LEU A 6  ? 0.2874 0.2938 0.2568 -0.0158 -0.0287 0.0085  8   LEU A CG  
45  C CG  B LEU A 6  ? 0.3228 0.3156 0.3057 -0.0202 -0.0028 0.0078  8   LEU A CG  
46  C CD1 A LEU A 6  ? 0.2948 0.3045 0.2924 -0.0072 -0.0288 0.0317  8   LEU A CD1 
47  C CD1 B LEU A 6  ? 0.3285 0.3523 0.3318 -0.0175 -0.0234 0.0034  8   LEU A CD1 
48  C CD2 A LEU A 6  ? 0.2570 0.2855 0.2872 -0.0186 -0.0472 0.0083  8   LEU A CD2 
49  C CD2 B LEU A 6  ? 0.3422 0.3152 0.3360 -0.0153 0.0073  0.0161  8   LEU A CD2 
50  N N   . HIS A 7  ? 0.2677 0.2883 0.2078 -0.0237 0.0082  0.0439  9   HIS A N   
51  C CA  . HIS A 7  ? 0.2492 0.2865 0.2196 -0.0314 0.0226  0.0504  9   HIS A CA  
52  C C   . HIS A 7  ? 0.2193 0.2174 0.2453 -0.0361 -0.0007 0.0501  9   HIS A C   
53  O O   . HIS A 7  ? 0.2331 0.1826 0.2282 -0.0177 0.0151  0.1137  9   HIS A O   
54  C CB  . HIS A 7  ? 0.3066 0.2780 0.2529 -0.0243 0.0264  0.0641  9   HIS A CB  
55  C CG  . HIS A 7  ? 0.3409 0.2650 0.2439 -0.0338 0.0132  0.0826  9   HIS A CG  
56  N ND1 . HIS A 7  ? 0.3744 0.2773 0.2664 0.0071  0.0157  0.0935  9   HIS A ND1 
57  C CD2 . HIS A 7  ? 0.3356 0.2944 0.3412 -0.0537 0.0232  0.0726  9   HIS A CD2 
58  C CE1 . HIS A 7  ? 0.3527 0.3017 0.2741 -0.0288 0.0188  0.0749  9   HIS A CE1 
59  N NE2 . HIS A 7  ? 0.3711 0.3092 0.3782 -0.0354 0.0373  0.0664  9   HIS A NE2 
60  N N   . ALA A 8  ? 0.2222 0.2028 0.2553 -0.0241 0.0196  0.0500  10  ALA A N   
61  C CA  . ALA A 8  ? 0.2373 0.1873 0.2458 -0.0291 0.0180  0.0205  10  ALA A CA  
62  C C   . ALA A 8  ? 0.2175 0.1944 0.2452 -0.0296 -0.0055 0.0390  10  ALA A C   
63  O O   . ALA A 8  ? 0.2048 0.1704 0.2473 -0.0350 0.0116  0.0429  10  ALA A O   
64  C CB  . ALA A 8  ? 0.2341 0.2568 0.2777 -0.0220 0.0130  0.0093  10  ALA A CB  
65  N N   . ALA A 9  ? 0.2014 0.1923 0.2140 -0.0236 0.0115  0.0382  11  ALA A N   
66  C CA  . ALA A 9  ? 0.2191 0.2053 0.2199 -0.0205 -0.0003 0.0623  11  ALA A CA  
67  C C   . ALA A 9  ? 0.2137 0.2337 0.2228 -0.0272 -0.0066 0.0336  11  ALA A C   
68  O O   . ALA A 9  ? 0.2316 0.1708 0.2388 -0.0352 -0.0081 0.0685  11  ALA A O   
69  C CB  . ALA A 9  ? 0.2702 0.2114 0.2598 0.0025  0.0028  0.0286  11  ALA A CB  
70  N N   . LYS A 10 ? 0.1940 0.2137 0.2287 -0.0231 0.0130  0.0382  12  LYS A N   
71  C CA  . LYS A 10 ? 0.2046 0.2221 0.2415 0.0030  -0.0012 0.0601  12  LYS A CA  
72  C C   . LYS A 10 ? 0.2430 0.2293 0.2375 -0.0076 -0.0012 0.0601  12  LYS A C   
73  O O   . LYS A 10 ? 0.2097 0.2315 0.2635 -0.0106 0.0046  0.0564  12  LYS A O   
74  C CB  . LYS A 10 ? 0.2348 0.2439 0.2360 0.0097  -0.0033 0.0636  12  LYS A CB  
75  C CG  . LYS A 10 ? 0.2507 0.2474 0.2630 -0.0206 -0.0063 0.0632  12  LYS A CG  
76  C CD  . LYS A 10 ? 0.2958 0.2843 0.2787 -0.0088 -0.0192 0.0781  12  LYS A CD  
77  C CE  . LYS A 10 ? 0.3759 0.3508 0.3229 -0.0032 -0.0176 0.0381  12  LYS A CE  
78  N NZ  . LYS A 10 ? 0.4189 0.3966 0.3311 0.0026  -0.0262 0.0459  12  LYS A NZ  
79  N N   . LYS A 11 ? 0.2556 0.2164 0.2291 -0.0105 0.0142  0.0493  13  LYS A N   
80  C CA  . LYS A 11 ? 0.2444 0.2439 0.2484 -0.0047 -0.0076 0.0317  13  LYS A CA  
81  C C   . LYS A 11 ? 0.2430 0.1750 0.2616 -0.0289 -0.0022 0.0386  13  LYS A C   
82  O O   . LYS A 11 ? 0.2494 0.1164 0.2697 -0.0367 0.0180  0.0594  13  LYS A O   
83  C CB  . LYS A 11 ? 0.2764 0.2393 0.2874 -0.0198 0.0127  0.0350  13  LYS A CB  
84  C CG  . LYS A 11 ? 0.3082 0.3223 0.3152 -0.0173 -0.0160 0.0620  13  LYS A CG  
85  C CD  . LYS A 11 ? 0.4656 0.4041 0.4060 0.0467  -0.0051 -0.0017 13  LYS A CD  
86  C CE  . LYS A 11 ? 0.4905 0.5051 0.5454 0.0038  0.0222  0.0148  13  LYS A CE  
87  N NZ  . LYS A 11 ? 0.5891 0.5912 0.5578 0.0232  0.0180  -0.0106 13  LYS A NZ  
88  N N   . PHE A 12 ? 0.2025 0.2000 0.2111 -0.0124 0.0026  0.0327  14  PHE A N   
89  C CA  . PHE A 12 ? 0.2056 0.2074 0.2258 -0.0170 -0.0057 0.0408  14  PHE A CA  
90  C C   . PHE A 12 ? 0.2405 0.1838 0.2294 -0.0152 0.0126  0.0488  14  PHE A C   
91  O O   . PHE A 12 ? 0.2160 0.1837 0.2320 -0.0405 0.0215  0.0350  14  PHE A O   
92  C CB  . PHE A 12 ? 0.2404 0.2577 0.2476 0.0030  0.0173  0.0258  14  PHE A CB  
93  C CG  . PHE A 12 ? 0.2193 0.2628 0.2592 -0.0186 0.0327  0.0349  14  PHE A CG  
94  C CD1 . PHE A 12 ? 0.2700 0.3082 0.2936 -0.0550 -0.0030 0.0508  14  PHE A CD1 
95  C CD2 . PHE A 12 ? 0.3583 0.2483 0.3187 -0.0108 -0.0268 0.0494  14  PHE A CD2 
96  C CE1 . PHE A 12 ? 0.3433 0.3057 0.2993 -0.0211 0.0061  0.0437  14  PHE A CE1 
97  C CE2 . PHE A 12 ? 0.3521 0.2227 0.3271 -0.0499 -0.0072 0.0483  14  PHE A CE2 
98  C CZ  . PHE A 12 ? 0.3407 0.2994 0.3087 -0.0145 0.0060  0.0379  14  PHE A CZ  
99  N N   . XCP A 13 ? 0.2438 0.2229 0.2446 -0.0049 0.0012  0.0184  15  XCP A N   
100 C CB  . XCP A 13 ? 0.2404 0.2047 0.2548 -0.0308 -0.0078 0.0005  15  XCP A CB  
101 C CG  . XCP A 13 ? 0.2624 0.1633 0.2512 -0.0251 0.0076  0.0343  15  XCP A CG  
102 C CD  . XCP A 13 ? 0.2612 0.2507 0.2848 -0.0199 0.0059  0.0084  15  XCP A CD  
103 C CE  . XCP A 13 ? 0.2340 0.2288 0.2456 -0.0410 0.0047  0.0196  15  XCP A CE  
104 C CA  . XCP A 13 ? 0.2292 0.2369 0.2153 -0.0386 0.0156  0.0362  15  XCP A CA  
105 C C   . XCP A 13 ? 0.1759 0.2851 0.2280 -0.0104 -0.0178 -0.0011 15  XCP A C   
106 O O   . XCP A 13 ? 0.2221 0.2471 0.2295 -0.0631 0.0027  0.0147  15  XCP A O   
107 N N   . LYS A 14 ? 0.1944 0.2677 0.2765 -0.0204 -0.0104 0.0056  16  LYS A N   
108 C CA  . LYS A 14 ? 0.2282 0.2627 0.2731 -0.0285 0.0025  0.0042  16  LYS A CA  
109 C C   . LYS A 14 ? 0.2231 0.2008 0.2558 -0.0229 0.0182  0.0161  16  LYS A C   
110 O O   . LYS A 14 ? 0.2317 0.2446 0.2393 0.0101  -0.0066 -0.0062 16  LYS A O   
111 C CB  . LYS A 14 ? 0.2993 0.2721 0.3081 -0.0199 0.0232  0.0263  16  LYS A CB  
112 C CG  . LYS A 14 ? 0.3455 0.3368 0.3472 -0.0006 0.0036  -0.0172 16  LYS A CG  
113 C CD  . LYS A 14 ? 0.4475 0.4225 0.4098 -0.0004 0.0054  0.0518  16  LYS A CD  
114 C CE  . LYS A 14 ? 0.5031 0.5143 0.4963 -0.0251 -0.0335 -0.0044 16  LYS A CE  
115 N NZ  . LYS A 14 ? 0.6209 0.6284 0.5082 0.0129  -0.0046 0.0344  16  LYS A NZ  
116 N N   . ALA A 15 ? 0.2199 0.1817 0.2445 -0.0288 0.0226  0.0157  17  ALA A N   
117 C CA  . ALA A 15 ? 0.2413 0.1940 0.2367 0.0026  -0.0072 0.0333  17  ALA A CA  
118 C C   . ALA A 15 ? 0.2080 0.2317 0.2245 -0.0374 0.0214  0.0201  17  ALA A C   
119 O O   . ALA A 15 ? 0.2456 0.1847 0.2223 -0.0483 0.0221  0.0229  17  ALA A O   
120 C CB  . ALA A 15 ? 0.2509 0.2022 0.2356 -0.0185 0.0049  0.0339  17  ALA A CB  
121 N N   . PHE A 16 ? 0.2008 0.2451 0.2275 -0.0431 -0.0051 -0.0029 18  PHE A N   
122 C CA  . PHE A 16 ? 0.2151 0.2147 0.2445 -0.0346 0.0020  -0.0051 18  PHE A CA  
123 C C   . PHE A 16 ? 0.2147 0.2137 0.2421 -0.0538 0.0088  0.0084  18  PHE A C   
124 O O   . PHE A 16 ? 0.2438 0.2094 0.2374 -0.0609 0.0006  0.0209  18  PHE A O   
125 C CB  . PHE A 16 ? 0.2136 0.1959 0.2357 -0.0415 0.0040  0.0158  18  PHE A CB  
126 C CG  . PHE A 16 ? 0.2561 0.2227 0.2617 -0.0532 0.0283  0.0406  18  PHE A CG  
127 C CD1 . PHE A 16 ? 0.3009 0.2546 0.2260 -0.0572 0.0348  0.0405  18  PHE A CD1 
128 C CD2 . PHE A 16 ? 0.2928 0.2866 0.2850 -0.0943 0.0116  -0.0083 18  PHE A CD2 
129 C CE1 . PHE A 16 ? 0.3625 0.2510 0.2884 -0.0523 0.0069  0.0682  18  PHE A CE1 
130 C CE2 . PHE A 16 ? 0.3562 0.2802 0.3705 -0.1068 0.0171  0.0261  18  PHE A CE2 
131 C CZ  . PHE A 16 ? 0.3583 0.2825 0.3553 -0.0648 0.0186  0.0344  18  PHE A CZ  
132 N N   . VAL A 17 ? 0.1935 0.2189 0.2299 -0.0473 0.0269  0.0162  19  VAL A N   
133 C CA  . VAL A 17 ? 0.2058 0.2792 0.2687 -0.0152 0.0342  -0.0042 19  VAL A CA  
134 C C   . VAL A 17 ? 0.2364 0.2951 0.2417 -0.0159 0.0166  -0.0075 19  VAL A C   
135 O O   . VAL A 17 ? 0.2651 0.2764 0.2616 -0.0203 0.0458  0.0016  19  VAL A O   
136 C CB  . VAL A 17 ? 0.2164 0.2859 0.2771 -0.0406 0.0304  -0.0148 19  VAL A CB  
137 C CG1 . VAL A 17 ? 0.2434 0.3108 0.3223 -0.0118 0.0370  -0.0174 19  VAL A CG1 
138 C CG2 . VAL A 17 ? 0.2550 0.3014 0.3027 -0.0343 0.0180  -0.0374 19  VAL A CG2 
139 N N   . ALA A 18 ? 0.2292 0.2733 0.2994 -0.0020 -0.0038 -0.0064 20  ALA A N   
140 C CA  . ALA A 18 ? 0.2796 0.2769 0.3074 0.0091  0.0008  -0.0135 20  ALA A CA  
141 C C   . ALA A 18 ? 0.3045 0.2585 0.2911 0.0201  0.0144  -0.0058 20  ALA A C   
142 O O   . ALA A 18 ? 0.3442 0.2914 0.2880 0.0191  0.0223  -0.0101 20  ALA A O   
143 C CB  . ALA A 18 ? 0.3328 0.2780 0.3292 -0.0043 -0.0013 0.0027  20  ALA A CB  
144 N N   . GLU A 19 ? 0.2600 0.2331 0.2772 -0.0125 0.0156  -0.0223 21  GLU A N   
145 C CA  . GLU A 19 ? 0.2972 0.2394 0.2723 0.0059  0.0216  0.0013  21  GLU A CA  
146 C C   . GLU A 19 ? 0.2851 0.3006 0.2497 0.0183  0.0275  -0.0046 21  GLU A C   
147 O O   . GLU A 19 ? 0.3563 0.3835 0.2714 0.0340  0.0119  -0.0579 21  GLU A O   
148 C CB  . GLU A 19 ? 0.2675 0.2399 0.2708 -0.0049 -0.0036 0.0027  21  GLU A CB  
149 C CG  . GLU A 19 ? 0.2817 0.2359 0.2668 -0.0035 -0.0018 0.0187  21  GLU A CG  
150 C CD  . GLU A 19 ? 0.2779 0.2368 0.3006 -0.0128 0.0012  0.0012  21  GLU A CD  
151 O OE1 . GLU A 19 ? 0.2819 0.1733 0.3366 -0.0424 -0.0022 0.0362  21  GLU A OE1 
152 O OE2 . GLU A 19 ? 0.2914 0.2323 0.2352 0.0142  0.0083  0.0132  21  GLU A OE2 
153 N N   . ILE A 20 ? 0.3305 0.3051 0.2874 -0.0062 0.0352  0.0036  22  ILE A N   
154 C CA  A ILE A 20 ? 0.3566 0.3547 0.2951 -0.0066 0.0423  0.0306  22  ILE A CA  
155 C CA  B ILE A 20 ? 0.3564 0.3550 0.2954 -0.0068 0.0424  0.0304  22  ILE A CA  
156 C C   . ILE A 20 ? 0.3715 0.3635 0.3036 -0.0125 0.0495  0.0248  22  ILE A C   
157 O O   . ILE A 20 ? 0.4044 0.5911 0.3513 0.0250  0.0992  0.0289  22  ILE A O   
158 C CB  A ILE A 20 ? 0.3796 0.3628 0.3762 -0.0177 0.0311  0.0127  22  ILE A CB  
159 C CB  B ILE A 20 ? 0.3798 0.3635 0.3769 -0.0184 0.0308  0.0127  22  ILE A CB  
160 C CG1 A ILE A 20 ? 0.4129 0.3812 0.3825 -0.0040 0.0157  0.0104  22  ILE A CG1 
161 C CG1 B ILE A 20 ? 0.4134 0.3807 0.3833 -0.0047 0.0153  0.0108  22  ILE A CG1 
162 C CG2 A ILE A 20 ? 0.3784 0.3376 0.3542 -0.0112 0.0268  0.0476  22  ILE A CG2 
163 C CG2 B ILE A 20 ? 0.3790 0.3396 0.3556 -0.0116 0.0267  0.0468  22  ILE A CG2 
164 C CD1 A ILE A 20 ? 0.4688 0.3906 0.4473 -0.0121 0.0089  -0.0106 22  ILE A CD1 
165 C CD1 B ILE A 20 ? 0.4669 0.3888 0.4485 -0.0139 0.0085  -0.0084 22  ILE A CD1 
166 N N   . MET A 21 ? 0.3475 0.4333 0.1040 -0.0023 0.1211  -0.0233 23  MET A N   
167 C CA  . MET A 21 ? 0.3742 0.4597 0.3033 0.0329  0.1124  -0.0794 23  MET A CA  
168 C C   . MET A 21 ? 0.3935 0.4317 0.3655 0.0586  0.0176  -0.0613 23  MET A C   
169 O O   . MET A 21 ? 0.3703 0.5862 0.3808 0.1126  -0.0226 -0.0912 23  MET A O   
170 C CB  . MET A 21 ? 0.3632 0.4697 0.4238 0.0520  0.0518  -0.0463 23  MET A CB  
171 C CG  . MET A 21 ? 0.3841 0.4647 0.4615 0.0644  -0.0212 -0.0114 23  MET A CG  
172 S SD  . MET A 21 ? 0.3564 0.4214 0.5142 0.0358  -0.0336 0.0055  23  MET A SD  
173 C CE  . MET A 21 ? 0.4580 0.4885 0.5351 -0.0232 0.0073  -0.0091 23  MET A CE  
174 N N   . ASN A 22 ? 0.4334 0.4692 0.3394 0.0113  0.0533  -0.0027 24  ASN A N   
175 C CA  . ASN A 22 ? 0.6355 0.4797 0.4301 0.0176  0.0403  -0.0566 24  ASN A CA  
176 C C   . ASN A 22 ? 0.5407 0.5655 0.4500 0.0248  0.0422  -0.0460 24  ASN A C   
177 O O   . ASN A 22 ? 0.8421 0.6171 0.6153 0.0352  0.1163  -0.1329 24  ASN A O   
178 C CB  . ASN A 22 ? 0.7533 0.6130 0.1051 -0.1004 0.0916  0.0698  24  ASN A CB  
179 N N   . SER A 23 ? 0.5037 0.6107 0.5263 0.0363  -0.0337 0.0128  25  SER A N   
180 C CA  . SER A 23 ? 0.6801 0.7484 0.5645 0.0380  0.0148  0.0617  25  SER A CA  
181 C C   . SER A 23 ? 0.6665 0.7580 0.5561 0.1199  -0.0307 0.0440  25  SER A C   
182 O O   . SER A 23 ? 0.7375 0.7558 0.4812 0.2515  -0.1587 0.0430  25  SER A O   
183 C CB  . SER A 23 ? 0.8157 0.7618 0.6872 0.0291  -0.0129 0.0050  25  SER A CB  
184 O OG  . SER A 23 ? 0.8448 0.8249 0.8589 0.0350  0.0852  0.1426  25  SER A OG  
185 O OXT . SER A 23 ? 0.5085 0.9572 0.5365 0.1916  0.0157  0.0070  25  SER A OXT 
186 N N   . GLY B 1  ? 0.4061 0.3327 0.3464 0.0143  0.0066  -0.0086 3   GLY B N   
187 C CA  . GLY B 1  ? 0.3561 0.3128 0.3300 -0.0095 0.0123  -0.0162 3   GLY B CA  
188 C C   . GLY B 1  ? 0.3063 0.2999 0.2258 -0.0295 0.0176  0.0211  3   GLY B C   
189 O O   . GLY B 1  ? 0.3123 0.2580 0.2370 -0.0206 0.0222  0.0069  3   GLY B O   
190 N N   . ILE B 2  ? 0.3212 0.2691 0.2340 -0.0303 0.0073  0.0102  4   ILE B N   
191 C CA  . ILE B 2  ? 0.3137 0.2709 0.2853 -0.0346 0.0097  -0.0071 4   ILE B CA  
192 C C   . ILE B 2  ? 0.3108 0.2953 0.2663 -0.0297 0.0048  -0.0266 4   ILE B C   
193 O O   . ILE B 2  ? 0.3039 0.3175 0.2654 -0.0295 0.0198  -0.0337 4   ILE B O   
194 C CB  . ILE B 2  ? 0.3260 0.2960 0.2914 -0.0210 0.0022  -0.0059 4   ILE B CB  
195 C CG1 . ILE B 2  ? 0.3168 0.2881 0.2861 -0.0235 -0.0109 0.0485  4   ILE B CG1 
196 C CG2 . ILE B 2  ? 0.3688 0.3337 0.2883 -0.0319 -0.0025 -0.0269 4   ILE B CG2 
197 C CD1 . ILE B 2  ? 0.3289 0.2904 0.2944 -0.0248 -0.0108 0.0541  4   ILE B CD1 
198 N N   . GLY B 3  ? 0.3486 0.2954 0.2803 -0.0364 0.0114  -0.0122 5   GLY B N   
199 C CA  . GLY B 3  ? 0.3194 0.2319 0.2841 -0.0429 -0.0098 0.0059  5   GLY B CA  
200 C C   . GLY B 3  ? 0.2842 0.1673 0.2790 -0.0776 0.0011  0.0111  5   GLY B C   
201 O O   . GLY B 3  ? 0.3258 0.1666 0.2414 -0.0858 0.0036  0.0215  5   GLY B O   
202 N N   . LYS B 4  ? 0.2982 0.1940 0.2627 -0.0479 0.0079  -0.0030 6   LYS B N   
203 C CA  . LYS B 4  ? 0.2839 0.2022 0.2530 -0.0603 0.0182  0.0079  6   LYS B CA  
204 C C   . LYS B 4  ? 0.2554 0.2190 0.2408 -0.0470 0.0002  -0.0139 6   LYS B C   
205 O O   . LYS B 4  ? 0.2867 0.1967 0.2567 -0.0232 0.0212  -0.0184 6   LYS B O   
206 C CB  . LYS B 4  ? 0.3105 0.2271 0.3175 -0.0381 0.0217  0.0193  6   LYS B CB  
207 C CG  . LYS B 4  ? 0.4077 0.3734 0.3415 0.0064  -0.0117 0.0148  6   LYS B CG  
208 C CD  . LYS B 4  ? 0.4510 0.4476 0.5038 0.0491  -0.0180 0.0356  6   LYS B CD  
209 C CE  . LYS B 4  ? 0.4947 0.5191 0.5696 -0.0252 -0.0201 0.0057  6   LYS B CE  
210 N NZ  . LYS B 4  ? 0.5256 0.5015 0.5630 -0.0347 -0.0272 0.0552  6   LYS B NZ  
211 N N   . PHE B 5  ? 0.2234 0.2169 0.2243 -0.0255 0.0047  -0.0187 7   PHE B N   
212 C CA  . PHE B 5  ? 0.2418 0.2116 0.2279 -0.0308 -0.0034 -0.0048 7   PHE B CA  
213 C C   . PHE B 5  ? 0.2241 0.1919 0.2207 -0.0540 -0.0034 0.0067  7   PHE B C   
214 O O   . PHE B 5  ? 0.2240 0.1854 0.2437 -0.0398 0.0194  -0.0005 7   PHE B O   
215 C CB  . PHE B 5  ? 0.2250 0.2019 0.2434 -0.0230 0.0037  -0.0007 7   PHE B CB  
216 C CG  . PHE B 5  ? 0.2223 0.1959 0.2295 -0.0243 0.0078  0.0120  7   PHE B CG  
217 C CD1 . PHE B 5  ? 0.2021 0.2308 0.2506 -0.0161 -0.0160 0.0220  7   PHE B CD1 
218 C CD2 . PHE B 5  ? 0.2516 0.2237 0.2642 -0.0052 -0.0095 0.0213  7   PHE B CD2 
219 C CE1 . PHE B 5  ? 0.2705 0.2357 0.2786 -0.0103 -0.0169 0.0083  7   PHE B CE1 
220 C CE2 . PHE B 5  ? 0.2962 0.2252 0.2872 -0.0027 -0.0061 0.0412  7   PHE B CE2 
221 C CZ  . PHE B 5  ? 0.3146 0.2372 0.2801 0.0080  0.0005  0.0249  7   PHE B CZ  
222 N N   . LEU B 6  ? 0.2177 0.2222 0.2587 -0.0391 -0.0108 -0.0292 8   LEU B N   
223 C CA  . LEU B 6  ? 0.2012 0.2378 0.2739 -0.0494 -0.0165 0.0008  8   LEU B CA  
224 C C   . LEU B 6  ? 0.1965 0.2574 0.2623 -0.0366 -0.0032 -0.0341 8   LEU B C   
225 O O   . LEU B 6  ? 0.2130 0.3402 0.2607 -0.0086 -0.0047 -0.0619 8   LEU B O   
226 C CB  . LEU B 6  ? 0.2285 0.2691 0.2660 -0.0191 -0.0199 -0.0211 8   LEU B CB  
227 C CG  . LEU B 6  ? 0.2618 0.2738 0.2947 0.0124  -0.0284 0.0228  8   LEU B CG  
228 C CD1 . LEU B 6  ? 0.2938 0.3238 0.3164 0.0021  -0.0349 -0.0083 8   LEU B CD1 
229 C CD2 . LEU B 6  ? 0.3151 0.2851 0.3354 -0.0087 -0.0153 0.0147  8   LEU B CD2 
230 N N   . HIS B 7  ? 0.2106 0.2536 0.2541 -0.0539 -0.0041 -0.0351 9   HIS B N   
231 C CA  . HIS B 7  ? 0.2042 0.2672 0.2744 -0.0700 0.0190  -0.0232 9   HIS B CA  
232 C C   . HIS B 7  ? 0.2196 0.2475 0.2604 -0.0535 0.0252  -0.0208 9   HIS B C   
233 O O   . HIS B 7  ? 0.2348 0.2792 0.2871 -0.0476 0.0600  -0.0128 9   HIS B O   
234 C CB  . HIS B 7  ? 0.3230 0.2746 0.3045 -0.0460 0.0089  -0.0290 9   HIS B CB  
235 N N   . ALA B 8  ? 0.2169 0.2043 0.2571 -0.0557 0.0511  0.0007  10  ALA B N   
236 C CA  . ALA B 8  ? 0.2506 0.2057 0.2264 -0.0393 0.0251  0.0249  10  ALA B CA  
237 C C   . ALA B 8  ? 0.2319 0.2183 0.2229 -0.0248 0.0135  0.0150  10  ALA B C   
238 O O   . ALA B 8  ? 0.2211 0.2178 0.2225 -0.0243 0.0210  0.0215  10  ALA B O   
239 C CB  . ALA B 8  ? 0.2590 0.1825 0.2341 -0.0218 0.0158  0.0107  10  ALA B CB  
240 N N   . ALA B 9  ? 0.2270 0.1813 0.2346 -0.0159 0.0301  0.0158  11  ALA B N   
241 C CA  . ALA B 9  ? 0.2589 0.1945 0.2433 0.0178  0.0033  0.0032  11  ALA B CA  
242 C C   . ALA B 9  ? 0.2612 0.2029 0.2649 0.0258  0.0062  -0.0029 11  ALA B C   
243 O O   . ALA B 9  ? 0.3395 0.2665 0.2633 0.0521  0.0095  -0.0315 11  ALA B O   
244 C CB  . ALA B 9  ? 0.2965 0.2526 0.2365 0.0133  0.0191  0.0122  11  ALA B CB  
245 N N   . LYS B 10 ? 0.2513 0.2705 0.2837 0.0198  0.0193  -0.0260 12  LYS B N   
246 C CA  . LYS B 10 ? 0.2527 0.2870 0.2937 0.0174  0.0223  -0.0167 12  LYS B CA  
247 C C   . LYS B 10 ? 0.2608 0.3120 0.2813 -0.0155 0.0312  -0.0341 12  LYS B C   
248 O O   . LYS B 10 ? 0.2668 0.3374 0.3049 -0.0138 0.0447  -0.0545 12  LYS B O   
249 C CB  . LYS B 10 ? 0.2746 0.3270 0.3190 0.0142  0.0066  -0.0374 12  LYS B CB  
250 C CG  . LYS B 10 ? 0.3222 0.3681 0.3249 0.0276  0.0092  -0.0232 12  LYS B CG  
251 C CD  . LYS B 10 ? 0.3552 0.4092 0.4288 -0.0042 -0.0210 -0.0408 12  LYS B CD  
252 C CE  . LYS B 10 ? 0.4705 0.5048 0.4484 0.0089  -0.0081 -0.0046 12  LYS B CE  
253 N NZ  . LYS B 10 ? 0.5305 0.4993 0.4709 0.0344  -0.0364 -0.0495 12  LYS B NZ  
254 N N   . LYS B 11 ? 0.2535 0.2939 0.2767 -0.0344 0.0289  -0.0193 13  LYS B N   
255 C CA  . LYS B 11 ? 0.2477 0.3029 0.2734 -0.0503 0.0220  -0.0177 13  LYS B CA  
256 C C   . LYS B 11 ? 0.2466 0.2710 0.2529 -0.0322 0.0390  -0.0122 13  LYS B C   
257 O O   . LYS B 11 ? 0.2829 0.2610 0.2669 -0.0288 0.0474  -0.0453 13  LYS B O   
258 C CB  . LYS B 11 ? 0.3102 0.2859 0.3337 -0.0471 0.0335  -0.0175 13  LYS B CB  
259 C CG  . LYS B 11 ? 0.4254 0.3377 0.4539 -0.0908 0.0126  -0.0418 13  LYS B CG  
260 C CD  . LYS B 11 ? 0.4955 0.4493 0.5292 -0.0012 0.0282  0.0119  13  LYS B CD  
261 C CE  . LYS B 11 ? 0.5984 0.5044 0.6389 -0.0543 0.0066  -0.0220 13  LYS B CE  
262 N NZ  . LYS B 11 ? 0.6494 0.5913 0.6286 0.0050  -0.0115 0.0098  13  LYS B NZ  
263 N N   . PHE B 12 ? 0.2486 0.2413 0.2356 -0.0176 0.0375  -0.0093 14  PHE B N   
264 C CA  . PHE B 12 ? 0.2387 0.2041 0.2318 -0.0178 0.0308  0.0328  14  PHE B CA  
265 C C   . PHE B 12 ? 0.2291 0.2371 0.2257 -0.0053 0.0446  0.0265  14  PHE B C   
266 O O   . PHE B 12 ? 0.1994 0.2490 0.2476 -0.0093 0.0263  -0.0087 14  PHE B O   
267 C CB  . PHE B 12 ? 0.2062 0.2413 0.2677 -0.0145 0.0216  -0.0030 14  PHE B CB  
268 C CG  . PHE B 12 ? 0.2457 0.2302 0.3325 -0.0105 0.0040  0.0093  14  PHE B CG  
269 C CD1 . PHE B 12 ? 0.2579 0.2636 0.3957 0.0036  -0.0481 0.0068  14  PHE B CD1 
270 C CD2 . PHE B 12 ? 0.3121 0.2887 0.3516 -0.0551 0.0128  0.0551  14  PHE B CD2 
271 C CE1 . PHE B 12 ? 0.3281 0.2981 0.4483 -0.0399 -0.0630 0.0002  14  PHE B CE1 
272 C CE2 . PHE B 12 ? 0.3493 0.3080 0.4308 -0.0786 0.0295  0.0224  14  PHE B CE2 
273 C CZ  . PHE B 12 ? 0.3345 0.3438 0.4273 -0.0788 0.0209  0.0488  14  PHE B CZ  
274 N N   . XCP B 13 ? 0.2669 0.2875 0.2357 0.0225  0.0305  0.0353  15  XCP B N   
275 C CB  . XCP B 13 ? 0.2422 0.2875 0.2618 0.0166  0.0269  -0.0092 15  XCP B CB  
276 C CG  . XCP B 13 ? 0.2644 0.3045 0.2843 0.0267  0.0260  0.0037  15  XCP B CG  
277 C CD  . XCP B 13 ? 0.2940 0.2949 0.3004 0.0390  0.0226  0.0216  15  XCP B CD  
278 C CE  . XCP B 13 ? 0.2756 0.2930 0.3124 0.0097  0.0062  -0.0064 15  XCP B CE  
279 C CA  . XCP B 13 ? 0.2500 0.2937 0.2789 0.0164  0.0031  -0.0232 15  XCP B CA  
280 C C   . XCP B 13 ? 0.2425 0.3583 0.2500 0.0003  0.0020  -0.0445 15  XCP B C   
281 O O   . XCP B 13 ? 0.2495 0.3122 0.2768 0.0161  0.0417  -0.0384 15  XCP B O   
282 N N   . LYS B 14 ? 0.2759 0.3234 0.3309 0.0168  0.0270  -0.0121 16  LYS B N   
283 C CA  . LYS B 14 ? 0.3057 0.3276 0.2983 0.0117  0.0096  -0.0173 16  LYS B CA  
284 C C   . LYS B 14 ? 0.2337 0.2663 0.2640 -0.0414 0.0575  -0.0087 16  LYS B C   
285 O O   . LYS B 14 ? 0.2603 0.3116 0.2565 -0.0269 0.0510  -0.0292 16  LYS B O   
286 C CB  . LYS B 14 ? 0.3462 0.3484 0.3601 -0.0265 0.0515  -0.0312 16  LYS B CB  
287 C CG  . LYS B 14 ? 0.3763 0.4604 0.4043 -0.0090 0.0279  -0.0490 16  LYS B CG  
288 C CD  . LYS B 14 ? 0.5059 0.4860 0.5341 -0.0549 0.0127  -0.0836 16  LYS B CD  
289 C CE  . LYS B 14 ? 0.5889 0.6303 0.5431 -0.0367 -0.0172 -0.0322 16  LYS B CE  
290 N NZ  . LYS B 14 ? 0.6727 0.6382 0.6749 -0.0617 -0.0169 -0.0523 16  LYS B NZ  
291 N N   . ALA B 15 ? 0.2515 0.2334 0.2725 -0.0154 0.0291  -0.0072 17  ALA B N   
292 C CA  . ALA B 15 ? 0.2658 0.2596 0.2736 -0.0140 0.0289  0.0025  17  ALA B CA  
293 C C   . ALA B 15 ? 0.2282 0.2462 0.2649 0.0042  0.0063  0.0152  17  ALA B C   
294 O O   . ALA B 15 ? 0.2552 0.2840 0.2794 0.0083  0.0230  -0.0081 17  ALA B O   
295 C CB  . ALA B 15 ? 0.2714 0.2658 0.2856 -0.0002 -0.0080 0.0131  17  ALA B CB  
296 N N   . PHE B 16 ? 0.2324 0.2552 0.2376 -0.0062 0.0218  0.0002  18  PHE B N   
297 C CA  . PHE B 16 ? 0.2158 0.2502 0.2563 -0.0110 0.0083  -0.0013 18  PHE B CA  
298 C C   . PHE B 16 ? 0.2164 0.2324 0.2296 -0.0150 0.0103  0.0276  18  PHE B C   
299 O O   . PHE B 16 ? 0.2359 0.2205 0.2437 -0.0074 0.0296  0.0208  18  PHE B O   
300 C CB  . PHE B 16 ? 0.2607 0.2403 0.2790 -0.0244 0.0260  0.0031  18  PHE B CB  
301 C CG  . PHE B 16 ? 0.2393 0.2332 0.3067 -0.0449 0.0480  0.0186  18  PHE B CG  
302 C CD1 . PHE B 16 ? 0.2709 0.2821 0.3628 -0.0445 0.0199  -0.0170 18  PHE B CD1 
303 C CD2 . PHE B 16 ? 0.2825 0.2374 0.3435 -0.0460 -0.0009 0.0123  18  PHE B CD2 
304 C CE1 . PHE B 16 ? 0.3080 0.2833 0.3897 -0.0296 0.0178  -0.0106 18  PHE B CE1 
305 C CE2 . PHE B 16 ? 0.2822 0.2458 0.3508 -0.0463 0.0040  -0.0063 18  PHE B CE2 
306 C CZ  . PHE B 16 ? 0.2890 0.2910 0.3108 -0.0528 0.0184  -0.0078 18  PHE B CZ  
307 N N   . VAL B 17 ? 0.2148 0.2165 0.2465 -0.0277 0.0161  -0.0018 19  VAL B N   
308 C CA  . VAL B 17 ? 0.2094 0.2519 0.2733 -0.0101 0.0050  0.0196  19  VAL B CA  
309 C C   . VAL B 17 ? 0.2126 0.2803 0.2666 -0.0081 0.0143  0.0060  19  VAL B C   
310 O O   . VAL B 17 ? 0.2299 0.2488 0.2790 -0.0273 0.0193  -0.0041 19  VAL B O   
311 C CB  . VAL B 17 ? 0.2623 0.2700 0.2649 0.0192  -0.0169 -0.0002 19  VAL B CB  
312 C CG1 . VAL B 17 ? 0.2543 0.3004 0.3131 -0.0180 0.0007  0.0079  19  VAL B CG1 
313 C CG2 . VAL B 17 ? 0.2752 0.2989 0.2897 -0.0012 -0.0036 0.0141  19  VAL B CG2 
314 N N   . ALA B 18 ? 0.2661 0.2819 0.2490 -0.0156 0.0326  0.0162  20  ALA B N   
315 C CA  . ALA B 18 ? 0.3213 0.3160 0.2587 -0.0250 0.0451  0.0305  20  ALA B CA  
316 C C   . ALA B 18 ? 0.3063 0.2858 0.2488 -0.0028 0.0404  0.0414  20  ALA B C   
317 O O   . ALA B 18 ? 0.4290 0.3733 0.2751 -0.0193 0.0860  -0.0099 20  ALA B O   
318 C CB  . ALA B 18 ? 0.3502 0.3185 0.2932 -0.0313 0.0375  0.0160  20  ALA B CB  
319 N N   . GLU B 19 ? 0.3136 0.2202 0.2341 -0.0094 0.0372  0.0457  21  GLU B N   
320 C CA  . GLU B 19 ? 0.3667 0.2576 0.2328 0.0179  0.0116  0.0154  21  GLU B CA  
321 C C   . GLU B 19 ? 0.3143 0.2540 0.2372 0.0185  -0.0005 0.0200  21  GLU B C   
322 O O   . GLU B 19 ? 0.3826 0.2552 0.2413 0.0360  -0.0061 0.0236  21  GLU B O   
323 C CB  . GLU B 19 ? 0.3653 0.2833 0.3742 0.0823  -0.0225 -0.0151 21  GLU B CB  
324 N N   . ILE B 20 ? 0.2547 0.2297 0.2282 0.0192  -0.0042 -0.0004 22  ILE B N   
325 C CA  . ILE B 20 ? 0.2831 0.2339 0.2496 0.0165  -0.0022 -0.0158 22  ILE B CA  
326 C C   . ILE B 20 ? 0.2847 0.2507 0.2217 0.0011  0.0066  -0.0009 22  ILE B C   
327 O O   . ILE B 20 ? 0.3271 0.2532 0.2389 0.0251  0.0166  -0.0101 22  ILE B O   
328 C CB  . ILE B 20 ? 0.2910 0.2693 0.2569 0.0033  0.0073  -0.0048 22  ILE B CB  
329 C CG1 . ILE B 20 ? 0.3453 0.2836 0.3136 -0.0249 0.0167  0.0048  22  ILE B CG1 
330 C CG2 . ILE B 20 ? 0.3128 0.2578 0.2539 0.0125  -0.0089 0.0135  22  ILE B CG2 
331 C CD1 . ILE B 20 ? 0.3587 0.3601 0.3637 -0.0239 -0.0020 -0.0059 22  ILE B CD1 
332 N N   . MET B 21 ? 0.2599 0.2618 0.2235 0.0192  0.0109  -0.0030 23  MET B N   
333 C CA  A MET B 21 ? 0.2531 0.2617 0.2391 0.0133  0.0148  0.0147  23  MET B CA  
334 C CA  B MET B 21 ? 0.2552 0.2628 0.2392 0.0144  0.0164  0.0147  23  MET B CA  
335 C C   . MET B 21 ? 0.2707 0.2439 0.2396 -0.0029 0.0300  0.0116  23  MET B C   
336 O O   . MET B 21 ? 0.3145 0.2754 0.2343 0.0451  0.0552  0.0493  23  MET B O   
337 C CB  A MET B 21 ? 0.2556 0.2681 0.2693 0.0092  0.0106  0.0046  23  MET B CB  
338 C CB  B MET B 21 ? 0.2583 0.2716 0.2711 0.0099  0.0143  0.0012  23  MET B CB  
339 C CG  A MET B 21 ? 0.2333 0.2699 0.2852 -0.0253 -0.0120 0.0187  23  MET B CG  
340 C CG  B MET B 21 ? 0.2379 0.2833 0.2840 -0.0196 -0.0023 0.0151  23  MET B CG  
341 S SD  A MET B 21 ? 0.2214 0.3241 0.2876 -0.0472 -0.0230 0.0487  23  MET B SD  
342 S SD  B MET B 21 ? 0.2239 0.3600 0.2964 -0.0410 0.0148  0.0229  23  MET B SD  
343 C CE  A MET B 21 ? 0.1932 0.2634 0.3738 -0.1535 -0.1436 0.0337  23  MET B CE  
344 C CE  B MET B 21 ? 0.1300 0.3527 0.3239 -0.1238 -0.0952 -0.0322 23  MET B CE  
345 N N   . ASN B 22 ? 0.3322 0.2526 0.2245 0.0273  0.0348  0.0175  24  ASN B N   
346 C CA  . ASN B 22 ? 0.3338 0.2965 0.2230 0.0104  0.0392  -0.0083 24  ASN B CA  
347 C C   . ASN B 22 ? 0.3085 0.2932 0.2784 0.0135  0.0277  -0.0076 24  ASN B C   
348 O O   . ASN B 22 ? 0.3990 0.3520 0.2659 0.0574  0.0199  0.0068  24  ASN B O   
349 C CB  . ASN B 22 ? 0.4031 0.3346 0.2660 0.0458  0.0388  0.0164  24  ASN B CB  
350 C CG  . ASN B 22 ? 0.4980 0.3727 0.3751 -0.0203 0.0467  0.0234  24  ASN B CG  
351 O OD1 . ASN B 22 ? 0.7029 0.3463 0.4543 0.0564  0.0832  0.0610  24  ASN B OD1 
352 N ND2 . ASN B 22 ? 0.5253 0.3710 0.4310 -0.0375 0.0786  0.0797  24  ASN B ND2 
353 N N   . SER B 23 ? 0.3385 0.3042 0.2626 0.0416  0.0045  0.0139  25  SER B N   
354 C CA  . SER B 23 ? 0.3600 0.3079 0.3096 0.0371  0.0100  -0.0169 25  SER B CA  
355 C C   . SER B 23 ? 0.3391 0.3329 0.3344 0.0239  -0.0045 0.0083  25  SER B C   
356 O O   . SER B 23 ? 0.3279 0.3297 0.2961 0.0285  0.0349  -0.0440 25  SER B O   
357 C CB  . SER B 23 ? 0.3555 0.3412 0.3455 0.0158  0.0088  -0.0180 25  SER B CB  
358 O OG  . SER B 23 ? 0.3289 0.3738 0.4239 0.0106  0.0088  0.0101  25  SER B OG  
359 O OXT . SER B 23 ? 0.2934 0.3373 0.3169 0.0040  -0.0212 0.0050  25  SER B OXT 
360 N N   . GLY C 1  ? 0.5238 0.5324 0.4862 0.0346  -0.0034 0.0086  3   GLY C N   
361 C CA  . GLY C 1  ? 0.5316 0.5331 0.5307 0.0109  -0.0049 -0.0029 3   GLY C CA  
362 C C   . GLY C 1  ? 0.5422 0.5221 0.5387 -0.0111 0.0111  -0.0054 3   GLY C C   
363 O O   . GLY C 1  ? 0.6174 0.5603 0.6220 -0.0091 -0.0335 -0.0477 3   GLY C O   
364 N N   . DIL C 2  ? 0.5265 0.5035 0.4295 0.0051  0.0481  -0.0292 4   DIL C N   
365 C CA  . DIL C 2  ? 0.4538 0.4663 0.3970 0.0166  0.0083  -0.0351 4   DIL C CA  
366 C C   . DIL C 2  ? 0.3860 0.4228 0.2893 -0.0101 -0.0128 0.0061  4   DIL C C   
367 O O   . DIL C 2  ? 0.2464 0.4452 0.3291 -0.0225 0.0186  -0.0470 4   DIL C O   
368 C CB  . DIL C 2  ? 0.4934 0.4722 0.4721 -0.0027 0.0107  -0.0145 4   DIL C CB  
369 C CG1 . DIL C 2  ? 0.5017 0.4960 0.4987 0.0047  0.0034  0.0031  4   DIL C CG1 
370 C CG2 . DIL C 2  ? 0.4935 0.4726 0.4877 0.0085  0.0081  -0.0168 4   DIL C CG2 
371 C CD1 . DIL C 2  ? 0.5206 0.5062 0.5140 -0.0072 0.0078  0.0149  4   DIL C CD1 
372 N N   . GLY C 3  ? 0.2622 0.4652 0.0811 0.0392  0.0673  -0.0535 5   GLY C N   
373 C CA  . GLY C 3  ? 0.3137 0.3577 0.2127 0.0247  0.0722  -0.0093 5   GLY C CA  
374 C C   . GLY C 3  ? 0.3019 0.3249 0.2152 0.0033  0.0629  0.0217  5   GLY C C   
375 O O   . GLY C 3  ? 0.2614 0.3634 0.2212 0.0144  0.0652  0.0502  5   GLY C O   
376 N N   . DLY C 4  ? 0.3090 0.3391 0.2536 -0.0098 0.0364  0.0396  6   DLY C N   
377 C CA  . DLY C 4  ? 0.2890 0.2921 0.2650 -0.0060 0.0491  0.0287  6   DLY C CA  
378 C C   . DLY C 4  ? 0.2396 0.3073 0.2518 -0.0294 0.0558  0.0208  6   DLY C C   
379 O O   . DLY C 4  ? 0.2205 0.2379 0.1898 -0.0815 0.0558  0.0754  6   DLY C O   
380 C CB  . DLY C 4  ? 0.2930 0.3372 0.3132 -0.0074 0.0535  0.0286  6   DLY C CB  
381 C CG  . DLY C 4  ? 0.3529 0.3429 0.3691 -0.0213 0.0237  0.0192  6   DLY C CG  
382 C CD  . DLY C 4  ? 0.3562 0.3981 0.4196 -0.0273 0.0145  -0.0086 6   DLY C CD  
383 C CE  . DLY C 4  ? 0.4267 0.4002 0.4292 -0.0224 -0.0069 -0.0158 6   DLY C CE  
384 N NZ  . DLY C 4  ? 0.4098 0.4288 0.4425 -0.0157 -0.0024 -0.0189 6   DLY C NZ  
385 N N   . DPN C 5  ? 0.3132 0.3400 0.3198 0.0019  0.0538  -0.0101 7   DPN C N   
386 C CA  . DPN C 5  ? 0.2777 0.2877 0.3284 -0.0071 0.0459  -0.0148 7   DPN C CA  
387 C C   . DPN C 5  ? 0.2530 0.2763 0.3354 -0.0155 0.0030  0.0068  7   DPN C C   
388 O O   . DPN C 5  ? 0.2277 0.2680 0.3274 0.0128  -0.0211 -0.0174 7   DPN C O   
389 C CB  . DPN C 5  ? 0.3199 0.3253 0.3524 0.0287  0.0565  0.0057  7   DPN C CB  
390 C CG  . DPN C 5  ? 0.3682 0.3407 0.3839 0.0039  0.0105  0.0160  7   DPN C CG  
391 C CD1 . DPN C 5  ? 0.3889 0.4052 0.4395 -0.0077 0.0699  -0.0128 7   DPN C CD1 
392 C CD2 . DPN C 5  ? 0.4445 0.3445 0.3973 -0.0182 0.0358  0.0009  7   DPN C CD2 
393 C CE1 . DPN C 5  ? 0.4769 0.3943 0.4818 -0.0317 0.0069  0.0196  7   DPN C CE1 
394 C CE2 . DPN C 5  ? 0.5131 0.3805 0.4693 -0.0292 0.0145  -0.0353 7   DPN C CE2 
395 C CZ  . DPN C 5  ? 0.4991 0.4102 0.5177 -0.0364 0.0162  -0.0131 7   DPN C CZ  
396 N N   . DLE C 6  ? 0.2644 0.2609 0.2908 -0.0307 0.0232  0.0100  8   DLE C N   
397 C CA  . DLE C 6  ? 0.2602 0.3145 0.2815 -0.0157 0.0073  0.0470  8   DLE C CA  
398 C CB  . DLE C 6  ? 0.3520 0.4021 0.2661 -0.0189 -0.0098 0.0539  8   DLE C CB  
399 C CG  . DLE C 6  ? 0.3535 0.4354 0.3455 -0.0207 -0.0126 0.0548  8   DLE C CG  
400 C CD1 . DLE C 6  ? 0.4173 0.4588 0.3554 -0.0288 -0.0386 0.0700  8   DLE C CD1 
401 C CD2 . DLE C 6  ? 0.4027 0.4900 0.3820 -0.0761 -0.0500 0.0501  8   DLE C CD2 
402 C C   . DLE C 6  ? 0.2169 0.2925 0.2233 -0.0320 0.0051  0.0759  8   DLE C C   
403 O O   . DLE C 6  ? 0.2389 0.3071 0.2085 0.0014  0.0030  0.0580  8   DLE C O   
404 N N   . DHI C 7  ? 0.2219 0.2529 0.2488 -0.0322 -0.0182 0.0411  9   DHI C N   
405 C CA  . DHI C 7  ? 0.2398 0.2646 0.2446 -0.0008 0.0024  0.0510  9   DHI C CA  
406 C C   . DHI C 7  ? 0.2461 0.2121 0.2331 -0.0232 0.0173  0.0513  9   DHI C C   
407 O O   . DHI C 7  ? 0.2355 0.2283 0.2641 0.0028  0.0262  0.0301  9   DHI C O   
408 C CB  . DHI C 7  ? 0.3209 0.3013 0.2453 0.0052  0.0142  0.0846  9   DHI C CB  
409 C CG  . DHI C 7  ? 0.4137 0.3008 0.2269 -0.0010 0.0328  0.1051  9   DHI C CG  
410 N ND1 . DHI C 7  ? 0.4481 0.3532 0.3737 -0.0336 0.0316  0.0805  9   DHI C ND1 
411 C CD2 . DHI C 7  ? 0.4268 0.3005 0.3393 -0.0023 0.0422  0.0913  9   DHI C CD2 
412 C CE1 . DHI C 7  ? 0.4563 0.3548 0.3515 -0.0203 0.0326  0.0853  9   DHI C CE1 
413 N NE2 . DHI C 7  ? 0.4651 0.3358 0.3556 -0.0074 0.0146  0.0639  9   DHI C NE2 
414 N N   . DAL C 8  ? 0.2519 0.2294 0.2513 -0.0111 0.0140  0.0588  10  DAL C N   
415 C CA  . DAL C 8  ? 0.2690 0.2179 0.2421 -0.0276 0.0115  0.0502  10  DAL C CA  
416 C CB  . DAL C 8  ? 0.2493 0.2566 0.2677 -0.0548 0.0134  0.0529  10  DAL C CB  
417 C C   . DAL C 8  ? 0.2258 0.2017 0.2256 -0.0085 -0.0052 0.0499  10  DAL C C   
418 O O   . DAL C 8  ? 0.2718 0.2033 0.2205 -0.0108 -0.0058 0.0532  10  DAL C O   
419 N N   . DAL C 9  ? 0.2148 0.2250 0.2339 -0.0191 0.0165  0.0369  11  DAL C N   
420 C CA  . DAL C 9  ? 0.2102 0.2253 0.2203 -0.0230 -0.0004 0.0391  11  DAL C CA  
421 C CB  . DAL C 9  ? 0.2626 0.2305 0.2884 -0.0407 0.0137  0.0134  11  DAL C CB  
422 C C   . DAL C 9  ? 0.2250 0.2294 0.2352 -0.0087 -0.0127 0.0199  11  DAL C C   
423 O O   . DAL C 9  ? 0.2323 0.2217 0.2417 -0.0181 -0.0074 0.0278  11  DAL C O   
424 N N   . DLY C 10 ? 0.2217 0.2122 0.2149 -0.0304 0.0123  0.0489  12  DLY C N   
425 C CA  . DLY C 10 ? 0.2276 0.2325 0.2364 -0.0072 0.0095  0.0618  12  DLY C CA  
426 C C   . DLY C 10 ? 0.2298 0.2435 0.2249 -0.0140 0.0077  0.0697  12  DLY C C   
427 O O   . DLY C 10 ? 0.2565 0.2511 0.2356 0.0119  0.0238  0.0934  12  DLY C O   
428 C CB  . DLY C 10 ? 0.2196 0.2313 0.2350 0.0042  0.0073  0.0470  12  DLY C CB  
429 C CG  . DLY C 10 ? 0.2455 0.2470 0.2544 -0.0149 0.0066  0.0457  12  DLY C CG  
430 C CD  . DLY C 10 ? 0.3173 0.2755 0.2876 0.0130  -0.0234 0.0508  12  DLY C CD  
431 C CE  . DLY C 10 ? 0.3770 0.3080 0.3558 0.0089  -0.0482 0.0192  12  DLY C CE  
432 N NZ  . DLY C 10 ? 0.4149 0.3861 0.3689 0.0264  -0.0513 0.0347  12  DLY C NZ  
433 N N   . DLY C 11 ? 0.2307 0.2223 0.2239 -0.0068 0.0151  0.0652  13  DLY C N   
434 C CA  . DLY C 11 ? 0.2556 0.2192 0.2545 -0.0051 0.0169  0.0390  13  DLY C CA  
435 C C   . DLY C 11 ? 0.2665 0.2343 0.2545 0.0015  -0.0002 0.0300  13  DLY C C   
436 O O   . DLY C 11 ? 0.3109 0.2469 0.2594 -0.0179 0.0211  0.0297  13  DLY C O   
437 C CB  . DLY C 11 ? 0.2607 0.2628 0.3048 -0.0407 0.0130  0.0105  13  DLY C CB  
438 C CG  . DLY C 11 ? 0.3689 0.3274 0.3504 0.0011  -0.0082 0.0322  13  DLY C CG  
439 C CD  . DLY C 11 ? 0.4280 0.3723 0.4589 -0.0458 0.0123  0.0427  13  DLY C CD  
440 C CE  . DLY C 11 ? 0.5555 0.4648 0.4834 -0.0261 -0.0088 -0.0036 13  DLY C CE  
441 N NZ  . DLY C 11 ? 0.5494 0.5301 0.5610 -0.0224 -0.0004 -0.0435 13  DLY C NZ  
442 N N   . DPN C 12 ? 0.2513 0.2213 0.2501 -0.0097 0.0086  0.0285  14  DPN C N   
443 C CA  . DPN C 12 ? 0.2002 0.2514 0.2508 -0.0182 0.0018  0.0420  14  DPN C CA  
444 C C   . DPN C 12 ? 0.2070 0.2398 0.2476 -0.0177 0.0062  0.0406  14  DPN C C   
445 O O   . DPN C 12 ? 0.2053 0.2288 0.2542 -0.0232 0.0096  0.0330  14  DPN C O   
446 C CB  . DPN C 12 ? 0.2173 0.2643 0.2416 -0.0087 -0.0079 0.0371  14  DPN C CB  
447 C CG  . DPN C 12 ? 0.2015 0.2211 0.2878 -0.0011 0.0013  0.0250  14  DPN C CG  
448 C CD1 . DPN C 12 ? 0.2884 0.2247 0.2990 -0.0068 -0.0298 0.0429  14  DPN C CD1 
449 C CD2 . DPN C 12 ? 0.2653 0.2229 0.3335 -0.0009 -0.0482 0.0232  14  DPN C CD2 
450 C CE1 . DPN C 12 ? 0.3428 0.2551 0.2795 0.0049  -0.0373 0.0474  14  DPN C CE1 
451 C CE2 . DPN C 12 ? 0.3042 0.2212 0.3410 -0.0007 -0.0057 0.0298  14  DPN C CE2 
452 C CZ  . DPN C 12 ? 0.3712 0.2504 0.3291 0.0047  -0.0190 0.0188  14  DPN C CZ  
453 N N   . DAL C 13 ? 0.2233 0.2229 0.2132 0.0006  -0.0082 0.0441  15  DAL C N   
454 C CA  . DAL C 13 ? 0.2551 0.2438 0.2550 -0.0438 0.0107  0.0380  15  DAL C CA  
455 C CB  . DAL C 13 ? 0.2464 0.3067 0.2436 -0.0527 0.0027  0.0454  15  DAL C CB  
456 C C   . DAL C 13 ? 0.2395 0.2484 0.2838 -0.0447 0.0360  0.0500  15  DAL C C   
457 O O   . DAL C 13 ? 0.2323 0.2296 0.2623 -0.0573 0.0164  0.0272  15  DAL C O   
458 N N   . DLY C 14 ? 0.2138 0.2514 0.2545 -0.0402 0.0075  0.0466  16  DLY C N   
459 C CA  . DLY C 14 ? 0.2564 0.2952 0.2903 -0.0207 0.0057  0.0170  16  DLY C CA  
460 C C   . DLY C 14 ? 0.2454 0.2142 0.2826 -0.0220 0.0200  0.0238  16  DLY C C   
461 O O   . DLY C 14 ? 0.2438 0.3171 0.2580 -0.0205 0.0087  0.0209  16  DLY C O   
462 C CB  . DLY C 14 ? 0.3025 0.2958 0.3037 -0.0073 0.0003  0.0219  16  DLY C CB  
463 C CG  . DLY C 14 ? 0.3432 0.3703 0.3459 -0.0063 -0.0332 0.0031  16  DLY C CG  
464 C CD  . DLY C 14 ? 0.4367 0.4075 0.4288 0.0305  -0.0036 0.0638  16  DLY C CD  
465 C CE  . DLY C 14 ? 0.5351 0.5141 0.4867 -0.0054 -0.0208 0.0138  16  DLY C CE  
466 N NZ  . DLY C 14 ? 0.6888 0.5117 0.5687 0.0299  -0.0186 0.0777  16  DLY C NZ  
467 N N   . DAL C 15 ? 0.2390 0.2199 0.2480 0.0002  0.0042  0.0261  17  DAL C N   
468 C CA  . DAL C 15 ? 0.2470 0.1924 0.2485 0.0007  0.0023  0.0127  17  DAL C CA  
469 C CB  . DAL C 15 ? 0.2649 0.1662 0.2523 -0.0235 0.0187  0.0308  17  DAL C CB  
470 C C   . DAL C 15 ? 0.2141 0.2427 0.2533 -0.0172 0.0034  0.0278  17  DAL C C   
471 O O   . DAL C 15 ? 0.2633 0.2347 0.2446 -0.0167 -0.0011 0.0423  17  DAL C O   
472 N N   . DPN C 16 ? 0.1905 0.2494 0.2084 -0.0371 0.0095  0.0263  18  DPN C N   
473 C CA  . DPN C 16 ? 0.2076 0.2266 0.2291 -0.0402 -0.0049 0.0310  18  DPN C CA  
474 C C   . DPN C 16 ? 0.2314 0.2762 0.2233 -0.0311 0.0046  0.0147  18  DPN C C   
475 O O   . DPN C 16 ? 0.2678 0.2157 0.2239 -0.0490 0.0334  0.0006  18  DPN C O   
476 C CB  . DPN C 16 ? 0.2278 0.2365 0.2219 -0.0162 0.0016  0.0136  18  DPN C CB  
477 C CG  . DPN C 16 ? 0.2325 0.2407 0.2551 -0.0336 0.0193  0.0289  18  DPN C CG  
478 C CD1 . DPN C 16 ? 0.2940 0.2661 0.2576 -0.0331 -0.0057 0.0431  18  DPN C CD1 
479 C CD2 . DPN C 16 ? 0.2757 0.2835 0.2679 -0.0741 0.0139  0.0132  18  DPN C CD2 
480 C CE1 . DPN C 16 ? 0.3033 0.2599 0.2797 -0.0412 -0.0011 0.0443  18  DPN C CE1 
481 C CE2 . DPN C 16 ? 0.2615 0.2598 0.3172 -0.0841 0.0185  0.0278  18  DPN C CE2 
482 C CZ  . DPN C 16 ? 0.2936 0.2955 0.3070 -0.0588 0.0198  0.0321  18  DPN C CZ  
483 N N   . DVA C 17 ? 0.2357 0.2801 0.2553 -0.0451 -0.0066 0.0122  19  DVA C N   
484 C CA  . DVA C 17 ? 0.2524 0.3444 0.3032 -0.0219 0.0151  0.0070  19  DVA C CA  
485 C CB  . DVA C 17 ? 0.2634 0.3633 0.3567 -0.0392 -0.0135 0.0065  19  DVA C CB  
486 C CG1 . DVA C 17 ? 0.2929 0.4155 0.3824 -0.0237 0.0036  0.0011  19  DVA C CG1 
487 C CG2 . DVA C 17 ? 0.2923 0.3887 0.3721 -0.0144 0.0156  -0.0126 19  DVA C CG2 
488 C C   . DVA C 17 ? 0.2402 0.3550 0.2818 -0.0088 0.0093  0.0106  19  DVA C C   
489 O O   . DVA C 17 ? 0.2734 0.4051 0.2857 0.0167  0.0314  -0.0162 19  DVA C O   
490 N N   . DAL C 18 ? 0.2423 0.3146 0.2676 0.0059  0.0006  -0.0113 20  DAL C N   
491 C CA  . DAL C 18 ? 0.2988 0.2972 0.2937 0.0191  0.0093  -0.0071 20  DAL C CA  
492 C CB  . DAL C 18 ? 0.3326 0.2658 0.3271 -0.0124 -0.0108 -0.0177 20  DAL C CB  
493 C C   . DAL C 18 ? 0.2951 0.2402 0.3052 0.0157  -0.0008 -0.0087 20  DAL C C   
494 O O   . DAL C 18 ? 0.3384 0.2646 0.3089 0.0530  -0.0230 -0.0215 20  DAL C O   
495 N N   . DGL C 19 ? 0.2527 0.2502 0.2694 -0.0126 0.0053  -0.0120 21  DGL C N   
496 C CA  . DGL C 19 ? 0.2747 0.2197 0.2707 -0.0115 0.0077  0.0092  21  DGL C CA  
497 C C   . DGL C 19 ? 0.2987 0.2406 0.2686 -0.0070 0.0265  0.0016  21  DGL C C   
498 O O   . DGL C 19 ? 0.3648 0.2775 0.2626 -0.0048 0.0573  0.0082  21  DGL C O   
499 C CB  . DGL C 19 ? 0.2742 0.2105 0.2771 -0.0067 -0.0004 0.0148  21  DGL C CB  
500 C CG  . DGL C 19 ? 0.2862 0.2544 0.2755 -0.0217 -0.0058 0.0230  21  DGL C CG  
501 C CD  . DGL C 19 ? 0.3034 0.2942 0.3188 -0.0074 0.0028  0.0182  21  DGL C CD  
502 O OE1 . DGL C 19 ? 0.2772 0.2630 0.2688 -0.0035 -0.0013 0.0513  21  DGL C OE1 
503 O OE2 . DGL C 19 ? 0.3258 0.2722 0.3705 -0.0254 -0.0345 0.0504  21  DGL C OE2 
504 N N   . DIL C 20 ? 0.3024 0.2474 0.2803 -0.0109 0.0373  -0.0091 22  DIL C N   
505 C CA  . DIL C 20 ? 0.3358 0.3301 0.3333 -0.0639 0.0584  0.0088  22  DIL C CA  
506 C C   . DIL C 20 ? 0.3600 0.4187 0.4088 -0.0413 0.0827  0.0077  22  DIL C C   
507 O O   . DIL C 20 ? 0.4341 0.5172 0.4460 -0.0736 0.1586  -0.0006 22  DIL C O   
508 C CB  . DIL C 20 ? 0.3149 0.3374 0.3667 -0.1064 0.0715  0.0025  22  DIL C CB  
509 C CG1 . DIL C 20 ? 0.3661 0.3867 0.3975 -0.0726 0.0358  0.0143  22  DIL C CG1 
510 C CG2 . DIL C 20 ? 0.3572 0.3018 0.3480 -0.0677 0.0416  0.0267  22  DIL C CG2 
511 C CD1 . DIL C 20 ? 0.4421 0.3752 0.4227 -0.0360 0.0057  -0.0050 22  DIL C CD1 
512 N N   . MED C 21 ? 0.2812 0.4006 0.4938 -0.0056 0.0606  -0.0347 23  MED C N   
513 C CA  . MED C 21 ? 0.3098 0.5324 0.5305 0.0266  0.0693  -0.0721 23  MED C CA  
514 C C   . MED C 21 ? 0.4603 0.5260 0.6288 0.0763  0.0138  -0.1138 23  MED C C   
515 O O   . MED C 21 ? 0.4157 0.6961 0.5881 0.1277  0.0500  -0.1209 23  MED C O   
516 C CB  . MED C 21 ? 0.4442 0.5168 0.5400 0.0302  0.0262  -0.0326 23  MED C CB  
517 C CG  . MED C 21 ? 0.4195 0.5000 0.5387 0.0153  -0.0004 0.0145  23  MED C CG  
518 S SD  . MED C 21 ? 0.3332 0.6070 0.5670 -0.0436 0.0080  0.0312  23  MED C SD  
519 C CE  . MED C 21 ? 0.4413 0.5291 0.5410 -0.0398 0.0049  -0.0024 23  MED C CE  
520 N N   . DSG C 22 ? 0.4641 0.7010 0.7332 0.0422  0.0057  -0.1121 24  DSG C N   
521 C CA  . DSG C 22 ? 0.6448 0.7128 0.7458 0.0314  -0.0307 -0.1120 24  DSG C CA  
522 C C   . DSG C 22 ? 0.7318 0.9445 0.7736 0.0168  -0.0041 0.0201  24  DSG C C   
523 O O   . DSG C 22 ? 0.8554 0.8765 0.8398 0.0032  -0.0201 -0.0248 24  DSG C O   
524 C CB  . DSG C 22 ? 0.6753 0.6467 0.7024 0.0029  -0.0103 -0.0740 24  DSG C CB  
525 C CG  . DSG C 22 ? 0.6621 0.5816 0.6557 0.0582  -0.0342 -0.0432 24  DSG C CG  
526 O OD1 . DSG C 22 ? 0.6046 0.6037 0.5426 0.0771  -0.0395 -0.0096 24  DSG C OD1 
527 N ND2 . DSG C 22 ? 0.6379 0.4894 0.5955 0.1145  -0.0108 -0.1037 24  DSG C ND2 
528 N N   . DSE C 23 ? 0.9474 0.9512 0.9216 0.0264  0.0104  -0.0095 25  DSE C N   
529 C CA  . DSE C 23 ? 0.9965 1.0453 0.9386 -0.0551 -0.0168 0.0323  25  DSE C CA  
530 C C   . DSE C 23 ? 1.0374 1.0258 1.0428 -0.1433 -0.0932 0.0358  25  DSE C C   
531 O O   . DSE C 23 ? 1.1294 0.9412 1.0898 -0.2034 0.0110  0.0662  25  DSE C O   
532 O OXT . DSE C 23 ? 1.0516 0.6949 1.1011 -0.3081 -0.0645 0.2220  25  DSE C OXT 
533 C CB  . DSE C 23 ? 0.9648 1.0792 1.0884 -0.0493 -0.0417 0.0152  25  DSE C CB  
534 O OG  . DSE C 23 ? 0.4775 1.1134 1.1061 -0.0614 -0.1169 0.0979  25  DSE C OG  
535 N N   . GLY D 1  ? 0.3745 0.3136 0.3444 -0.0035 0.0295  -0.0046 3   GLY D N   
536 C CA  . GLY D 1  ? 0.3374 0.2811 0.3378 -0.0126 0.0356  -0.0105 3   GLY D CA  
537 C C   . GLY D 1  ? 0.2741 0.2172 0.2467 -0.0550 0.0211  0.0313  3   GLY D C   
538 O O   . GLY D 1  ? 0.2829 0.2139 0.2509 -0.0406 0.0157  0.0106  3   GLY D O   
539 N N   . DIL D 2  ? 0.2964 0.2260 0.2590 -0.0301 -0.0060 -0.0120 4   DIL D N   
540 C CA  . DIL D 2  ? 0.2873 0.2309 0.2673 -0.0305 -0.0107 -0.0222 4   DIL D CA  
541 C C   . DIL D 2  ? 0.3041 0.2135 0.2434 -0.0221 -0.0061 -0.0220 4   DIL D C   
542 O O   . DIL D 2  ? 0.2826 0.1745 0.2228 -0.0608 0.0047  -0.0010 4   DIL D O   
543 C CB  . DIL D 2  ? 0.3352 0.2851 0.2730 -0.0284 -0.0079 0.0095  4   DIL D CB  
544 C CG1 . DIL D 2  ? 0.3373 0.3053 0.2605 -0.0181 -0.0087 0.0348  4   DIL D CG1 
545 C CG2 . DIL D 2  ? 0.3296 0.3089 0.2360 -0.0363 -0.0143 0.0196  4   DIL D CG2 
546 C CD1 . DIL D 2  ? 0.3611 0.3464 0.2486 -0.0176 -0.0128 0.0347  4   DIL D CD1 
547 N N   . GLY D 3  ? 0.2964 0.2436 0.2608 -0.0646 -0.0063 -0.0425 5   GLY D N   
548 C CA  . GLY D 3  ? 0.3002 0.2839 0.3017 -0.0563 0.0077  -0.0183 5   GLY D CA  
549 C C   . GLY D 3  ? 0.3144 0.2523 0.3017 -0.0531 0.0040  -0.0167 5   GLY D C   
550 O O   . GLY D 3  ? 0.3056 0.3028 0.3018 -0.0750 0.0148  -0.0244 5   GLY D O   
551 N N   . DLY D 4  ? 0.3102 0.1704 0.3234 -0.0674 0.0163  -0.0223 6   DLY D N   
552 C CA  . DLY D 4  ? 0.3310 0.2469 0.3146 -0.0587 0.0142  -0.0162 6   DLY D CA  
553 C C   . DLY D 4  ? 0.3068 0.2372 0.2630 -0.0536 0.0195  0.0039  6   DLY D C   
554 O O   . DLY D 4  ? 0.3009 0.2046 0.2551 -0.0518 0.0065  0.0113  6   DLY D O   
555 C CB  . DLY D 4  ? 0.3933 0.2583 0.3790 -0.0026 0.0092  -0.0088 6   DLY D CB  
556 C CG  . DLY D 4  ? 0.4561 0.3606 0.4025 -0.0246 -0.0233 0.0034  6   DLY D CG  
557 C CD  . DLY D 4  ? 0.4759 0.4526 0.5216 0.0079  -0.0245 0.0129  6   DLY D CD  
558 C CE  . DLY D 4  ? 0.6150 0.4850 0.6430 -0.0058 -0.0167 -0.0497 6   DLY D CE  
559 N NZ  . DLY D 4  ? 0.7235 0.6575 0.6795 0.0071  0.0234  0.0022  6   DLY D NZ  
560 N N   . DPN D 5  ? 0.2422 0.2093 0.2380 -0.0092 0.0260  -0.0021 7   DPN D N   
561 C CA  . DPN D 5  ? 0.2241 0.2115 0.2078 -0.0296 0.0007  0.0026  7   DPN D CA  
562 C C   . DPN D 5  ? 0.2093 0.1761 0.2194 -0.0649 0.0215  0.0176  7   DPN D C   
563 O O   . DPN D 5  ? 0.2257 0.2366 0.2266 -0.0635 0.0171  -0.0050 7   DPN D O   
564 C CB  . DPN D 5  ? 0.2089 0.2163 0.2235 -0.0325 -0.0008 0.0114  7   DPN D CB  
565 C CG  . DPN D 5  ? 0.2357 0.2167 0.2349 -0.0260 0.0045  0.0016  7   DPN D CG  
566 C CD1 . DPN D 5  ? 0.2196 0.2122 0.2619 -0.0418 -0.0037 0.0054  7   DPN D CD1 
567 C CD2 . DPN D 5  ? 0.2323 0.2069 0.2380 -0.0674 0.0074  0.0309  7   DPN D CD2 
568 C CE1 . DPN D 5  ? 0.2891 0.2112 0.2635 -0.0279 0.0007  0.0067  7   DPN D CE1 
569 C CE2 . DPN D 5  ? 0.2767 0.2126 0.2448 0.0035  0.0105  0.0438  7   DPN D CE2 
570 C CZ  . DPN D 5  ? 0.2824 0.1783 0.2668 -0.0356 0.0370  0.0241  7   DPN D CZ  
571 N N   . DLE D 6  ? 0.2170 0.2597 0.2477 -0.0288 0.0043  -0.0193 8   DLE D N   
572 C CA  . DLE D 6  ? 0.2285 0.2814 0.2879 -0.0223 0.0003  -0.0158 8   DLE D CA  
573 C CB  . DLE D 6  ? 0.2432 0.3071 0.2979 -0.0174 -0.0167 -0.0149 8   DLE D CB  
574 C CG  . DLE D 6  ? 0.3054 0.3394 0.3227 -0.0191 -0.0156 0.0142  8   DLE D CG  
575 C CD1 . DLE D 6  ? 0.3430 0.3794 0.3416 -0.0107 -0.0303 -0.0141 8   DLE D CD1 
576 C CD2 . DLE D 6  ? 0.3895 0.3467 0.3650 0.0029  -0.0184 -0.0122 8   DLE D CD2 
577 C C   . DLE D 6  ? 0.2411 0.2482 0.2978 -0.0328 0.0097  -0.0272 8   DLE D C   
578 O O   . DLE D 6  ? 0.2471 0.3242 0.2538 -0.0229 0.0204  -0.0320 8   DLE D O   
579 N N   . DHI D 7  ? 0.2066 0.2464 0.2922 -0.0581 0.0233  -0.0178 9   DHI D N   
580 C CA  . DHI D 7  ? 0.2635 0.2900 0.2896 -0.0519 0.0309  -0.0115 9   DHI D CA  
581 C C   . DHI D 7  ? 0.2385 0.2575 0.2819 -0.0538 0.0316  0.0155  9   DHI D C   
582 O O   . DHI D 7  ? 0.2601 0.2906 0.2756 -0.0628 0.0282  -0.0146 9   DHI D O   
583 C CB  . DHI D 7  ? 0.3037 0.2917 0.3687 -0.0726 -0.0062 -0.0203 9   DHI D CB  
584 C CG  . DHI D 7  ? 0.3912 0.3169 0.3816 -0.0595 0.0204  -0.0071 9   DHI D CG  
585 N ND1 . DHI D 7  ? 0.4531 0.3246 0.4085 -0.0192 0.0364  0.0308  9   DHI D ND1 
586 C CD2 . DHI D 7  ? 0.3958 0.3580 0.4168 -0.0939 0.0389  0.0553  9   DHI D CD2 
587 C CE1 . DHI D 7  ? 0.4349 0.3788 0.4069 -0.0525 0.0443  0.0274  9   DHI D CE1 
588 N NE2 . DHI D 7  ? 0.4618 0.4378 0.4106 -0.0453 0.0270  0.0762  9   DHI D NE2 
589 N N   . DAL D 8  ? 0.2382 0.2086 0.2520 -0.0703 0.0451  0.0088  10  DAL D N   
590 C CA  . DAL D 8  ? 0.2659 0.2086 0.2624 -0.0365 0.0205  -0.0080 10  DAL D CA  
591 C CB  . DAL D 8  ? 0.2732 0.2252 0.2811 -0.0036 0.0169  -0.0045 10  DAL D CB  
592 C C   . DAL D 8  ? 0.2554 0.2015 0.2254 -0.0445 0.0177  -0.0026 10  DAL D C   
593 O O   . DAL D 8  ? 0.2726 0.2095 0.2326 -0.0382 0.0154  -0.0132 10  DAL D O   
594 N N   . DAL D 9  ? 0.2382 0.1928 0.2372 -0.0391 0.0181  0.0024  11  DAL D N   
595 C CA  . DAL D 9  ? 0.2948 0.2110 0.2411 0.0053  0.0056  0.0196  11  DAL D CA  
596 C CB  . DAL D 9  ? 0.3367 0.2576 0.2444 0.0103  0.0357  0.0389  11  DAL D CB  
597 C C   . DAL D 9  ? 0.3189 0.2382 0.2565 0.0219  0.0284  0.0116  11  DAL D C   
598 O O   . DAL D 9  ? 0.3379 0.2474 0.2233 -0.0047 0.0612  0.0248  11  DAL D O   
599 N N   . DLY D 10 ? 0.2984 0.3078 0.2620 0.0148  0.0322  -0.0150 12  DLY D N   
600 C CA  . DLY D 10 ? 0.2981 0.3410 0.3253 0.0075  0.0418  0.0006  12  DLY D CA  
601 C C   . DLY D 10 ? 0.2646 0.3289 0.3115 -0.0034 0.0195  -0.0398 12  DLY D C   
602 O O   . DLY D 10 ? 0.2305 0.2874 0.3212 -0.0289 0.0343  -0.0378 12  DLY D O   
603 C CB  . DLY D 10 ? 0.3402 0.4383 0.3972 -0.0172 -0.0023 -0.0397 12  DLY D CB  
604 C CG  . DLY D 10 ? 0.3904 0.5624 0.4807 -0.0112 0.0410  -0.0078 12  DLY D CG  
605 C CD  . DLY D 10 ? 0.5988 0.5869 0.6580 -0.0543 0.0180  -0.0348 12  DLY D CD  
606 C CE  . DLY D 10 ? 0.6901 0.7368 0.6923 -0.0553 -0.0262 -0.0274 12  DLY D CE  
607 N NZ  . DLY D 10 ? 0.8190 0.7409 0.8028 -0.0770 -0.0024 -0.0344 12  DLY D NZ  
608 N N   . DLY D 11 ? 0.2237 0.3114 0.2733 -0.0318 0.0244  -0.0301 13  DLY D N   
609 C CA  . DLY D 11 ? 0.2416 0.3002 0.2775 -0.0521 0.0259  -0.0085 13  DLY D CA  
610 C C   . DLY D 11 ? 0.2598 0.2466 0.2399 -0.0281 0.0424  0.0008  13  DLY D C   
611 O O   . DLY D 11 ? 0.2639 0.2133 0.2295 -0.0615 0.0506  0.0424  13  DLY D O   
612 C CB  . DLY D 11 ? 0.3145 0.3142 0.3345 -0.0168 0.0240  0.0059  13  DLY D CB  
613 C CG  . DLY D 11 ? 0.4096 0.3795 0.4069 -0.0508 0.0077  -0.0291 13  DLY D CG  
614 C CD  . DLY D 11 ? 0.5066 0.4862 0.4500 -0.0863 0.0621  -0.0046 13  DLY D CD  
615 C CE  . DLY D 11 ? 0.5567 0.5628 0.6060 -0.0086 0.0020  -0.0046 13  DLY D CE  
616 N NZ  . DLY D 11 ? 0.6467 0.6788 0.6512 -0.0165 -0.0362 -0.0369 13  DLY D NZ  
617 N N   . DPN D 12 ? 0.2542 0.2486 0.2293 -0.0217 0.0387  0.0141  14  DPN D N   
618 C CA  . DPN D 12 ? 0.2455 0.2280 0.2441 0.0066  0.0281  0.0059  14  DPN D CA  
619 C C   . DPN D 12 ? 0.2214 0.1941 0.2251 -0.0186 0.0220  0.0167  14  DPN D C   
620 O O   . DPN D 12 ? 0.2459 0.2269 0.2352 -0.0247 0.0537  0.0061  14  DPN D O   
621 C CB  . DPN D 12 ? 0.2560 0.2327 0.2567 0.0020  0.0384  -0.0071 14  DPN D CB  
622 C CG  . DPN D 12 ? 0.2426 0.2114 0.2979 -0.0012 0.0445  0.0154  14  DPN D CG  
623 C CD1 . DPN D 12 ? 0.2573 0.2731 0.3219 -0.0185 0.0090  0.0047  14  DPN D CD1 
624 C CD2 . DPN D 12 ? 0.3612 0.3036 0.3095 -0.0409 0.0461  0.0676  14  DPN D CD2 
625 C CE1 . DPN D 12 ? 0.2574 0.3066 0.2912 -0.0554 0.0184  -0.0029 14  DPN D CE1 
626 C CE2 . DPN D 12 ? 0.3267 0.3586 0.3690 -0.0644 -0.0021 0.0174  14  DPN D CE2 
627 C CZ  . DPN D 12 ? 0.3215 0.3253 0.3621 -0.0514 0.0131  0.0399  14  DPN D CZ  
628 N N   . DAL D 13 ? 0.2409 0.2337 0.2158 -0.0143 0.0172  0.0084  15  DAL D N   
629 C CA  . DAL D 13 ? 0.3064 0.2692 0.3011 0.0291  0.0172  -0.0043 15  DAL D CA  
630 C CB  . DAL D 13 ? 0.3257 0.2989 0.3114 0.0238  -0.0025 -0.0231 15  DAL D CB  
631 C C   . DAL D 13 ? 0.2999 0.2685 0.2711 0.0295  0.0030  -0.0036 15  DAL D C   
632 O O   . DAL D 13 ? 0.3399 0.1818 0.2325 0.0025  0.0275  0.0576  15  DAL D O   
633 N N   . DLY D 14 ? 0.2483 0.3012 0.2385 0.0028  -0.0123 -0.0050 16  DLY D N   
634 C CA  . DLY D 14 ? 0.2689 0.2599 0.2872 -0.0180 0.0053  -0.0063 16  DLY D CA  
635 C C   . DLY D 14 ? 0.2170 0.2237 0.2526 -0.0552 0.0519  0.0137  16  DLY D C   
636 O O   . DLY D 14 ? 0.2536 0.2412 0.2452 -0.0447 0.0728  0.0283  16  DLY D O   
637 C CB  . DLY D 14 ? 0.2832 0.2769 0.3184 -0.0436 0.0051  -0.0102 16  DLY D CB  
638 N N   . DAL D 15 ? 0.2285 0.1958 0.2559 -0.0484 0.0311  0.0134  17  DAL D N   
639 C CA  . DAL D 15 ? 0.2344 0.2375 0.2540 -0.0132 0.0247  0.0100  17  DAL D CA  
640 C CB  . DAL D 15 ? 0.2522 0.2306 0.2476 0.0046  0.0114  0.0047  17  DAL D CB  
641 C C   . DAL D 15 ? 0.2181 0.2272 0.2398 -0.0127 0.0283  0.0198  17  DAL D C   
642 O O   . DAL D 15 ? 0.2712 0.1945 0.2407 -0.0107 0.0344  0.0333  17  DAL D O   
643 N N   . DPN D 16 ? 0.2255 0.2150 0.2390 -0.0121 0.0388  0.0074  18  DPN D N   
644 C CA  . DPN D 16 ? 0.2340 0.2319 0.2420 -0.0206 0.0184  -0.0060 18  DPN D CA  
645 C C   . DPN D 16 ? 0.2369 0.2394 0.2466 -0.0119 0.0216  0.0094  18  DPN D C   
646 O O   . DPN D 16 ? 0.2543 0.2913 0.2519 0.0078  0.0343  -0.0092 18  DPN D O   
647 C CB  . DPN D 16 ? 0.2910 0.2517 0.2475 -0.0220 0.0452  0.0005  18  DPN D CB  
648 C CG  . DPN D 16 ? 0.3144 0.2713 0.2957 -0.0550 0.0648  -0.0288 18  DPN D CG  
649 C CD1 . DPN D 16 ? 0.3388 0.3059 0.3512 -0.0550 0.0360  -0.0433 18  DPN D CD1 
650 C CD2 . DPN D 16 ? 0.3426 0.2736 0.2906 -0.0731 0.0442  -0.0018 18  DPN D CD2 
651 C CE1 . DPN D 16 ? 0.4130 0.2924 0.4043 -0.0461 0.0218  -0.0265 18  DPN D CE1 
652 C CE2 . DPN D 16 ? 0.4145 0.2534 0.3138 -0.0368 0.0365  0.0189  18  DPN D CE2 
653 C CZ  . DPN D 16 ? 0.3780 0.2894 0.3373 -0.0606 0.0522  0.0117  18  DPN D CZ  
654 N N   . DVA D 17 ? 0.2510 0.2384 0.2464 -0.0012 0.0145  0.0017  19  DVA D N   
655 C CA  . DVA D 17 ? 0.2578 0.2701 0.3035 0.0090  0.0218  0.0232  19  DVA D CA  
656 C CB  . DVA D 17 ? 0.2988 0.3001 0.3088 0.0240  0.0008  0.0254  19  DVA D CB  
657 C CG1 . DVA D 17 ? 0.3309 0.3615 0.2952 0.0226  0.0225  0.0312  19  DVA D CG1 
658 C CG2 . DVA D 17 ? 0.2924 0.3817 0.3726 0.0068  -0.0201 0.0090  19  DVA D CG2 
659 C C   . DVA D 17 ? 0.2201 0.3159 0.2882 0.0066  0.0208  0.0002  19  DVA D C   
660 O O   . DVA D 17 ? 0.2701 0.3344 0.2846 0.0339  0.0419  0.0147  19  DVA D O   
661 N N   . DAL D 18 ? 0.2159 0.3139 0.2638 0.0060  0.0224  0.0087  20  DAL D N   
662 C CA  . DAL D 18 ? 0.3221 0.3113 0.2886 0.0098  0.0378  0.0232  20  DAL D CA  
663 C CB  . DAL D 18 ? 0.3235 0.2986 0.2870 -0.0101 0.0395  0.0687  20  DAL D CB  
664 C C   . DAL D 18 ? 0.3352 0.3236 0.2835 0.0150  0.0441  0.0173  20  DAL D C   
665 O O   . DAL D 18 ? 0.3996 0.4452 0.3132 0.0491  0.0842  0.0077  20  DAL D O   
666 N N   . DGL D 19 ? 0.3227 0.2670 0.2722 0.0465  0.0166  0.0260  21  DGL D N   
667 C CA  . DGL D 19 ? 0.3810 0.2762 0.3031 0.0231  -0.0165 0.0359  21  DGL D CA  
668 C C   . DGL D 19 ? 0.3122 0.2810 0.2476 0.0129  -0.0033 0.0078  21  DGL D C   
669 O O   . DGL D 19 ? 0.3382 0.2420 0.2556 -0.0190 0.0225  0.0128  21  DGL D O   
670 C CB  . DGL D 19 ? 0.3926 0.3773 0.3915 0.0482  0.0013  0.0122  21  DGL D CB  
671 C CG  . DGL D 19 ? 0.4819 0.4898 0.4491 0.0457  -0.0613 0.0149  21  DGL D CG  
672 C CD  . DGL D 19 ? 0.6338 0.5704 0.4694 0.0678  -0.0653 0.0841  21  DGL D CD  
673 O OE1 . DGL D 19 ? 0.9274 0.7009 0.4426 0.1015  -0.1098 0.0771  21  DGL D OE1 
674 O OE2 . DGL D 19 ? 0.7034 0.5021 0.5262 0.0922  -0.1208 0.2343  21  DGL D OE2 
675 N N   . DIL D 20 ? 0.2726 0.2670 0.2600 0.0370  0.0080  0.0111  22  DIL D N   
676 C CA  . DIL D 20 ? 0.3049 0.2634 0.2471 0.0332  -0.0078 0.0190  22  DIL D CA  
677 C C   . DIL D 20 ? 0.3324 0.2455 0.2151 0.0384  0.0138  0.0226  22  DIL D C   
678 O O   . DIL D 20 ? 0.3311 0.2142 0.2227 0.0602  0.0147  0.0416  22  DIL D O   
679 C CB  . DIL D 20 ? 0.3096 0.2758 0.2729 0.0134  0.0307  0.0174  22  DIL D CB  
680 C CG1 . DIL D 20 ? 0.3574 0.2994 0.3430 -0.0060 0.0115  -0.0043 22  DIL D CG1 
681 C CG2 . DIL D 20 ? 0.3551 0.2813 0.2840 -0.0045 0.0052  -0.0100 22  DIL D CG2 
682 C CD1 . DIL D 20 ? 0.3688 0.3963 0.3644 0.0011  0.0010  0.0208  22  DIL D CD1 
683 N N   . MED D 21 ? 0.2997 0.2070 0.2505 0.0605  0.0300  0.0284  23  MED D N   
684 C CA  . MED D 21 ? 0.3079 0.2677 0.2313 0.0420  0.0436  0.0466  23  MED D CA  
685 C C   . MED D 21 ? 0.3300 0.2447 0.2370 0.0224  0.0829  0.0368  23  MED D C   
686 O O   . MED D 21 ? 0.3626 0.2878 0.2529 0.0512  0.1183  0.0578  23  MED D O   
687 C CB  . MED D 21 ? 0.3098 0.3528 0.3823 -0.0065 0.0325  0.0274  23  MED D CB  
688 C CG  . MED D 21 ? 0.4553 0.4356 0.3117 0.0067  0.0775  0.0554  23  MED D CG  
689 S SD  . MED D 21 ? 0.5209 0.4818 0.4186 -0.1674 -0.0371 0.0899  23  MED D SD  
690 C CE  . MED D 21 ? 0.4890 0.5754 0.4834 -0.0599 -0.0535 -0.0213 23  MED D CE  
691 N N   . DSG D 22 ? 0.3446 0.2885 0.2762 0.0439  0.0517  0.0069  24  DSG D N   
692 C CA  . DSG D 22 ? 0.3875 0.3223 0.2758 0.0405  0.0421  0.0310  24  DSG D CA  
693 C C   . DSG D 22 ? 0.4210 0.3285 0.3102 0.0514  0.0033  0.0211  24  DSG D C   
694 O O   . DSG D 22 ? 0.5270 0.3754 0.3003 0.1461  0.0134  0.0524  24  DSG D O   
695 C CB  . DSG D 22 ? 0.3825 0.3477 0.3141 0.0554  0.0288  0.0253  24  DSG D CB  
696 C CG  . DSG D 22 ? 0.4230 0.3645 0.3674 0.0187  0.0250  0.0509  24  DSG D CG  
697 O OD1 . DSG D 22 ? 0.4425 0.3929 0.3677 0.0244  -0.0099 0.1357  24  DSG D OD1 
698 N ND2 . DSG D 22 ? 0.4270 0.3467 0.4002 0.0097  -0.0067 0.0398  24  DSG D ND2 
699 N N   . DSE D 23 ? 0.3911 0.3279 0.2716 0.0673  0.0435  -0.0137 25  DSE D N   
700 C CA  . DSE D 23 ? 0.4409 0.3544 0.1625 0.0426  -0.0608 -0.0163 25  DSE D CA  
701 C C   . DSE D 23 ? 0.4191 0.2942 0.2866 0.0334  -0.0062 -0.0094 25  DSE D C   
702 O O   . DSE D 23 ? 0.4152 0.3025 0.2639 0.0272  -0.0203 -0.0322 25  DSE D O   
703 O OXT . DSE D 23 ? 0.3712 0.2641 0.2617 0.0315  0.0341  0.0846  25  DSE D OXT 
704 C CB  . DSE D 23 ? 0.4319 0.3838 0.3841 0.0463  -0.0429 -0.0277 25  DSE D CB  
705 O OG  . DSE D 23 ? 0.4550 0.4592 0.5024 0.0899  -0.0972 -0.0531 25  DSE D OG  
706 O O   . HOH E .  ? 0.6183 0.3192 0.4733 0.0070  0.0584  0.1816  101 HOH A O   
707 O O   . HOH E .  ? 0.9500 0.5683 0.8124 -0.4050 0.0272  -0.2668 102 HOH A O   
708 O O   . HOH E .  ? 0.4634 0.3619 0.3305 0.0135  0.0642  0.0337  103 HOH A O   
709 O O   . HOH E .  ? 0.3039 0.2949 0.3046 -0.0652 -0.0160 -0.0427 104 HOH A O   
710 O O   . HOH E .  ? 0.3310 0.4610 0.4952 0.1688  -0.0068 -0.0133 105 HOH A O   
711 O O   . HOH E .  ? 1.0345 0.0337 0.6859 -0.0712 0.0783  0.0413  106 HOH A O   
712 O O   . HOH E .  ? 1.0617 0.3012 0.6526 -0.1053 0.2426  0.1836  107 HOH A O   
713 O O   . HOH E .  ? 0.9699 0.3274 0.6620 -0.1507 0.1679  0.0775  108 HOH A O   
714 O O   . HOH E .  ? 1.2317 0.9650 1.3836 -0.4920 0.0413  0.6681  109 HOH A O   
715 O O   . HOH E .  ? 0.6473 0.5144 0.4469 0.0881  0.0507  0.0383  110 HOH A O   
716 O O   . HOH E .  ? 0.7186 0.7042 1.1153 0.0326  0.4214  0.0097  111 HOH A O   
717 O O   . HOH E .  ? 1.1313 0.5110 0.3772 -0.0414 -0.1325 0.1168  112 HOH A O   
718 O O   . HOH E .  ? 0.3009 0.5663 0.4547 0.0163  0.0576  -0.1623 113 HOH A O   
719 O O   . HOH E .  ? 0.4552 0.7462 0.7429 -0.0318 -0.0067 -0.0093 114 HOH A O   
720 O O   . HOH E .  ? 0.7241 0.4340 0.6087 -0.2776 -0.0058 0.0340  115 HOH A O   
721 O O   . HOH F .  ? 0.5202 0.4011 0.5578 0.0664  -0.1153 -0.0383 101 HOH B O   
722 O O   . HOH F .  ? 0.2947 0.2837 0.2606 -0.0657 -0.0325 -0.0068 102 HOH B O   
723 O O   . HOH F .  ? 0.6516 0.4071 0.2759 0.0570  0.0749  0.0719  103 HOH B O   
724 O O   . HOH F .  ? 0.3923 0.3223 0.4843 0.0046  0.0578  0.0129  104 HOH B O   
725 O O   . HOH F .  ? 0.3921 0.5251 0.6817 0.0341  -0.0073 -0.1828 105 HOH B O   
726 O O   . HOH F .  ? 0.5629 0.3634 0.6417 -0.1603 -0.1706 -0.0581 106 HOH B O   
727 O O   . HOH F .  ? 1.2075 0.2314 1.1097 -0.4272 0.0793  0.2075  107 HOH B O   
728 O O   . HOH F .  ? 0.4649 0.3744 0.6281 -0.1130 -0.0978 0.1248  108 HOH B O   
729 O O   . HOH F .  ? 0.8528 0.6036 1.2584 -0.2366 -0.4629 0.3983  109 HOH B O   
730 O O   . HOH G .  ? 0.2875 0.1885 0.2976 -0.0223 -0.0107 0.0579  101 HOH C O   
731 O O   . HOH G .  ? 0.6535 0.2341 0.5411 -0.1258 -0.0044 0.0239  102 HOH C O   
732 O O   . HOH G .  ? 0.6246 0.2484 0.3188 0.0138  0.0684  0.0905  103 HOH C O   
733 O O   . HOH G .  ? 0.3898 0.6451 0.4691 0.0781  0.0762  -0.0041 104 HOH C O   
734 O O   . HOH G .  ? 0.5781 0.3682 0.6507 -0.0268 0.1417  0.1840  105 HOH C O   
735 O O   . HOH G .  ? 0.6307 0.2684 0.8357 0.1366  0.0720  -0.0153 106 HOH C O   
736 O O   . HOH G .  ? 0.6724 0.3746 0.7358 -0.1391 0.1869  0.0745  107 HOH C O   
737 O O   . HOH G .  ? 0.5307 0.4213 0.7117 -0.0132 -0.1052 -0.0263 108 HOH C O   
738 O O   . HOH G .  ? 1.4397 0.6608 0.8992 -0.1993 -0.4165 0.4745  109 HOH C O   
739 O O   . HOH G .  ? 0.6578 0.5785 1.0644 0.1744  0.4643  0.2753  110 HOH C O   
740 O O   . HOH G .  ? 0.4494 1.0479 1.0856 0.1613  -0.1738 -0.5552 111 HOH C O   
741 O O   . HOH H .  ? 0.3698 0.3388 0.4664 -0.0059 0.1107  0.1010  101 HOH D O   
742 O O   . HOH H .  ? 0.4243 0.3504 0.3472 -0.0703 -0.0687 0.0641  102 HOH D O   
743 O O   . HOH H .  ? 0.4944 0.2677 0.3263 0.0572  -0.0358 0.0900  103 HOH D O   
744 O O   . HOH H .  ? 0.7173 0.2305 0.6135 -0.1407 -0.0622 0.0051  104 HOH D O   
745 O O   . HOH H .  ? 0.3668 0.5580 0.4790 -0.1203 -0.0068 -0.1164 105 HOH D O   
746 O O   . HOH H .  ? 0.2990 0.3917 0.5311 -0.1185 0.0966  -0.0219 106 HOH D O   
747 O O   . HOH H .  ? 0.4608 0.2113 0.3767 -0.0779 0.0683  0.0200  107 HOH D O   
748 O O   . HOH H .  ? 0.5940 0.2542 0.3195 -0.1096 0.1265  0.0646  108 HOH D O   
749 O O   . HOH H .  ? 0.4636 0.2255 0.5422 -0.1368 0.1673  -0.0322 109 HOH D O   
750 O O   . HOH H .  ? 0.8233 0.2985 0.8171 -0.0574 0.1148  0.0580  110 HOH D O   
# 
loop_
_pdbx_poly_seq_scheme.asym_id 
_pdbx_poly_seq_scheme.entity_id 
_pdbx_poly_seq_scheme.seq_id 
_pdbx_poly_seq_scheme.mon_id 
_pdbx_poly_seq_scheme.ndb_seq_num 
_pdbx_poly_seq_scheme.pdb_seq_num 
_pdbx_poly_seq_scheme.auth_seq_num 
_pdbx_poly_seq_scheme.pdb_mon_id 
_pdbx_poly_seq_scheme.auth_mon_id 
_pdbx_poly_seq_scheme.pdb_strand_id 
_pdbx_poly_seq_scheme.pdb_ins_code 
_pdbx_poly_seq_scheme.hetero 
A 1 1  GLY 1  3  3  GLY GLY A . n 
A 1 2  ILE 2  4  4  ILE ILE A . n 
A 1 3  GLY 3  5  5  GLY GLY A . n 
A 1 4  LYS 4  6  6  LYS LYS A . n 
A 1 5  PHE 5  7  7  PHE PHE A . n 
A 1 6  LEU 6  8  8  LEU LEU A . n 
A 1 7  HIS 7  9  9  HIS HIS A . n 
A 1 8  ALA 8  10 10 ALA ALA A . n 
A 1 9  ALA 9  11 11 ALA ALA A . n 
A 1 10 LYS 10 12 12 LYS LYS A . n 
A 1 11 LYS 11 13 13 LYS LYS A . n 
A 1 12 PHE 12 14 14 PHE PHE A . n 
A 1 13 XCP 13 15 15 XCP XCP A . n 
A 1 14 LYS 14 16 16 LYS LYS A . n 
A 1 15 ALA 15 17 17 ALA ALA A . n 
A 1 16 PHE 16 18 18 PHE PHE A . n 
A 1 17 VAL 17 19 19 VAL VAL A . n 
A 1 18 ALA 18 20 20 ALA ALA A . n 
A 1 19 GLU 19 21 21 GLU GLU A . n 
A 1 20 ILE 20 22 22 ILE ILE A . n 
A 1 21 MET 21 23 23 MET MET A . n 
A 1 22 ASN 22 24 24 ASN ASN A . n 
A 1 23 SER 23 25 25 SER SER A . n 
B 1 1  GLY 1  3  3  GLY GLY B . n 
B 1 2  ILE 2  4  4  ILE ILE B . n 
B 1 3  GLY 3  5  5  GLY GLY B . n 
B 1 4  LYS 4  6  6  LYS LYS B . n 
B 1 5  PHE 5  7  7  PHE PHE B . n 
B 1 6  LEU 6  8  8  LEU LEU B . n 
B 1 7  HIS 7  9  9  HIS HIS B . n 
B 1 8  ALA 8  10 10 ALA ALA B . n 
B 1 9  ALA 9  11 11 ALA ALA B . n 
B 1 10 LYS 10 12 12 LYS LYS B . n 
B 1 11 LYS 11 13 13 LYS LYS B . n 
B 1 12 PHE 12 14 14 PHE PHE B . n 
B 1 13 XCP 13 15 15 XCP XCP B . n 
B 1 14 LYS 14 16 16 LYS LYS B . n 
B 1 15 ALA 15 17 17 ALA ALA B . n 
B 1 16 PHE 16 18 18 PHE PHE B . n 
B 1 17 VAL 17 19 19 VAL VAL B . n 
B 1 18 ALA 18 20 20 ALA ALA B . n 
B 1 19 GLU 19 21 21 GLU GLU B . n 
B 1 20 ILE 20 22 22 ILE ILE B . n 
B 1 21 MET 21 23 23 MET MET B . n 
B 1 22 ASN 22 24 24 ASN ASN B . n 
B 1 23 SER 23 25 25 SER SER B . n 
C 2 1  GLY 1  3  3  GLY GLY C . n 
C 2 2  DIL 2  4  4  DIL DIL C . n 
C 2 3  GLY 3  5  5  GLY GLY C . n 
C 2 4  DLY 4  6  6  DLY DLY C . n 
C 2 5  DPN 5  7  7  DPN DPN C . n 
C 2 6  DLE 6  8  8  DLE DLE C . n 
C 2 7  DHI 7  9  9  DHI DHI C . n 
C 2 8  DAL 8  10 10 DAL DAL C . n 
C 2 9  DAL 9  11 11 DAL DAL C . n 
C 2 10 DLY 10 12 12 DLY DLY C . n 
C 2 11 DLY 11 13 13 DLY DLY C . n 
C 2 12 DPN 12 14 14 DPN DPN C . n 
C 2 13 DAL 13 15 15 DAL DAL C . n 
C 2 14 DLY 14 16 16 DLY DLY C . n 
C 2 15 DAL 15 17 17 DAL DAL C . n 
C 2 16 DPN 16 18 18 DPN DPN C . n 
C 2 17 DVA 17 19 19 DVA DVA C . n 
C 2 18 DAL 18 20 20 DAL DAL C . n 
C 2 19 DGL 19 21 21 DGL DGL C . n 
C 2 20 DIL 20 22 22 DIL DIL C . n 
C 2 21 MED 21 23 23 MED MED C . n 
C 2 22 DSG 22 24 24 DSG DSG C . n 
C 2 23 DSE 23 25 25 DSE DSE C . n 
D 2 1  GLY 1  3  3  GLY GLY D . n 
D 2 2  DIL 2  4  4  DIL DIL D . n 
D 2 3  GLY 3  5  5  GLY GLY D . n 
D 2 4  DLY 4  6  6  DLY DLY D . n 
D 2 5  DPN 5  7  7  DPN DPN D . n 
D 2 6  DLE 6  8  8  DLE DLE D . n 
D 2 7  DHI 7  9  9  DHI DHI D . n 
D 2 8  DAL 8  10 10 DAL DAL D . n 
D 2 9  DAL 9  11 11 DAL DAL D . n 
D 2 10 DLY 10 12 12 DLY DLY D . n 
D 2 11 DLY 11 13 13 DLY DLY D . n 
D 2 12 DPN 12 14 14 DPN DPN D . n 
D 2 13 DAL 13 15 15 DAL DAL D . n 
D 2 14 DLY 14 16 16 DLY DLY D . n 
D 2 15 DAL 15 17 17 DAL DAL D . n 
D 2 16 DPN 16 18 18 DPN DPN D . n 
D 2 17 DVA 17 19 19 DVA DVA D . n 
D 2 18 DAL 18 20 20 DAL DAL D . n 
D 2 19 DGL 19 21 21 DGL DGL D . n 
D 2 20 DIL 20 22 22 DIL DIL D . n 
D 2 21 MED 21 23 23 MED MED D . n 
D 2 22 DSG 22 24 24 DSG DSG D . n 
D 2 23 DSE 23 25 25 DSE DSE D . n 
# 
loop_
_pdbx_nonpoly_scheme.asym_id 
_pdbx_nonpoly_scheme.entity_id 
_pdbx_nonpoly_scheme.mon_id 
_pdbx_nonpoly_scheme.ndb_seq_num 
_pdbx_nonpoly_scheme.pdb_seq_num 
_pdbx_nonpoly_scheme.auth_seq_num 
_pdbx_nonpoly_scheme.pdb_mon_id 
_pdbx_nonpoly_scheme.auth_mon_id 
_pdbx_nonpoly_scheme.pdb_strand_id 
_pdbx_nonpoly_scheme.pdb_ins_code 
E 3 HOH 1  101 23 HOH HOH A . 
E 3 HOH 2  102 11 HOH HOH A . 
E 3 HOH 3  103 21 HOH HOH A . 
E 3 HOH 4  104 16 HOH HOH A . 
E 3 HOH 5  105 6  HOH HOH A . 
E 3 HOH 6  106 18 HOH HOH A . 
E 3 HOH 7  107 22 HOH HOH A . 
E 3 HOH 8  108 15 HOH HOH A . 
E 3 HOH 9  109 7  HOH HOH A . 
E 3 HOH 10 110 46 HOH HOH A . 
E 3 HOH 11 111 12 HOH HOH A . 
E 3 HOH 12 112 24 HOH HOH A . 
E 3 HOH 13 113 8  HOH HOH A . 
E 3 HOH 14 114 36 HOH HOH A . 
E 3 HOH 15 115 25 HOH HOH A . 
F 3 HOH 1  101 20 HOH HOH B . 
F 3 HOH 2  102 33 HOH HOH B . 
F 3 HOH 3  103 35 HOH HOH B . 
F 3 HOH 4  104 43 HOH HOH B . 
F 3 HOH 5  105 17 HOH HOH B . 
F 3 HOH 6  106 42 HOH HOH B . 
F 3 HOH 7  107 41 HOH HOH B . 
F 3 HOH 8  108 45 HOH HOH B . 
F 3 HOH 9  109 44 HOH HOH B . 
G 3 HOH 1  101 9  HOH HOH C . 
G 3 HOH 2  102 5  HOH HOH C . 
G 3 HOH 3  103 30 HOH HOH C . 
G 3 HOH 4  104 26 HOH HOH C . 
G 3 HOH 5  105 13 HOH HOH C . 
G 3 HOH 6  106 29 HOH HOH C . 
G 3 HOH 7  107 10 HOH HOH C . 
G 3 HOH 8  108 14 HOH HOH C . 
G 3 HOH 9  109 32 HOH HOH C . 
G 3 HOH 10 110 40 HOH HOH C . 
G 3 HOH 11 111 38 HOH HOH C . 
H 3 HOH 1  101 2  HOH HOH D . 
H 3 HOH 2  102 27 HOH HOH D . 
H 3 HOH 3  103 3  HOH HOH D . 
H 3 HOH 4  104 37 HOH HOH D . 
H 3 HOH 5  105 34 HOH HOH D . 
H 3 HOH 6  106 1  HOH HOH D . 
H 3 HOH 7  107 31 HOH HOH D . 
H 3 HOH 8  108 4  HOH HOH D . 
H 3 HOH 9  109 28 HOH HOH D . 
H 3 HOH 10 110 39 HOH HOH D . 
# 
loop_
_pdbx_struct_assembly.id 
_pdbx_struct_assembly.details 
_pdbx_struct_assembly.method_details 
_pdbx_struct_assembly.oligomeric_details 
_pdbx_struct_assembly.oligomeric_count 
1 author_defined_assembly   ?    tetrameric 4 
2 software_defined_assembly PISA tetrameric 4 
# 
loop_
_pdbx_struct_assembly_gen.assembly_id 
_pdbx_struct_assembly_gen.oper_expression 
_pdbx_struct_assembly_gen.asym_id_list 
1 1 A,B,C,D,E,F,G,H 
2 1 A,C,D,E,G,H     
2 2 B,F             
# 
loop_
_pdbx_struct_assembly_prop.biol_id 
_pdbx_struct_assembly_prop.type 
_pdbx_struct_assembly_prop.value 
_pdbx_struct_assembly_prop.details 
1 'ABSA (A^2)' 2690 ? 
1 MORE         -34  ? 
1 'SSA (A^2)'  6640 ? 
2 'ABSA (A^2)' 3270 ? 
2 MORE         -40  ? 
2 'SSA (A^2)'  6060 ? 
# 
loop_
_pdbx_struct_oper_list.id 
_pdbx_struct_oper_list.type 
_pdbx_struct_oper_list.name 
_pdbx_struct_oper_list.symmetry_operation 
_pdbx_struct_oper_list.matrix[1][1] 
_pdbx_struct_oper_list.matrix[1][2] 
_pdbx_struct_oper_list.matrix[1][3] 
_pdbx_struct_oper_list.vector[1] 
_pdbx_struct_oper_list.matrix[2][1] 
_pdbx_struct_oper_list.matrix[2][2] 
_pdbx_struct_oper_list.matrix[2][3] 
_pdbx_struct_oper_list.vector[2] 
_pdbx_struct_oper_list.matrix[3][1] 
_pdbx_struct_oper_list.matrix[3][2] 
_pdbx_struct_oper_list.matrix[3][3] 
_pdbx_struct_oper_list.vector[3] 
1 'identity operation'         1_555 x,y,z   1.0000000000 0.0000000000 0.0000000000 0.0000000000  0.0000000000 1.0000000000 0.0000000000 0.0000000000  0.0000000000 0.0000000000 1.0000000000 0.0000000000  
2 'crystal symmetry operation' 1_455 x-1,y,z 1.0000000000 0.0000000000 0.0000000000 22.4900963538 0.0000000000 1.0000000000 0.0000000000 -6.6264805903 0.0000000000 0.0000000000 1.0000000000 -8.2345504420 
# 
loop_
_pdbx_audit_revision_history.ordinal 
_pdbx_audit_revision_history.data_content_type 
_pdbx_audit_revision_history.major_revision 
_pdbx_audit_revision_history.minor_revision 
_pdbx_audit_revision_history.revision_date 
1 'Structure model' 1 0 2015-09-23 
2 'Structure model' 1 1 2015-09-30 
3 'Structure model' 1 2 2015-10-07 
4 'Structure model' 1 3 2017-09-20 
5 'Structure model' 1 4 2019-12-25 
6 'Structure model' 1 5 2023-09-27 
7 'Structure model' 1 6 2023-11-15 
# 
_pdbx_audit_revision_details.ordinal             1 
_pdbx_audit_revision_details.revision_ordinal    1 
_pdbx_audit_revision_details.data_content_type   'Structure model' 
_pdbx_audit_revision_details.provider            repository 
_pdbx_audit_revision_details.type                'Initial release' 
_pdbx_audit_revision_details.description         ? 
_pdbx_audit_revision_details.details             ? 
# 
loop_
_pdbx_audit_revision_group.ordinal 
_pdbx_audit_revision_group.revision_ordinal 
_pdbx_audit_revision_group.data_content_type 
_pdbx_audit_revision_group.group 
1  2 'Structure model' 'Database references'        
2  3 'Structure model' 'Database references'        
3  4 'Structure model' 'Author supporting evidence' 
4  4 'Structure model' 'Derived calculations'       
5  5 'Structure model' 'Author supporting evidence' 
6  6 'Structure model' 'Data collection'            
7  6 'Structure model' 'Database references'        
8  6 'Structure model' 'Refinement description'     
9  7 'Structure model' 'Data collection'            
10 7 'Structure model' 'Derived calculations'       
# 
loop_
_pdbx_audit_revision_category.ordinal 
_pdbx_audit_revision_category.revision_ordinal 
_pdbx_audit_revision_category.data_content_type 
_pdbx_audit_revision_category.category 
1  4 'Structure model' pdbx_audit_support            
2  4 'Structure model' pdbx_struct_oper_list         
3  5 'Structure model' pdbx_audit_support            
4  6 'Structure model' chem_comp_atom                
5  6 'Structure model' chem_comp_bond                
6  6 'Structure model' database_2                    
7  6 'Structure model' pdbx_initial_refinement_model 
8  7 'Structure model' chem_comp_atom                
9  7 'Structure model' chem_comp_bond                
10 7 'Structure model' struct_conn                   
# 
loop_
_pdbx_audit_revision_item.ordinal 
_pdbx_audit_revision_item.revision_ordinal 
_pdbx_audit_revision_item.data_content_type 
_pdbx_audit_revision_item.item 
1 4 'Structure model' '_pdbx_audit_support.funding_organization'  
2 4 'Structure model' '_pdbx_struct_oper_list.symmetry_operation' 
3 5 'Structure model' '_pdbx_audit_support.funding_organization'  
4 6 'Structure model' '_database_2.pdbx_DOI'                      
5 6 'Structure model' '_database_2.pdbx_database_accession'       
6 7 'Structure model' '_chem_comp_atom.atom_id'                   
7 7 'Structure model' '_chem_comp_bond.atom_id_2'                 
8 7 'Structure model' '_struct_conn.pdbx_leaving_atom_flag'       
# 
loop_
_software.citation_id 
_software.classification 
_software.compiler_name 
_software.compiler_version 
_software.contact_author 
_software.contact_author_email 
_software.date 
_software.description 
_software.dependencies 
_software.hardware 
_software.language 
_software.location 
_software.mods 
_software.name 
_software.os 
_software.os_version 
_software.type 
_software.version 
_software.pdbx_ordinal 
? refinement       ? ? ? ? ? ? ? ? ? ? ? REFMAC ? ? ? 5.8.0123 1 
? 'data reduction' ? ? ? ? ? ? ? ? ? ? ? XDS    ? ? ? .        2 
? 'data scaling'   ? ? ? ? ? ? ? ? ? ? ? XSCALE ? ? ? .        3 
? phasing          ? ? ? ? ? ? ? ? ? ? ? PHASER ? ? ? .        4 
# 
loop_
_pdbx_validate_rmsd_angle.id 
_pdbx_validate_rmsd_angle.PDB_model_num 
_pdbx_validate_rmsd_angle.auth_atom_id_1 
_pdbx_validate_rmsd_angle.auth_asym_id_1 
_pdbx_validate_rmsd_angle.auth_comp_id_1 
_pdbx_validate_rmsd_angle.auth_seq_id_1 
_pdbx_validate_rmsd_angle.PDB_ins_code_1 
_pdbx_validate_rmsd_angle.label_alt_id_1 
_pdbx_validate_rmsd_angle.auth_atom_id_2 
_pdbx_validate_rmsd_angle.auth_asym_id_2 
_pdbx_validate_rmsd_angle.auth_comp_id_2 
_pdbx_validate_rmsd_angle.auth_seq_id_2 
_pdbx_validate_rmsd_angle.PDB_ins_code_2 
_pdbx_validate_rmsd_angle.label_alt_id_2 
_pdbx_validate_rmsd_angle.auth_atom_id_3 
_pdbx_validate_rmsd_angle.auth_asym_id_3 
_pdbx_validate_rmsd_angle.auth_comp_id_3 
_pdbx_validate_rmsd_angle.auth_seq_id_3 
_pdbx_validate_rmsd_angle.PDB_ins_code_3 
_pdbx_validate_rmsd_angle.label_alt_id_3 
_pdbx_validate_rmsd_angle.angle_value 
_pdbx_validate_rmsd_angle.angle_target_value 
_pdbx_validate_rmsd_angle.angle_deviation 
_pdbx_validate_rmsd_angle.angle_standard_deviation 
_pdbx_validate_rmsd_angle.linker_flag 
1 1 C A XCP 15 ? ? N A LYS 16 ? ? CA A LYS 16 ? ? 106.35 121.70 -15.35 2.50 Y 
2 1 C B XCP 15 ? ? N B LYS 16 ? ? CA B LYS 16 ? ? 105.70 121.70 -16.00 2.50 Y 
# 
_pdbx_validate_torsion.id              1 
_pdbx_validate_torsion.PDB_model_num   1 
_pdbx_validate_torsion.auth_comp_id    DIL 
_pdbx_validate_torsion.auth_asym_id    C 
_pdbx_validate_torsion.auth_seq_id     4 
_pdbx_validate_torsion.PDB_ins_code    ? 
_pdbx_validate_torsion.label_alt_id    ? 
_pdbx_validate_torsion.phi             59.26 
_pdbx_validate_torsion.psi             7.53 
# 
loop_
_pdbx_validate_peptide_omega.id 
_pdbx_validate_peptide_omega.PDB_model_num 
_pdbx_validate_peptide_omega.auth_comp_id_1 
_pdbx_validate_peptide_omega.auth_asym_id_1 
_pdbx_validate_peptide_omega.auth_seq_id_1 
_pdbx_validate_peptide_omega.PDB_ins_code_1 
_pdbx_validate_peptide_omega.label_alt_id_1 
_pdbx_validate_peptide_omega.auth_comp_id_2 
_pdbx_validate_peptide_omega.auth_asym_id_2 
_pdbx_validate_peptide_omega.auth_seq_id_2 
_pdbx_validate_peptide_omega.PDB_ins_code_2 
_pdbx_validate_peptide_omega.label_alt_id_2 
_pdbx_validate_peptide_omega.omega 
1 1 PHE A 14 ? ? XCP A 15 ? ? 140.33 
2 1 PHE B 14 ? ? XCP B 15 ? ? 140.90 
# 
loop_
_pdbx_distant_solvent_atoms.id 
_pdbx_distant_solvent_atoms.PDB_model_num 
_pdbx_distant_solvent_atoms.auth_atom_id 
_pdbx_distant_solvent_atoms.label_alt_id 
_pdbx_distant_solvent_atoms.auth_asym_id 
_pdbx_distant_solvent_atoms.auth_comp_id 
_pdbx_distant_solvent_atoms.auth_seq_id 
_pdbx_distant_solvent_atoms.PDB_ins_code 
_pdbx_distant_solvent_atoms.neighbor_macromolecule_distance 
_pdbx_distant_solvent_atoms.neighbor_ligand_distance 
1 1 O ? A HOH 115 ? 6.37 . 
2 1 O ? B HOH 108 ? 6.38 . 
3 1 O ? B HOH 109 ? 7.29 . 
4 1 O ? C HOH 110 ? 6.60 . 
5 1 O ? C HOH 111 ? 7.04 . 
# 
loop_
_pdbx_unobs_or_zero_occ_atoms.id 
_pdbx_unobs_or_zero_occ_atoms.PDB_model_num 
_pdbx_unobs_or_zero_occ_atoms.polymer_flag 
_pdbx_unobs_or_zero_occ_atoms.occupancy_flag 
_pdbx_unobs_or_zero_occ_atoms.auth_asym_id 
_pdbx_unobs_or_zero_occ_atoms.auth_comp_id 
_pdbx_unobs_or_zero_occ_atoms.auth_seq_id 
_pdbx_unobs_or_zero_occ_atoms.PDB_ins_code 
_pdbx_unobs_or_zero_occ_atoms.auth_atom_id 
_pdbx_unobs_or_zero_occ_atoms.label_alt_id 
_pdbx_unobs_or_zero_occ_atoms.label_asym_id 
_pdbx_unobs_or_zero_occ_atoms.label_comp_id 
_pdbx_unobs_or_zero_occ_atoms.label_seq_id 
_pdbx_unobs_or_zero_occ_atoms.label_atom_id 
1  1 Y 1 A ASN 24 ? CG  ? A ASN 22 CG  
2  1 Y 1 A ASN 24 ? OD1 ? A ASN 22 OD1 
3  1 Y 1 A ASN 24 ? ND2 ? A ASN 22 ND2 
4  1 Y 1 B HIS 9  ? CG  ? B HIS 7  CG  
5  1 Y 1 B HIS 9  ? ND1 ? B HIS 7  ND1 
6  1 Y 1 B HIS 9  ? CD2 ? B HIS 7  CD2 
7  1 Y 1 B HIS 9  ? CE1 ? B HIS 7  CE1 
8  1 Y 1 B HIS 9  ? NE2 ? B HIS 7  NE2 
9  1 Y 1 B GLU 21 ? CG  ? B GLU 19 CG  
10 1 Y 1 B GLU 21 ? CD  ? B GLU 19 CD  
11 1 Y 1 B GLU 21 ? OE1 ? B GLU 19 OE1 
12 1 Y 1 B GLU 21 ? OE2 ? B GLU 19 OE2 
13 1 Y 1 D DLY 16 ? CG  ? D DLY 14 CG  
14 1 Y 1 D DLY 16 ? CD  ? D DLY 14 CD  
15 1 Y 1 D DLY 16 ? CE  ? D DLY 14 CE  
16 1 Y 1 D DLY 16 ? NZ  ? D DLY 14 NZ  
# 
loop_
_chem_comp_atom.comp_id 
_chem_comp_atom.atom_id 
_chem_comp_atom.type_symbol 
_chem_comp_atom.pdbx_aromatic_flag 
_chem_comp_atom.pdbx_stereo_config 
_chem_comp_atom.pdbx_ordinal 
ALA N    N N N 1   
ALA CA   C N S 2   
ALA C    C N N 3   
ALA O    O N N 4   
ALA CB   C N N 5   
ALA OXT  O N N 6   
ALA H    H N N 7   
ALA H2   H N N 8   
ALA HA   H N N 9   
ALA HB1  H N N 10  
ALA HB2  H N N 11  
ALA HB3  H N N 12  
ALA HXT  H N N 13  
ASN N    N N N 14  
ASN CA   C N S 15  
ASN C    C N N 16  
ASN O    O N N 17  
ASN CB   C N N 18  
ASN CG   C N N 19  
ASN OD1  O N N 20  
ASN ND2  N N N 21  
ASN OXT  O N N 22  
ASN H    H N N 23  
ASN H2   H N N 24  
ASN HA   H N N 25  
ASN HB2  H N N 26  
ASN HB3  H N N 27  
ASN HD21 H N N 28  
ASN HD22 H N N 29  
ASN HXT  H N N 30  
DAL N    N N N 31  
DAL CA   C N R 32  
DAL CB   C N N 33  
DAL C    C N N 34  
DAL O    O N N 35  
DAL OXT  O N N 36  
DAL H    H N N 37  
DAL H2   H N N 38  
DAL HA   H N N 39  
DAL HB1  H N N 40  
DAL HB2  H N N 41  
DAL HB3  H N N 42  
DAL HXT  H N N 43  
DGL N    N N N 44  
DGL CA   C N R 45  
DGL C    C N N 46  
DGL O    O N N 47  
DGL CB   C N N 48  
DGL CG   C N N 49  
DGL CD   C N N 50  
DGL OE1  O N N 51  
DGL OE2  O N N 52  
DGL OXT  O N N 53  
DGL H    H N N 54  
DGL H2   H N N 55  
DGL HA   H N N 56  
DGL HB2  H N N 57  
DGL HB3  H N N 58  
DGL HG2  H N N 59  
DGL HG3  H N N 60  
DGL HE2  H N N 61  
DGL HXT  H N N 62  
DHI N    N N N 63  
DHI CA   C N R 64  
DHI C    C N N 65  
DHI O    O N N 66  
DHI CB   C N N 67  
DHI CG   C Y N 68  
DHI ND1  N Y N 69  
DHI CD2  C Y N 70  
DHI CE1  C Y N 71  
DHI NE2  N Y N 72  
DHI OXT  O N N 73  
DHI H    H N N 74  
DHI H2   H N N 75  
DHI HA   H N N 76  
DHI HB2  H N N 77  
DHI HB3  H N N 78  
DHI HD1  H N N 79  
DHI HD2  H N N 80  
DHI HE1  H N N 81  
DHI HE2  H N N 82  
DHI HXT  H N N 83  
DIL N    N N N 84  
DIL CA   C N R 85  
DIL C    C N N 86  
DIL O    O N N 87  
DIL CB   C N R 88  
DIL CG1  C N N 89  
DIL CG2  C N N 90  
DIL CD1  C N N 91  
DIL OXT  O N N 92  
DIL H    H N N 93  
DIL H2   H N N 94  
DIL HA   H N N 95  
DIL HB   H N N 96  
DIL HG12 H N N 97  
DIL HG13 H N N 98  
DIL HG21 H N N 99  
DIL HG22 H N N 100 
DIL HG23 H N N 101 
DIL HD11 H N N 102 
DIL HD12 H N N 103 
DIL HD13 H N N 104 
DIL HXT  H N N 105 
DLE N    N N N 106 
DLE CA   C N R 107 
DLE CB   C N N 108 
DLE CG   C N N 109 
DLE CD1  C N N 110 
DLE CD2  C N N 111 
DLE C    C N N 112 
DLE O    O N N 113 
DLE OXT  O N N 114 
DLE H    H N N 115 
DLE H2   H N N 116 
DLE HA   H N N 117 
DLE HB2  H N N 118 
DLE HB3  H N N 119 
DLE HG   H N N 120 
DLE HD11 H N N 121 
DLE HD12 H N N 122 
DLE HD13 H N N 123 
DLE HD21 H N N 124 
DLE HD22 H N N 125 
DLE HD23 H N N 126 
DLE HXT  H N N 127 
DLY N    N N N 128 
DLY CA   C N R 129 
DLY C    C N N 130 
DLY O    O N N 131 
DLY CB   C N N 132 
DLY CG   C N N 133 
DLY CD   C N N 134 
DLY CE   C N N 135 
DLY NZ   N N N 136 
DLY OXT  O N N 137 
DLY H    H N N 138 
DLY H2   H N N 139 
DLY HA   H N N 140 
DLY HB2  H N N 141 
DLY HB3  H N N 142 
DLY HG2  H N N 143 
DLY HG3  H N N 144 
DLY HD2  H N N 145 
DLY HD3  H N N 146 
DLY HE2  H N N 147 
DLY HE3  H N N 148 
DLY HZ1  H N N 149 
DLY HZ2  H N N 150 
DLY HXT  H N N 151 
DPN N    N N N 152 
DPN CA   C N R 153 
DPN C    C N N 154 
DPN O    O N N 155 
DPN OXT  O N N 156 
DPN CB   C N N 157 
DPN CG   C Y N 158 
DPN CD1  C Y N 159 
DPN CD2  C Y N 160 
DPN CE1  C Y N 161 
DPN CE2  C Y N 162 
DPN CZ   C Y N 163 
DPN H    H N N 164 
DPN H2   H N N 165 
DPN HA   H N N 166 
DPN HXT  H N N 167 
DPN HB2  H N N 168 
DPN HB3  H N N 169 
DPN HD1  H N N 170 
DPN HD2  H N N 171 
DPN HE1  H N N 172 
DPN HE2  H N N 173 
DPN HZ   H N N 174 
DSE N    N N N 175 
DSE CA   C N R 176 
DSE C    C N N 177 
DSE O    O N N 178 
DSE OXT  O N N 179 
DSE CB   C N N 180 
DSE CN   C N N 181 
DSE OG   O N N 182 
DSE H    H N N 183 
DSE HA   H N N 184 
DSE HXT  H N N 185 
DSE HB2  H N N 186 
DSE HB3  H N N 187 
DSE HN1  H N N 188 
DSE HN2  H N N 189 
DSE HN3  H N N 190 
DSE HG   H N N 191 
DSG N    N N N 192 
DSG CA   C N R 193 
DSG C    C N N 194 
DSG O    O N N 195 
DSG CB   C N N 196 
DSG CG   C N N 197 
DSG OD1  O N N 198 
DSG ND2  N N N 199 
DSG OXT  O N N 200 
DSG H    H N N 201 
DSG H2   H N N 202 
DSG HA   H N N 203 
DSG HB2  H N N 204 
DSG HB3  H N N 205 
DSG HD21 H N N 206 
DSG HD22 H N N 207 
DSG HXT  H N N 208 
DVA N    N N N 209 
DVA CA   C N R 210 
DVA CB   C N N 211 
DVA CG1  C N N 212 
DVA CG2  C N N 213 
DVA C    C N N 214 
DVA O    O N N 215 
DVA OXT  O N N 216 
DVA H    H N N 217 
DVA H2   H N N 218 
DVA HA   H N N 219 
DVA HB   H N N 220 
DVA HG11 H N N 221 
DVA HG12 H N N 222 
DVA HG13 H N N 223 
DVA HG21 H N N 224 
DVA HG22 H N N 225 
DVA HG23 H N N 226 
DVA HXT  H N N 227 
GLU N    N N N 228 
GLU CA   C N S 229 
GLU C    C N N 230 
GLU O    O N N 231 
GLU CB   C N N 232 
GLU CG   C N N 233 
GLU CD   C N N 234 
GLU OE1  O N N 235 
GLU OE2  O N N 236 
GLU OXT  O N N 237 
GLU H    H N N 238 
GLU H2   H N N 239 
GLU HA   H N N 240 
GLU HB2  H N N 241 
GLU HB3  H N N 242 
GLU HG2  H N N 243 
GLU HG3  H N N 244 
GLU HE2  H N N 245 
GLU HXT  H N N 246 
GLY N    N N N 247 
GLY CA   C N N 248 
GLY C    C N N 249 
GLY O    O N N 250 
GLY OXT  O N N 251 
GLY H    H N N 252 
GLY H2   H N N 253 
GLY HA2  H N N 254 
GLY HA3  H N N 255 
GLY HXT  H N N 256 
HIS N    N N N 257 
HIS CA   C N S 258 
HIS C    C N N 259 
HIS O    O N N 260 
HIS CB   C N N 261 
HIS CG   C Y N 262 
HIS ND1  N Y N 263 
HIS CD2  C Y N 264 
HIS CE1  C Y N 265 
HIS NE2  N Y N 266 
HIS OXT  O N N 267 
HIS H    H N N 268 
HIS H2   H N N 269 
HIS HA   H N N 270 
HIS HB2  H N N 271 
HIS HB3  H N N 272 
HIS HD1  H N N 273 
HIS HD2  H N N 274 
HIS HE1  H N N 275 
HIS HE2  H N N 276 
HIS HXT  H N N 277 
HOH O    O N N 278 
HOH H1   H N N 279 
HOH H2   H N N 280 
ILE N    N N N 281 
ILE CA   C N S 282 
ILE C    C N N 283 
ILE O    O N N 284 
ILE CB   C N S 285 
ILE CG1  C N N 286 
ILE CG2  C N N 287 
ILE CD1  C N N 288 
ILE OXT  O N N 289 
ILE H    H N N 290 
ILE H2   H N N 291 
ILE HA   H N N 292 
ILE HB   H N N 293 
ILE HG12 H N N 294 
ILE HG13 H N N 295 
ILE HG21 H N N 296 
ILE HG22 H N N 297 
ILE HG23 H N N 298 
ILE HD11 H N N 299 
ILE HD12 H N N 300 
ILE HD13 H N N 301 
ILE HXT  H N N 302 
LEU N    N N N 303 
LEU CA   C N S 304 
LEU C    C N N 305 
LEU O    O N N 306 
LEU CB   C N N 307 
LEU CG   C N N 308 
LEU CD1  C N N 309 
LEU CD2  C N N 310 
LEU OXT  O N N 311 
LEU H    H N N 312 
LEU H2   H N N 313 
LEU HA   H N N 314 
LEU HB2  H N N 315 
LEU HB3  H N N 316 
LEU HG   H N N 317 
LEU HD11 H N N 318 
LEU HD12 H N N 319 
LEU HD13 H N N 320 
LEU HD21 H N N 321 
LEU HD22 H N N 322 
LEU HD23 H N N 323 
LEU HXT  H N N 324 
LYS N    N N N 325 
LYS CA   C N S 326 
LYS C    C N N 327 
LYS O    O N N 328 
LYS CB   C N N 329 
LYS CG   C N N 330 
LYS CD   C N N 331 
LYS CE   C N N 332 
LYS NZ   N N N 333 
LYS OXT  O N N 334 
LYS H    H N N 335 
LYS H2   H N N 336 
LYS HA   H N N 337 
LYS HB2  H N N 338 
LYS HB3  H N N 339 
LYS HG2  H N N 340 
LYS HG3  H N N 341 
LYS HD2  H N N 342 
LYS HD3  H N N 343 
LYS HE2  H N N 344 
LYS HE3  H N N 345 
LYS HZ1  H N N 346 
LYS HZ2  H N N 347 
LYS HZ3  H N N 348 
LYS HXT  H N N 349 
MED N    N N N 350 
MED CA   C N R 351 
MED C    C N N 352 
MED O    O N N 353 
MED CB   C N N 354 
MED CG   C N N 355 
MED SD   S N N 356 
MED CE   C N N 357 
MED OXT  O N N 358 
MED H    H N N 359 
MED H2   H N N 360 
MED HA   H N N 361 
MED HB2  H N N 362 
MED HB3  H N N 363 
MED HG2  H N N 364 
MED HG3  H N N 365 
MED HE1  H N N 366 
MED HE2  H N N 367 
MED HE3  H N N 368 
MED HXT  H N N 369 
MET N    N N N 370 
MET CA   C N S 371 
MET C    C N N 372 
MET O    O N N 373 
MET CB   C N N 374 
MET CG   C N N 375 
MET SD   S N N 376 
MET CE   C N N 377 
MET OXT  O N N 378 
MET H    H N N 379 
MET H2   H N N 380 
MET HA   H N N 381 
MET HB2  H N N 382 
MET HB3  H N N 383 
MET HG2  H N N 384 
MET HG3  H N N 385 
MET HE1  H N N 386 
MET HE2  H N N 387 
MET HE3  H N N 388 
MET HXT  H N N 389 
PHE N    N N N 390 
PHE CA   C N S 391 
PHE C    C N N 392 
PHE O    O N N 393 
PHE CB   C N N 394 
PHE CG   C Y N 395 
PHE CD1  C Y N 396 
PHE CD2  C Y N 397 
PHE CE1  C Y N 398 
PHE CE2  C Y N 399 
PHE CZ   C Y N 400 
PHE OXT  O N N 401 
PHE H    H N N 402 
PHE H2   H N N 403 
PHE HA   H N N 404 
PHE HB2  H N N 405 
PHE HB3  H N N 406 
PHE HD1  H N N 407 
PHE HD2  H N N 408 
PHE HE1  H N N 409 
PHE HE2  H N N 410 
PHE HZ   H N N 411 
PHE HXT  H N N 412 
SER N    N N N 413 
SER CA   C N S 414 
SER C    C N N 415 
SER O    O N N 416 
SER CB   C N N 417 
SER OG   O N N 418 
SER OXT  O N N 419 
SER H    H N N 420 
SER H2   H N N 421 
SER HA   H N N 422 
SER HB2  H N N 423 
SER HB3  H N N 424 
SER HG   H N N 425 
SER HXT  H N N 426 
VAL N    N N N 427 
VAL CA   C N S 428 
VAL C    C N N 429 
VAL O    O N N 430 
VAL CB   C N N 431 
VAL CG1  C N N 432 
VAL CG2  C N N 433 
VAL OXT  O N N 434 
VAL H    H N N 435 
VAL H2   H N N 436 
VAL HA   H N N 437 
VAL HB   H N N 438 
VAL HG11 H N N 439 
VAL HG12 H N N 440 
VAL HG13 H N N 441 
VAL HG21 H N N 442 
VAL HG22 H N N 443 
VAL HG23 H N N 444 
VAL HXT  H N N 445 
XCP N    N N N 446 
XCP CB   C N S 447 
XCP CG   C N N 448 
XCP CD   C N N 449 
XCP CE   C N N 450 
XCP CA   C N S 451 
XCP C    C N N 452 
XCP O    O N N 453 
XCP H    H N N 454 
XCP HB   H N N 455 
XCP HG   H N N 456 
XCP HGA  H N N 457 
XCP HD   H N N 458 
XCP HDA  H N N 459 
XCP HE   H N N 460 
XCP HEA  H N N 461 
XCP HA   H N N 462 
XCP H2   H N N 463 
XCP OXT  O N N 464 
XCP HXT  H N N 465 
# 
loop_
_chem_comp_bond.comp_id 
_chem_comp_bond.atom_id_1 
_chem_comp_bond.atom_id_2 
_chem_comp_bond.value_order 
_chem_comp_bond.pdbx_aromatic_flag 
_chem_comp_bond.pdbx_stereo_config 
_chem_comp_bond.pdbx_ordinal 
ALA N   CA   sing N N 1   
ALA N   H    sing N N 2   
ALA N   H2   sing N N 3   
ALA CA  C    sing N N 4   
ALA CA  CB   sing N N 5   
ALA CA  HA   sing N N 6   
ALA C   O    doub N N 7   
ALA C   OXT  sing N N 8   
ALA CB  HB1  sing N N 9   
ALA CB  HB2  sing N N 10  
ALA CB  HB3  sing N N 11  
ALA OXT HXT  sing N N 12  
ASN N   CA   sing N N 13  
ASN N   H    sing N N 14  
ASN N   H2   sing N N 15  
ASN CA  C    sing N N 16  
ASN CA  CB   sing N N 17  
ASN CA  HA   sing N N 18  
ASN C   O    doub N N 19  
ASN C   OXT  sing N N 20  
ASN CB  CG   sing N N 21  
ASN CB  HB2  sing N N 22  
ASN CB  HB3  sing N N 23  
ASN CG  OD1  doub N N 24  
ASN CG  ND2  sing N N 25  
ASN ND2 HD21 sing N N 26  
ASN ND2 HD22 sing N N 27  
ASN OXT HXT  sing N N 28  
DAL N   CA   sing N N 29  
DAL N   H    sing N N 30  
DAL N   H2   sing N N 31  
DAL CA  CB   sing N N 32  
DAL CA  C    sing N N 33  
DAL CA  HA   sing N N 34  
DAL CB  HB1  sing N N 35  
DAL CB  HB2  sing N N 36  
DAL CB  HB3  sing N N 37  
DAL C   O    doub N N 38  
DAL C   OXT  sing N N 39  
DAL OXT HXT  sing N N 40  
DGL N   CA   sing N N 41  
DGL N   H    sing N N 42  
DGL N   H2   sing N N 43  
DGL CA  C    sing N N 44  
DGL CA  CB   sing N N 45  
DGL CA  HA   sing N N 46  
DGL C   O    doub N N 47  
DGL C   OXT  sing N N 48  
DGL CB  CG   sing N N 49  
DGL CB  HB2  sing N N 50  
DGL CB  HB3  sing N N 51  
DGL CG  CD   sing N N 52  
DGL CG  HG2  sing N N 53  
DGL CG  HG3  sing N N 54  
DGL CD  OE1  doub N N 55  
DGL CD  OE2  sing N N 56  
DGL OE2 HE2  sing N N 57  
DGL OXT HXT  sing N N 58  
DHI N   CA   sing N N 59  
DHI N   H    sing N N 60  
DHI N   H2   sing N N 61  
DHI CA  C    sing N N 62  
DHI CA  CB   sing N N 63  
DHI CA  HA   sing N N 64  
DHI C   O    doub N N 65  
DHI C   OXT  sing N N 66  
DHI CB  CG   sing N N 67  
DHI CB  HB2  sing N N 68  
DHI CB  HB3  sing N N 69  
DHI CG  ND1  sing Y N 70  
DHI CG  CD2  doub Y N 71  
DHI ND1 CE1  doub Y N 72  
DHI ND1 HD1  sing N N 73  
DHI CD2 NE2  sing Y N 74  
DHI CD2 HD2  sing N N 75  
DHI CE1 NE2  sing Y N 76  
DHI CE1 HE1  sing N N 77  
DHI NE2 HE2  sing N N 78  
DHI OXT HXT  sing N N 79  
DIL N   CA   sing N N 80  
DIL N   H    sing N N 81  
DIL N   H2   sing N N 82  
DIL CA  C    sing N N 83  
DIL CA  CB   sing N N 84  
DIL CA  HA   sing N N 85  
DIL C   O    doub N N 86  
DIL C   OXT  sing N N 87  
DIL CB  CG1  sing N N 88  
DIL CB  CG2  sing N N 89  
DIL CB  HB   sing N N 90  
DIL CG1 CD1  sing N N 91  
DIL CG1 HG12 sing N N 92  
DIL CG1 HG13 sing N N 93  
DIL CG2 HG21 sing N N 94  
DIL CG2 HG22 sing N N 95  
DIL CG2 HG23 sing N N 96  
DIL CD1 HD11 sing N N 97  
DIL CD1 HD12 sing N N 98  
DIL CD1 HD13 sing N N 99  
DIL OXT HXT  sing N N 100 
DLE N   CA   sing N N 101 
DLE N   H    sing N N 102 
DLE N   H2   sing N N 103 
DLE CA  CB   sing N N 104 
DLE CA  C    sing N N 105 
DLE CA  HA   sing N N 106 
DLE CB  CG   sing N N 107 
DLE CB  HB2  sing N N 108 
DLE CB  HB3  sing N N 109 
DLE CG  CD1  sing N N 110 
DLE CG  CD2  sing N N 111 
DLE CG  HG   sing N N 112 
DLE CD1 HD11 sing N N 113 
DLE CD1 HD12 sing N N 114 
DLE CD1 HD13 sing N N 115 
DLE CD2 HD21 sing N N 116 
DLE CD2 HD22 sing N N 117 
DLE CD2 HD23 sing N N 118 
DLE C   O    doub N N 119 
DLE C   OXT  sing N N 120 
DLE OXT HXT  sing N N 121 
DLY N   CA   sing N N 122 
DLY N   H    sing N N 123 
DLY N   H2   sing N N 124 
DLY CA  C    sing N N 125 
DLY CA  CB   sing N N 126 
DLY CA  HA   sing N N 127 
DLY C   O    doub N N 128 
DLY C   OXT  sing N N 129 
DLY CB  CG   sing N N 130 
DLY CB  HB2  sing N N 131 
DLY CB  HB3  sing N N 132 
DLY CG  CD   sing N N 133 
DLY CG  HG2  sing N N 134 
DLY CG  HG3  sing N N 135 
DLY CD  CE   sing N N 136 
DLY CD  HD2  sing N N 137 
DLY CD  HD3  sing N N 138 
DLY CE  NZ   sing N N 139 
DLY CE  HE2  sing N N 140 
DLY CE  HE3  sing N N 141 
DLY NZ  HZ1  sing N N 142 
DLY NZ  HZ2  sing N N 143 
DLY OXT HXT  sing N N 144 
DPN N   CA   sing N N 145 
DPN N   H    sing N N 146 
DPN N   H2   sing N N 147 
DPN CA  C    sing N N 148 
DPN CA  CB   sing N N 149 
DPN CA  HA   sing N N 150 
DPN C   O    doub N N 151 
DPN C   OXT  sing N N 152 
DPN OXT HXT  sing N N 153 
DPN CB  CG   sing N N 154 
DPN CB  HB2  sing N N 155 
DPN CB  HB3  sing N N 156 
DPN CG  CD1  doub Y N 157 
DPN CG  CD2  sing Y N 158 
DPN CD1 CE1  sing Y N 159 
DPN CD1 HD1  sing N N 160 
DPN CD2 CE2  doub Y N 161 
DPN CD2 HD2  sing N N 162 
DPN CE1 CZ   doub Y N 163 
DPN CE1 HE1  sing N N 164 
DPN CE2 CZ   sing Y N 165 
DPN CE2 HE2  sing N N 166 
DPN CZ  HZ   sing N N 167 
DSE N   CA   sing N N 168 
DSE N   CN   sing N N 169 
DSE N   H    sing N N 170 
DSE CA  C    sing N N 171 
DSE CA  CB   sing N N 172 
DSE CA  HA   sing N N 173 
DSE C   O    doub N N 174 
DSE C   OXT  sing N N 175 
DSE OXT HXT  sing N N 176 
DSE CB  OG   sing N N 177 
DSE CB  HB2  sing N N 178 
DSE CB  HB3  sing N N 179 
DSE CN  HN1  sing N N 180 
DSE CN  HN2  sing N N 181 
DSE CN  HN3  sing N N 182 
DSE OG  HG   sing N N 183 
DSG N   CA   sing N N 184 
DSG N   H    sing N N 185 
DSG N   H2   sing N N 186 
DSG CA  C    sing N N 187 
DSG CA  CB   sing N N 188 
DSG CA  HA   sing N N 189 
DSG C   O    doub N N 190 
DSG C   OXT  sing N N 191 
DSG CB  CG   sing N N 192 
DSG CB  HB2  sing N N 193 
DSG CB  HB3  sing N N 194 
DSG CG  OD1  doub N N 195 
DSG CG  ND2  sing N N 196 
DSG ND2 HD21 sing N N 197 
DSG ND2 HD22 sing N N 198 
DSG OXT HXT  sing N N 199 
DVA N   CA   sing N N 200 
DVA N   H    sing N N 201 
DVA N   H2   sing N N 202 
DVA CA  CB   sing N N 203 
DVA CA  C    sing N N 204 
DVA CA  HA   sing N N 205 
DVA CB  CG1  sing N N 206 
DVA CB  CG2  sing N N 207 
DVA CB  HB   sing N N 208 
DVA CG1 HG11 sing N N 209 
DVA CG1 HG12 sing N N 210 
DVA CG1 HG13 sing N N 211 
DVA CG2 HG21 sing N N 212 
DVA CG2 HG22 sing N N 213 
DVA CG2 HG23 sing N N 214 
DVA C   O    doub N N 215 
DVA C   OXT  sing N N 216 
DVA OXT HXT  sing N N 217 
GLU N   CA   sing N N 218 
GLU N   H    sing N N 219 
GLU N   H2   sing N N 220 
GLU CA  C    sing N N 221 
GLU CA  CB   sing N N 222 
GLU CA  HA   sing N N 223 
GLU C   O    doub N N 224 
GLU C   OXT  sing N N 225 
GLU CB  CG   sing N N 226 
GLU CB  HB2  sing N N 227 
GLU CB  HB3  sing N N 228 
GLU CG  CD   sing N N 229 
GLU CG  HG2  sing N N 230 
GLU CG  HG3  sing N N 231 
GLU CD  OE1  doub N N 232 
GLU CD  OE2  sing N N 233 
GLU OE2 HE2  sing N N 234 
GLU OXT HXT  sing N N 235 
GLY N   CA   sing N N 236 
GLY N   H    sing N N 237 
GLY N   H2   sing N N 238 
GLY CA  C    sing N N 239 
GLY CA  HA2  sing N N 240 
GLY CA  HA3  sing N N 241 
GLY C   O    doub N N 242 
GLY C   OXT  sing N N 243 
GLY OXT HXT  sing N N 244 
HIS N   CA   sing N N 245 
HIS N   H    sing N N 246 
HIS N   H2   sing N N 247 
HIS CA  C    sing N N 248 
HIS CA  CB   sing N N 249 
HIS CA  HA   sing N N 250 
HIS C   O    doub N N 251 
HIS C   OXT  sing N N 252 
HIS CB  CG   sing N N 253 
HIS CB  HB2  sing N N 254 
HIS CB  HB3  sing N N 255 
HIS CG  ND1  sing Y N 256 
HIS CG  CD2  doub Y N 257 
HIS ND1 CE1  doub Y N 258 
HIS ND1 HD1  sing N N 259 
HIS CD2 NE2  sing Y N 260 
HIS CD2 HD2  sing N N 261 
HIS CE1 NE2  sing Y N 262 
HIS CE1 HE1  sing N N 263 
HIS NE2 HE2  sing N N 264 
HIS OXT HXT  sing N N 265 
HOH O   H1   sing N N 266 
HOH O   H2   sing N N 267 
ILE N   CA   sing N N 268 
ILE N   H    sing N N 269 
ILE N   H2   sing N N 270 
ILE CA  C    sing N N 271 
ILE CA  CB   sing N N 272 
ILE CA  HA   sing N N 273 
ILE C   O    doub N N 274 
ILE C   OXT  sing N N 275 
ILE CB  CG1  sing N N 276 
ILE CB  CG2  sing N N 277 
ILE CB  HB   sing N N 278 
ILE CG1 CD1  sing N N 279 
ILE CG1 HG12 sing N N 280 
ILE CG1 HG13 sing N N 281 
ILE CG2 HG21 sing N N 282 
ILE CG2 HG22 sing N N 283 
ILE CG2 HG23 sing N N 284 
ILE CD1 HD11 sing N N 285 
ILE CD1 HD12 sing N N 286 
ILE CD1 HD13 sing N N 287 
ILE OXT HXT  sing N N 288 
LEU N   CA   sing N N 289 
LEU N   H    sing N N 290 
LEU N   H2   sing N N 291 
LEU CA  C    sing N N 292 
LEU CA  CB   sing N N 293 
LEU CA  HA   sing N N 294 
LEU C   O    doub N N 295 
LEU C   OXT  sing N N 296 
LEU CB  CG   sing N N 297 
LEU CB  HB2  sing N N 298 
LEU CB  HB3  sing N N 299 
LEU CG  CD1  sing N N 300 
LEU CG  CD2  sing N N 301 
LEU CG  HG   sing N N 302 
LEU CD1 HD11 sing N N 303 
LEU CD1 HD12 sing N N 304 
LEU CD1 HD13 sing N N 305 
LEU CD2 HD21 sing N N 306 
LEU CD2 HD22 sing N N 307 
LEU CD2 HD23 sing N N 308 
LEU OXT HXT  sing N N 309 
LYS N   CA   sing N N 310 
LYS N   H    sing N N 311 
LYS N   H2   sing N N 312 
LYS CA  C    sing N N 313 
LYS CA  CB   sing N N 314 
LYS CA  HA   sing N N 315 
LYS C   O    doub N N 316 
LYS C   OXT  sing N N 317 
LYS CB  CG   sing N N 318 
LYS CB  HB2  sing N N 319 
LYS CB  HB3  sing N N 320 
LYS CG  CD   sing N N 321 
LYS CG  HG2  sing N N 322 
LYS CG  HG3  sing N N 323 
LYS CD  CE   sing N N 324 
LYS CD  HD2  sing N N 325 
LYS CD  HD3  sing N N 326 
LYS CE  NZ   sing N N 327 
LYS CE  HE2  sing N N 328 
LYS CE  HE3  sing N N 329 
LYS NZ  HZ1  sing N N 330 
LYS NZ  HZ2  sing N N 331 
LYS NZ  HZ3  sing N N 332 
LYS OXT HXT  sing N N 333 
MED N   CA   sing N N 334 
MED N   H    sing N N 335 
MED N   H2   sing N N 336 
MED CA  C    sing N N 337 
MED CA  CB   sing N N 338 
MED CA  HA   sing N N 339 
MED C   O    doub N N 340 
MED C   OXT  sing N N 341 
MED CB  CG   sing N N 342 
MED CB  HB2  sing N N 343 
MED CB  HB3  sing N N 344 
MED CG  SD   sing N N 345 
MED CG  HG2  sing N N 346 
MED CG  HG3  sing N N 347 
MED SD  CE   sing N N 348 
MED CE  HE1  sing N N 349 
MED CE  HE2  sing N N 350 
MED CE  HE3  sing N N 351 
MED OXT HXT  sing N N 352 
MET N   CA   sing N N 353 
MET N   H    sing N N 354 
MET N   H2   sing N N 355 
MET CA  C    sing N N 356 
MET CA  CB   sing N N 357 
MET CA  HA   sing N N 358 
MET C   O    doub N N 359 
MET C   OXT  sing N N 360 
MET CB  CG   sing N N 361 
MET CB  HB2  sing N N 362 
MET CB  HB3  sing N N 363 
MET CG  SD   sing N N 364 
MET CG  HG2  sing N N 365 
MET CG  HG3  sing N N 366 
MET SD  CE   sing N N 367 
MET CE  HE1  sing N N 368 
MET CE  HE2  sing N N 369 
MET CE  HE3  sing N N 370 
MET OXT HXT  sing N N 371 
PHE N   CA   sing N N 372 
PHE N   H    sing N N 373 
PHE N   H2   sing N N 374 
PHE CA  C    sing N N 375 
PHE CA  CB   sing N N 376 
PHE CA  HA   sing N N 377 
PHE C   O    doub N N 378 
PHE C   OXT  sing N N 379 
PHE CB  CG   sing N N 380 
PHE CB  HB2  sing N N 381 
PHE CB  HB3  sing N N 382 
PHE CG  CD1  doub Y N 383 
PHE CG  CD2  sing Y N 384 
PHE CD1 CE1  sing Y N 385 
PHE CD1 HD1  sing N N 386 
PHE CD2 CE2  doub Y N 387 
PHE CD2 HD2  sing N N 388 
PHE CE1 CZ   doub Y N 389 
PHE CE1 HE1  sing N N 390 
PHE CE2 CZ   sing Y N 391 
PHE CE2 HE2  sing N N 392 
PHE CZ  HZ   sing N N 393 
PHE OXT HXT  sing N N 394 
SER N   CA   sing N N 395 
SER N   H    sing N N 396 
SER N   H2   sing N N 397 
SER CA  C    sing N N 398 
SER CA  CB   sing N N 399 
SER CA  HA   sing N N 400 
SER C   O    doub N N 401 
SER C   OXT  sing N N 402 
SER CB  OG   sing N N 403 
SER CB  HB2  sing N N 404 
SER CB  HB3  sing N N 405 
SER OG  HG   sing N N 406 
SER OXT HXT  sing N N 407 
VAL N   CA   sing N N 408 
VAL N   H    sing N N 409 
VAL N   H2   sing N N 410 
VAL CA  C    sing N N 411 
VAL CA  CB   sing N N 412 
VAL CA  HA   sing N N 413 
VAL C   O    doub N N 414 
VAL C   OXT  sing N N 415 
VAL CB  CG1  sing N N 416 
VAL CB  CG2  sing N N 417 
VAL CB  HB   sing N N 418 
VAL CG1 HG11 sing N N 419 
VAL CG1 HG12 sing N N 420 
VAL CG1 HG13 sing N N 421 
VAL CG2 HG21 sing N N 422 
VAL CG2 HG22 sing N N 423 
VAL CG2 HG23 sing N N 424 
VAL OXT HXT  sing N N 425 
XCP N   H    sing N N 426 
XCP N   H2   sing N N 427 
XCP CB  N    sing N N 428 
XCP CB  CG   sing N N 429 
XCP CG  HGA  sing N N 430 
XCP CD  CG   sing N N 431 
XCP CD  HD   sing N N 432 
XCP CE  CD   sing N N 433 
XCP CE  CA   sing N N 434 
XCP CE  HE   sing N N 435 
XCP CA  CB   sing N N 436 
XCP CA  HA   sing N N 437 
XCP C   CA   sing N N 438 
XCP C   OXT  sing N N 439 
XCP O   C    doub N N 440 
XCP HB  CB   sing N N 441 
XCP HG  CG   sing N N 442 
XCP HDA CD   sing N N 443 
XCP HEA CE   sing N N 444 
XCP OXT HXT  sing N N 445 
# 
_pdbx_audit_support.funding_organization   
'National Institutes of Health/National Institute of General Medical Sciences (NIH/NIGMS)' 
_pdbx_audit_support.country                'United States' 
_pdbx_audit_support.grant_number           'R01 GM061238' 
_pdbx_audit_support.ordinal                1 
# 
_pdbx_entity_nonpoly.entity_id   3 
_pdbx_entity_nonpoly.name        water 
_pdbx_entity_nonpoly.comp_id     HOH 
# 
_pdbx_initial_refinement_model.id               1 
_pdbx_initial_refinement_model.entity_id_list   ? 
_pdbx_initial_refinement_model.type             'experimental model' 
_pdbx_initial_refinement_model.source_name      PDB 
_pdbx_initial_refinement_model.accession_code   4MGP 
_pdbx_initial_refinement_model.details          ? 
# 
